data_3JTZ
# 
_entry.id   3JTZ 
# 
_audit_conform.dict_name       mmcif_pdbx.dic 
_audit_conform.dict_version    5.388 
_audit_conform.dict_location   http://mmcif.pdb.org/dictionaries/ascii/mmcif_pdbx.dic 
# 
loop_
_database_2.database_id 
_database_2.database_code 
_database_2.pdbx_database_accession 
_database_2.pdbx_DOI 
PDB   3JTZ         pdb_00003jtz 10.2210/pdb3jtz/pdb 
RCSB  RCSB055156   ?            ?                   
WWPDB D_1000055156 ?            ?                   
# 
loop_
_pdbx_audit_revision_history.ordinal 
_pdbx_audit_revision_history.data_content_type 
_pdbx_audit_revision_history.major_revision 
_pdbx_audit_revision_history.minor_revision 
_pdbx_audit_revision_history.revision_date 
1 'Structure model' 1 0 2009-10-06 
2 'Structure model' 1 1 2011-07-13 
3 'Structure model' 1 2 2013-01-16 
4 'Structure model' 1 3 2017-11-01 
5 'Structure model' 1 4 2024-03-20 
# 
_pdbx_audit_revision_details.ordinal             1 
_pdbx_audit_revision_details.revision_ordinal    1 
_pdbx_audit_revision_details.data_content_type   'Structure model' 
_pdbx_audit_revision_details.provider            repository 
_pdbx_audit_revision_details.type                'Initial release' 
_pdbx_audit_revision_details.description         ? 
_pdbx_audit_revision_details.details             ? 
# 
loop_
_pdbx_audit_revision_group.ordinal 
_pdbx_audit_revision_group.revision_ordinal 
_pdbx_audit_revision_group.data_content_type 
_pdbx_audit_revision_group.group 
1 2 'Structure model' 'Version format compliance' 
2 3 'Structure model' 'Database references'       
3 4 'Structure model' Advisory                    
4 4 'Structure model' 'Refinement description'    
5 5 'Structure model' Advisory                    
6 5 'Structure model' 'Data collection'           
7 5 'Structure model' 'Database references'       
8 5 'Structure model' 'Derived calculations'      
# 
loop_
_pdbx_audit_revision_category.ordinal 
_pdbx_audit_revision_category.revision_ordinal 
_pdbx_audit_revision_category.data_content_type 
_pdbx_audit_revision_category.category 
1 4 'Structure model' pdbx_unobs_or_zero_occ_atoms 
2 4 'Structure model' software                     
3 5 'Structure model' chem_comp_atom               
4 5 'Structure model' chem_comp_bond               
5 5 'Structure model' database_2                   
6 5 'Structure model' pdbx_unobs_or_zero_occ_atoms 
7 5 'Structure model' struct_ref_seq_dif           
8 5 'Structure model' struct_site                  
# 
loop_
_pdbx_audit_revision_item.ordinal 
_pdbx_audit_revision_item.revision_ordinal 
_pdbx_audit_revision_item.data_content_type 
_pdbx_audit_revision_item.item 
1 4 'Structure model' '_software.name'                      
2 5 'Structure model' '_database_2.pdbx_DOI'                
3 5 'Structure model' '_database_2.pdbx_database_accession' 
4 5 'Structure model' '_struct_ref_seq_dif.details'         
5 5 'Structure model' '_struct_site.pdbx_auth_asym_id'      
6 5 'Structure model' '_struct_site.pdbx_auth_comp_id'      
7 5 'Structure model' '_struct_site.pdbx_auth_seq_id'       
# 
_pdbx_database_status.status_code                     REL 
_pdbx_database_status.entry_id                        3JTZ 
_pdbx_database_status.recvd_initial_deposition_date   2009-09-14 
_pdbx_database_status.deposit_site                    RCSB 
_pdbx_database_status.process_site                    PDBJ 
_pdbx_database_status.status_code_sf                  REL 
_pdbx_database_status.status_code_mr                  ? 
_pdbx_database_status.SG_entry                        ? 
_pdbx_database_status.status_code_cs                  ? 
_pdbx_database_status.methods_development_category    ? 
_pdbx_database_status.pdb_format_compatible           Y 
_pdbx_database_status.status_code_nmr_data            ? 
# 
_pdbx_database_related.db_name        PDB 
_pdbx_database_related.db_id          3JU0 
_pdbx_database_related.details        . 
_pdbx_database_related.content_type   unspecified 
# 
loop_
_audit_author.name 
_audit_author.pdbx_ordinal 
'Szwagierczak, A.' 1 
'Antonenka, U.'    2 
'Popowicz, G.M.'   3 
'Sitar, T.'        4 
'Holak, T.A.'      5 
'Rakin, A.'        6 
# 
_citation.id                        primary 
_citation.title                     'Structures of the arm-type binding domains of HPI and HAI7 integrases' 
_citation.journal_abbrev            J.Biol.Chem. 
_citation.journal_volume            284 
_citation.page_first                31664 
_citation.page_last                 31671 
_citation.year                      2009 
_citation.journal_id_ASTM           JBCHA3 
_citation.country                   US 
_citation.journal_id_ISSN           0021-9258 
_citation.journal_id_CSD            0071 
_citation.book_publisher            ? 
_citation.pdbx_database_id_PubMed   19737930 
_citation.pdbx_database_id_DOI      10.1074/jbc.M109.059261 
# 
loop_
_citation_author.citation_id 
_citation_author.name 
_citation_author.ordinal 
_citation_author.identifier_ORCID 
primary 'Szwagierczak, A.' 1 ? 
primary 'Antonenka, U.'    2 ? 
primary 'Popowicz, G.M.'   3 ? 
primary 'Sitar, T.'        4 ? 
primary 'Holak, T.A.'      5 ? 
primary 'Rakin, A.'        6 ? 
# 
loop_
_entity.id 
_entity.type 
_entity.src_method 
_entity.pdbx_description 
_entity.formula_weight 
_entity.pdbx_number_of_molecules 
_entity.pdbx_ec 
_entity.pdbx_mutation 
_entity.pdbx_fragment 
_entity.details 
1 polymer     man Integrase    10102.696 1   ? ? 'Arm-type binding domain, UNP residues 1-80' ? 
2 non-polymer syn 'SODIUM ION' 22.990    1   ? ? ?                                            ? 
3 water       nat water        18.015    125 ? ? ?                                            ? 
# 
_entity_name_com.entity_id   1 
_entity_name_com.name        'CP4-like integrase, Int protein, Putative prophage integrase' 
# 
_entity_poly.entity_id                      1 
_entity_poly.type                           'polypeptide(L)' 
_entity_poly.nstd_linkage                   no 
_entity_poly.nstd_monomer                   no 
_entity_poly.pdbx_seq_one_letter_code       
;MSLTDAKIRTLKPSDKPFKVSDSHGLYLLVKPGGSRHWYLKYRISGKESRIALGAYPAISLSDARQQREGIRKMLALNIN
LEHHHHHH
;
_entity_poly.pdbx_seq_one_letter_code_can   
;MSLTDAKIRTLKPSDKPFKVSDSHGLYLLVKPGGSRHWYLKYRISGKESRIALGAYPAISLSDARQQREGIRKMLALNIN
LEHHHHHH
;
_entity_poly.pdbx_strand_id                 A 
_entity_poly.pdbx_target_identifier         ? 
# 
loop_
_pdbx_entity_nonpoly.entity_id 
_pdbx_entity_nonpoly.name 
_pdbx_entity_nonpoly.comp_id 
2 'SODIUM ION' NA  
3 water        HOH 
# 
loop_
_entity_poly_seq.entity_id 
_entity_poly_seq.num 
_entity_poly_seq.mon_id 
_entity_poly_seq.hetero 
1 1  MET n 
1 2  SER n 
1 3  LEU n 
1 4  THR n 
1 5  ASP n 
1 6  ALA n 
1 7  LYS n 
1 8  ILE n 
1 9  ARG n 
1 10 THR n 
1 11 LEU n 
1 12 LYS n 
1 13 PRO n 
1 14 SER n 
1 15 ASP n 
1 16 LYS n 
1 17 PRO n 
1 18 PHE n 
1 19 LYS n 
1 20 VAL n 
1 21 SER n 
1 22 ASP n 
1 23 SER n 
1 24 HIS n 
1 25 GLY n 
1 26 LEU n 
1 27 TYR n 
1 28 LEU n 
1 29 LEU n 
1 30 VAL n 
1 31 LYS n 
1 32 PRO n 
1 33 GLY n 
1 34 GLY n 
1 35 SER n 
1 36 ARG n 
1 37 HIS n 
1 38 TRP n 
1 39 TYR n 
1 40 LEU n 
1 41 LYS n 
1 42 TYR n 
1 43 ARG n 
1 44 ILE n 
1 45 SER n 
1 46 GLY n 
1 47 LYS n 
1 48 GLU n 
1 49 SER n 
1 50 ARG n 
1 51 ILE n 
1 52 ALA n 
1 53 LEU n 
1 54 GLY n 
1 55 ALA n 
1 56 TYR n 
1 57 PRO n 
1 58 ALA n 
1 59 ILE n 
1 60 SER n 
1 61 LEU n 
1 62 SER n 
1 63 ASP n 
1 64 ALA n 
1 65 ARG n 
1 66 GLN n 
1 67 GLN n 
1 68 ARG n 
1 69 GLU n 
1 70 GLY n 
1 71 ILE n 
1 72 ARG n 
1 73 LYS n 
1 74 MET n 
1 75 LEU n 
1 76 ALA n 
1 77 LEU n 
1 78 ASN n 
1 79 ILE n 
1 80 ASN n 
1 81 LEU n 
1 82 GLU n 
1 83 HIS n 
1 84 HIS n 
1 85 HIS n 
1 86 HIS n 
1 87 HIS n 
1 88 HIS n 
# 
_entity_src_gen.entity_id                          1 
_entity_src_gen.pdbx_src_id                        1 
_entity_src_gen.pdbx_alt_source_flag               sample 
_entity_src_gen.pdbx_seq_type                      ? 
_entity_src_gen.pdbx_beg_seq_num                   ? 
_entity_src_gen.pdbx_end_seq_num                   ? 
_entity_src_gen.gene_src_common_name               ? 
_entity_src_gen.gene_src_genus                     ? 
_entity_src_gen.pdbx_gene_src_gene                 'int, int2' 
_entity_src_gen.gene_src_species                   ? 
_entity_src_gen.gene_src_strain                    ? 
_entity_src_gen.gene_src_tissue                    ? 
_entity_src_gen.gene_src_tissue_fraction           ? 
_entity_src_gen.gene_src_details                   ? 
_entity_src_gen.pdbx_gene_src_fragment             ? 
_entity_src_gen.pdbx_gene_src_scientific_name      'Yersinia pestis' 
_entity_src_gen.pdbx_gene_src_ncbi_taxonomy_id     632 
_entity_src_gen.pdbx_gene_src_variant              ? 
_entity_src_gen.pdbx_gene_src_cell_line            ? 
_entity_src_gen.pdbx_gene_src_atcc                 ? 
_entity_src_gen.pdbx_gene_src_organ                ? 
_entity_src_gen.pdbx_gene_src_organelle            ? 
_entity_src_gen.pdbx_gene_src_cell                 ? 
_entity_src_gen.pdbx_gene_src_cellular_location    ? 
_entity_src_gen.host_org_common_name               ? 
_entity_src_gen.pdbx_host_org_scientific_name      'Escherichia coli' 
_entity_src_gen.pdbx_host_org_ncbi_taxonomy_id     562 
_entity_src_gen.host_org_genus                     ? 
_entity_src_gen.pdbx_host_org_gene                 ? 
_entity_src_gen.pdbx_host_org_organ                ? 
_entity_src_gen.host_org_species                   ? 
_entity_src_gen.pdbx_host_org_tissue               ? 
_entity_src_gen.pdbx_host_org_tissue_fraction      ? 
_entity_src_gen.pdbx_host_org_strain               'BL21(DE3)' 
_entity_src_gen.pdbx_host_org_variant              ? 
_entity_src_gen.pdbx_host_org_cell_line            ? 
_entity_src_gen.pdbx_host_org_atcc                 ? 
_entity_src_gen.pdbx_host_org_culture_collection   ? 
_entity_src_gen.pdbx_host_org_cell                 ? 
_entity_src_gen.pdbx_host_org_organelle            ? 
_entity_src_gen.pdbx_host_org_cellular_location    ? 
_entity_src_gen.pdbx_host_org_vector_type          plasmid 
_entity_src_gen.pdbx_host_org_vector               ? 
_entity_src_gen.host_org_details                   ? 
_entity_src_gen.expression_system_id               ? 
_entity_src_gen.plasmid_name                       pET21 
_entity_src_gen.plasmid_details                    ? 
_entity_src_gen.pdbx_description                   ? 
# 
loop_
_chem_comp.id 
_chem_comp.type 
_chem_comp.mon_nstd_flag 
_chem_comp.name 
_chem_comp.pdbx_synonyms 
_chem_comp.formula 
_chem_comp.formula_weight 
ALA 'L-peptide linking' y ALANINE         ? 'C3 H7 N O2'     89.093  
ARG 'L-peptide linking' y ARGININE        ? 'C6 H15 N4 O2 1' 175.209 
ASN 'L-peptide linking' y ASPARAGINE      ? 'C4 H8 N2 O3'    132.118 
ASP 'L-peptide linking' y 'ASPARTIC ACID' ? 'C4 H7 N O4'     133.103 
GLN 'L-peptide linking' y GLUTAMINE       ? 'C5 H10 N2 O3'   146.144 
GLU 'L-peptide linking' y 'GLUTAMIC ACID' ? 'C5 H9 N O4'     147.129 
GLY 'peptide linking'   y GLYCINE         ? 'C2 H5 N O2'     75.067  
HIS 'L-peptide linking' y HISTIDINE       ? 'C6 H10 N3 O2 1' 156.162 
HOH non-polymer         . WATER           ? 'H2 O'           18.015  
ILE 'L-peptide linking' y ISOLEUCINE      ? 'C6 H13 N O2'    131.173 
LEU 'L-peptide linking' y LEUCINE         ? 'C6 H13 N O2'    131.173 
LYS 'L-peptide linking' y LYSINE          ? 'C6 H15 N2 O2 1' 147.195 
MET 'L-peptide linking' y METHIONINE      ? 'C5 H11 N O2 S'  149.211 
NA  non-polymer         . 'SODIUM ION'    ? 'Na 1'           22.990  
PHE 'L-peptide linking' y PHENYLALANINE   ? 'C9 H11 N O2'    165.189 
PRO 'L-peptide linking' y PROLINE         ? 'C5 H9 N O2'     115.130 
SER 'L-peptide linking' y SERINE          ? 'C3 H7 N O3'     105.093 
THR 'L-peptide linking' y THREONINE       ? 'C4 H9 N O3'     119.119 
TRP 'L-peptide linking' y TRYPTOPHAN      ? 'C11 H12 N2 O2'  204.225 
TYR 'L-peptide linking' y TYROSINE        ? 'C9 H11 N O3'    181.189 
VAL 'L-peptide linking' y VALINE          ? 'C5 H11 N O2'    117.146 
# 
loop_
_pdbx_poly_seq_scheme.asym_id 
_pdbx_poly_seq_scheme.entity_id 
_pdbx_poly_seq_scheme.seq_id 
_pdbx_poly_seq_scheme.mon_id 
_pdbx_poly_seq_scheme.ndb_seq_num 
_pdbx_poly_seq_scheme.pdb_seq_num 
_pdbx_poly_seq_scheme.auth_seq_num 
_pdbx_poly_seq_scheme.pdb_mon_id 
_pdbx_poly_seq_scheme.auth_mon_id 
_pdbx_poly_seq_scheme.pdb_strand_id 
_pdbx_poly_seq_scheme.pdb_ins_code 
_pdbx_poly_seq_scheme.hetero 
A 1 1  MET 1  1  ?  ?   ?   A . n 
A 1 2  SER 2  2  2  SER SER A . n 
A 1 3  LEU 3  3  3  LEU LEU A . n 
A 1 4  THR 4  4  4  THR THR A . n 
A 1 5  ASP 5  5  5  ASP ASP A . n 
A 1 6  ALA 6  6  6  ALA ALA A . n 
A 1 7  LYS 7  7  7  LYS LYS A . n 
A 1 8  ILE 8  8  8  ILE ILE A . n 
A 1 9  ARG 9  9  9  ARG ARG A . n 
A 1 10 THR 10 10 10 THR THR A . n 
A 1 11 LEU 11 11 11 LEU LEU A . n 
A 1 12 LYS 12 12 12 LYS LYS A . n 
A 1 13 PRO 13 13 13 PRO PRO A . n 
A 1 14 SER 14 14 14 SER SER A . n 
A 1 15 ASP 15 15 15 ASP ASP A . n 
A 1 16 LYS 16 16 16 LYS LYS A . n 
A 1 17 PRO 17 17 17 PRO PRO A . n 
A 1 18 PHE 18 18 18 PHE PHE A . n 
A 1 19 LYS 19 19 19 LYS LYS A . n 
A 1 20 VAL 20 20 20 VAL VAL A . n 
A 1 21 SER 21 21 21 SER SER A . n 
A 1 22 ASP 22 22 22 ASP ASP A . n 
A 1 23 SER 23 23 23 SER SER A . n 
A 1 24 HIS 24 24 24 HIS HIS A . n 
A 1 25 GLY 25 25 25 GLY GLY A . n 
A 1 26 LEU 26 26 26 LEU LEU A . n 
A 1 27 TYR 27 27 27 TYR TYR A . n 
A 1 28 LEU 28 28 28 LEU LEU A . n 
A 1 29 LEU 29 29 29 LEU LEU A . n 
A 1 30 VAL 30 30 30 VAL VAL A . n 
A 1 31 LYS 31 31 31 LYS LYS A . n 
A 1 32 PRO 32 32 32 PRO PRO A . n 
A 1 33 GLY 33 33 33 GLY GLY A . n 
A 1 34 GLY 34 34 34 GLY GLY A . n 
A 1 35 SER 35 35 35 SER SER A . n 
A 1 36 ARG 36 36 36 ARG ARG A . n 
A 1 37 HIS 37 37 37 HIS HIS A . n 
A 1 38 TRP 38 38 38 TRP TRP A . n 
A 1 39 TYR 39 39 39 TYR TYR A . n 
A 1 40 LEU 40 40 40 LEU LEU A . n 
A 1 41 LYS 41 41 41 LYS LYS A . n 
A 1 42 TYR 42 42 42 TYR TYR A . n 
A 1 43 ARG 43 43 43 ARG ARG A . n 
A 1 44 ILE 44 44 44 ILE ILE A . n 
A 1 45 SER 45 45 45 SER SER A . n 
A 1 46 GLY 46 46 46 GLY GLY A . n 
A 1 47 LYS 47 47 47 LYS LYS A . n 
A 1 48 GLU 48 48 48 GLU GLU A . n 
A 1 49 SER 49 49 49 SER SER A . n 
A 1 50 ARG 50 50 50 ARG ARG A . n 
A 1 51 ILE 51 51 51 ILE ILE A . n 
A 1 52 ALA 52 52 52 ALA ALA A . n 
A 1 53 LEU 53 53 53 LEU LEU A . n 
A 1 54 GLY 54 54 54 GLY GLY A . n 
A 1 55 ALA 55 55 55 ALA ALA A . n 
A 1 56 TYR 56 56 56 TYR TYR A . n 
A 1 57 PRO 57 57 57 PRO PRO A . n 
A 1 58 ALA 58 58 58 ALA ALA A . n 
A 1 59 ILE 59 59 59 ILE ILE A . n 
A 1 60 SER 60 60 60 SER SER A . n 
A 1 61 LEU 61 61 61 LEU LEU A . n 
A 1 62 SER 62 62 62 SER SER A . n 
A 1 63 ASP 63 63 63 ASP ASP A . n 
A 1 64 ALA 64 64 64 ALA ALA A . n 
A 1 65 ARG 65 65 65 ARG ARG A . n 
A 1 66 GLN 66 66 66 GLN GLN A . n 
A 1 67 GLN 67 67 67 GLN GLN A . n 
A 1 68 ARG 68 68 68 ARG ARG A . n 
A 1 69 GLU 69 69 69 GLU GLU A . n 
A 1 70 GLY 70 70 70 GLY GLY A . n 
A 1 71 ILE 71 71 71 ILE ILE A . n 
A 1 72 ARG 72 72 72 ARG ARG A . n 
A 1 73 LYS 73 73 73 LYS LYS A . n 
A 1 74 MET 74 74 74 MET MET A . n 
A 1 75 LEU 75 75 75 LEU LEU A . n 
A 1 76 ALA 76 76 76 ALA ALA A . n 
A 1 77 LEU 77 77 77 LEU LEU A . n 
A 1 78 ASN 78 78 78 ASN ASN A . n 
A 1 79 ILE 79 79 ?  ?   ?   A . n 
A 1 80 ASN 80 80 ?  ?   ?   A . n 
A 1 81 LEU 81 81 ?  ?   ?   A . n 
A 1 82 GLU 82 82 ?  ?   ?   A . n 
A 1 83 HIS 83 83 ?  ?   ?   A . n 
A 1 84 HIS 84 84 ?  ?   ?   A . n 
A 1 85 HIS 85 85 ?  ?   ?   A . n 
A 1 86 HIS 86 86 ?  ?   ?   A . n 
A 1 87 HIS 87 87 ?  ?   ?   A . n 
A 1 88 HIS 88 88 ?  ?   ?   A . n 
# 
loop_
_pdbx_nonpoly_scheme.asym_id 
_pdbx_nonpoly_scheme.entity_id 
_pdbx_nonpoly_scheme.mon_id 
_pdbx_nonpoly_scheme.ndb_seq_num 
_pdbx_nonpoly_scheme.pdb_seq_num 
_pdbx_nonpoly_scheme.auth_seq_num 
_pdbx_nonpoly_scheme.pdb_mon_id 
_pdbx_nonpoly_scheme.auth_mon_id 
_pdbx_nonpoly_scheme.pdb_strand_id 
_pdbx_nonpoly_scheme.pdb_ins_code 
B 2 NA  1   89  1   NA  NA  A . 
C 3 HOH 1   90  90  HOH HOH A . 
C 3 HOH 2   91  91  HOH HOH A . 
C 3 HOH 3   92  92  HOH HOH A . 
C 3 HOH 4   93  93  HOH HOH A . 
C 3 HOH 5   94  94  HOH HOH A . 
C 3 HOH 6   95  95  HOH HOH A . 
C 3 HOH 7   96  96  HOH HOH A . 
C 3 HOH 8   97  97  HOH HOH A . 
C 3 HOH 9   98  98  HOH HOH A . 
C 3 HOH 10  99  99  HOH HOH A . 
C 3 HOH 11  100 100 HOH HOH A . 
C 3 HOH 12  101 101 HOH HOH A . 
C 3 HOH 13  102 102 HOH HOH A . 
C 3 HOH 14  103 103 HOH HOH A . 
C 3 HOH 15  104 104 HOH HOH A . 
C 3 HOH 16  105 105 HOH HOH A . 
C 3 HOH 17  106 106 HOH HOH A . 
C 3 HOH 18  107 107 HOH HOH A . 
C 3 HOH 19  108 108 HOH HOH A . 
C 3 HOH 20  109 109 HOH HOH A . 
C 3 HOH 21  110 110 HOH HOH A . 
C 3 HOH 22  111 111 HOH HOH A . 
C 3 HOH 23  112 112 HOH HOH A . 
C 3 HOH 24  113 113 HOH HOH A . 
C 3 HOH 25  114 114 HOH HOH A . 
C 3 HOH 26  115 115 HOH HOH A . 
C 3 HOH 27  116 116 HOH HOH A . 
C 3 HOH 28  117 117 HOH HOH A . 
C 3 HOH 29  118 118 HOH HOH A . 
C 3 HOH 30  119 119 HOH HOH A . 
C 3 HOH 31  120 120 HOH HOH A . 
C 3 HOH 32  121 2   HOH HOH A . 
C 3 HOH 33  122 122 HOH HOH A . 
C 3 HOH 34  123 123 HOH HOH A . 
C 3 HOH 35  124 3   HOH HOH A . 
C 3 HOH 36  125 125 HOH HOH A . 
C 3 HOH 37  126 126 HOH HOH A . 
C 3 HOH 38  127 127 HOH HOH A . 
C 3 HOH 39  128 4   HOH HOH A . 
C 3 HOH 40  129 129 HOH HOH A . 
C 3 HOH 41  130 5   HOH HOH A . 
C 3 HOH 42  131 6   HOH HOH A . 
C 3 HOH 43  132 7   HOH HOH A . 
C 3 HOH 44  133 133 HOH HOH A . 
C 3 HOH 45  134 134 HOH HOH A . 
C 3 HOH 46  135 135 HOH HOH A . 
C 3 HOH 47  136 136 HOH HOH A . 
C 3 HOH 48  137 137 HOH HOH A . 
C 3 HOH 49  138 138 HOH HOH A . 
C 3 HOH 50  139 8   HOH HOH A . 
C 3 HOH 51  140 9   HOH HOH A . 
C 3 HOH 52  141 10  HOH HOH A . 
C 3 HOH 53  142 11  HOH HOH A . 
C 3 HOH 54  143 12  HOH HOH A . 
C 3 HOH 55  144 13  HOH HOH A . 
C 3 HOH 56  145 14  HOH HOH A . 
C 3 HOH 57  146 15  HOH HOH A . 
C 3 HOH 58  147 16  HOH HOH A . 
C 3 HOH 59  148 17  HOH HOH A . 
C 3 HOH 60  149 18  HOH HOH A . 
C 3 HOH 61  150 20  HOH HOH A . 
C 3 HOH 62  151 21  HOH HOH A . 
C 3 HOH 63  152 22  HOH HOH A . 
C 3 HOH 64  153 23  HOH HOH A . 
C 3 HOH 65  154 25  HOH HOH A . 
C 3 HOH 66  155 26  HOH HOH A . 
C 3 HOH 67  156 27  HOH HOH A . 
C 3 HOH 68  157 28  HOH HOH A . 
C 3 HOH 69  158 29  HOH HOH A . 
C 3 HOH 70  159 30  HOH HOH A . 
C 3 HOH 71  160 31  HOH HOH A . 
C 3 HOH 72  161 32  HOH HOH A . 
C 3 HOH 73  162 33  HOH HOH A . 
C 3 HOH 74  163 34  HOH HOH A . 
C 3 HOH 75  164 35  HOH HOH A . 
C 3 HOH 76  165 36  HOH HOH A . 
C 3 HOH 77  166 37  HOH HOH A . 
C 3 HOH 78  167 39  HOH HOH A . 
C 3 HOH 79  168 40  HOH HOH A . 
C 3 HOH 80  169 41  HOH HOH A . 
C 3 HOH 81  170 42  HOH HOH A . 
C 3 HOH 82  171 43  HOH HOH A . 
C 3 HOH 83  172 44  HOH HOH A . 
C 3 HOH 84  173 45  HOH HOH A . 
C 3 HOH 85  174 46  HOH HOH A . 
C 3 HOH 86  175 47  HOH HOH A . 
C 3 HOH 87  176 48  HOH HOH A . 
C 3 HOH 88  177 49  HOH HOH A . 
C 3 HOH 89  178 50  HOH HOH A . 
C 3 HOH 90  179 51  HOH HOH A . 
C 3 HOH 91  180 52  HOH HOH A . 
C 3 HOH 92  181 53  HOH HOH A . 
C 3 HOH 93  182 54  HOH HOH A . 
C 3 HOH 94  183 56  HOH HOH A . 
C 3 HOH 95  184 57  HOH HOH A . 
C 3 HOH 96  185 58  HOH HOH A . 
C 3 HOH 97  186 60  HOH HOH A . 
C 3 HOH 98  187 61  HOH HOH A . 
C 3 HOH 99  188 62  HOH HOH A . 
C 3 HOH 100 189 64  HOH HOH A . 
C 3 HOH 101 190 65  HOH HOH A . 
C 3 HOH 102 191 66  HOH HOH A . 
C 3 HOH 103 192 67  HOH HOH A . 
C 3 HOH 104 193 68  HOH HOH A . 
C 3 HOH 105 194 69  HOH HOH A . 
C 3 HOH 106 195 70  HOH HOH A . 
C 3 HOH 107 196 71  HOH HOH A . 
C 3 HOH 108 197 72  HOH HOH A . 
C 3 HOH 109 198 73  HOH HOH A . 
C 3 HOH 110 199 74  HOH HOH A . 
C 3 HOH 111 200 75  HOH HOH A . 
C 3 HOH 112 201 76  HOH HOH A . 
C 3 HOH 113 202 77  HOH HOH A . 
C 3 HOH 114 203 78  HOH HOH A . 
C 3 HOH 115 204 79  HOH HOH A . 
C 3 HOH 116 205 80  HOH HOH A . 
C 3 HOH 117 206 81  HOH HOH A . 
C 3 HOH 118 207 82  HOH HOH A . 
C 3 HOH 119 208 83  HOH HOH A . 
C 3 HOH 120 209 84  HOH HOH A . 
C 3 HOH 121 210 85  HOH HOH A . 
C 3 HOH 122 211 86  HOH HOH A . 
C 3 HOH 123 212 87  HOH HOH A . 
C 3 HOH 124 213 88  HOH HOH A . 
C 3 HOH 125 214 89  HOH HOH A . 
# 
loop_
_pdbx_unobs_or_zero_occ_atoms.id 
_pdbx_unobs_or_zero_occ_atoms.PDB_model_num 
_pdbx_unobs_or_zero_occ_atoms.polymer_flag 
_pdbx_unobs_or_zero_occ_atoms.occupancy_flag 
_pdbx_unobs_or_zero_occ_atoms.auth_asym_id 
_pdbx_unobs_or_zero_occ_atoms.auth_comp_id 
_pdbx_unobs_or_zero_occ_atoms.auth_seq_id 
_pdbx_unobs_or_zero_occ_atoms.PDB_ins_code 
_pdbx_unobs_or_zero_occ_atoms.auth_atom_id 
_pdbx_unobs_or_zero_occ_atoms.label_alt_id 
_pdbx_unobs_or_zero_occ_atoms.label_asym_id 
_pdbx_unobs_or_zero_occ_atoms.label_comp_id 
_pdbx_unobs_or_zero_occ_atoms.label_seq_id 
_pdbx_unobs_or_zero_occ_atoms.label_atom_id 
1 1 Y 1 A LYS 12 ? CD  ? A LYS 12 CD  
2 1 Y 1 A LYS 12 ? CE  ? A LYS 12 CE  
3 1 Y 1 A LYS 12 ? NZ  ? A LYS 12 NZ  
4 1 Y 1 A ARG 43 ? CZ  ? A ARG 43 CZ  
5 1 Y 1 A ARG 43 ? NH1 ? A ARG 43 NH1 
6 1 Y 1 A ARG 43 ? NH2 ? A ARG 43 NH2 
7 1 Y 0 A MET 74 ? CE  B A MET 74 CE  
# 
loop_
_software.name 
_software.classification 
_software.version 
_software.citation_id 
_software.pdbx_ordinal 
MAR345 'data collection' .        ? 1 
MOLREP phasing           .        ? 2 
REFMAC refinement        5.5.0066 ? 3 
XDS    'data reduction'  .        ? 4 
XSCALE 'data scaling'    .        ? 5 
# 
_cell.entry_id           3JTZ 
_cell.length_a           48.750 
_cell.length_b           48.750 
_cell.length_c           74.200 
_cell.angle_alpha        90.00 
_cell.angle_beta         90.00 
_cell.angle_gamma        90.00 
_cell.Z_PDB              8 
_cell.pdbx_unique_axis   ? 
_cell.length_a_esd       ? 
_cell.length_b_esd       ? 
_cell.length_c_esd       ? 
_cell.angle_alpha_esd    ? 
_cell.angle_beta_esd     ? 
_cell.angle_gamma_esd    ? 
# 
_symmetry.entry_id                         3JTZ 
_symmetry.space_group_name_H-M             'P 41 21 2' 
_symmetry.pdbx_full_space_group_name_H-M   ? 
_symmetry.cell_setting                     ? 
_symmetry.Int_Tables_number                92 
_symmetry.space_group_name_Hall            ? 
# 
_exptl.entry_id          3JTZ 
_exptl.method            'X-RAY DIFFRACTION' 
_exptl.crystals_number   1 
# 
_exptl_crystal.id                    1 
_exptl_crystal.density_meas          ? 
_exptl_crystal.density_Matthews      2.18 
_exptl_crystal.density_percent_sol   43.63 
_exptl_crystal.description           ? 
_exptl_crystal.F_000                 ? 
_exptl_crystal.preparation           ? 
# 
_exptl_crystal_grow.crystal_id      1 
_exptl_crystal_grow.method          'VAPOR DIFFUSION, SITTING DROP' 
_exptl_crystal_grow.temp            277 
_exptl_crystal_grow.temp_details    ? 
_exptl_crystal_grow.pH              5.6 
_exptl_crystal_grow.pdbx_details    
'0.1M tri-sodium citrate, pH5.6, 35% tert-butanol, VAPOR DIFFUSION, SITTING DROP, temperature 277K' 
_exptl_crystal_grow.pdbx_pH_range   . 
# 
_diffrn.id                     1 
_diffrn.ambient_temp           100 
_diffrn.ambient_temp_details   ? 
_diffrn.crystal_id             1 
# 
_diffrn_detector.diffrn_id              1 
_diffrn_detector.detector               CCD 
_diffrn_detector.type                   'MARMOSAIC 225 mm CCD' 
_diffrn_detector.pdbx_collection_date   2009-03-26 
_diffrn_detector.details                mirror 
# 
_diffrn_radiation.diffrn_id                        1 
_diffrn_radiation.wavelength_id                    1 
_diffrn_radiation.pdbx_monochromatic_or_laue_m_l   M 
_diffrn_radiation.monochromator                    diamond 
_diffrn_radiation.pdbx_diffrn_protocol             'SINGLE WAVELENGTH' 
_diffrn_radiation.pdbx_scattering_type             x-ray 
# 
_diffrn_radiation_wavelength.id           1 
_diffrn_radiation_wavelength.wavelength   0.9873 
_diffrn_radiation_wavelength.wt           1.0 
# 
_diffrn_source.diffrn_id                   1 
_diffrn_source.source                      SYNCHROTRON 
_diffrn_source.type                        'SLS BEAMLINE X10SA' 
_diffrn_source.pdbx_synchrotron_site       SLS 
_diffrn_source.pdbx_synchrotron_beamline   X10SA 
_diffrn_source.pdbx_wavelength             ? 
_diffrn_source.pdbx_wavelength_list        0.9873 
# 
_reflns.entry_id                     3JTZ 
_reflns.observed_criterion_sigma_I   2 
_reflns.observed_criterion_sigma_F   2 
_reflns.d_resolution_low             10.0 
_reflns.d_resolution_high            1.3 
_reflns.number_obs                   19463 
_reflns.number_all                   22769 
_reflns.percent_possible_obs         85 
_reflns.pdbx_Rmerge_I_obs            0.036 
_reflns.pdbx_Rsym_value              ? 
_reflns.pdbx_netI_over_sigmaI        29.07 
_reflns.B_iso_Wilson_estimate        ? 
_reflns.pdbx_redundancy              ? 
_reflns.R_free_details               ? 
_reflns.limit_h_max                  ? 
_reflns.limit_h_min                  ? 
_reflns.limit_k_max                  ? 
_reflns.limit_k_min                  ? 
_reflns.limit_l_max                  ? 
_reflns.limit_l_min                  ? 
_reflns.observed_criterion_F_max     ? 
_reflns.observed_criterion_F_min     ? 
_reflns.pdbx_chi_squared             ? 
_reflns.pdbx_scaling_rejects         ? 
_reflns.pdbx_ordinal                 1 
_reflns.pdbx_diffrn_id               1 
# 
_reflns_shell.d_res_high             1.3 
_reflns_shell.d_res_low              1.4 
_reflns_shell.percent_possible_all   65.5 
_reflns_shell.Rmerge_I_obs           0.103 
_reflns_shell.pdbx_Rsym_value        ? 
_reflns_shell.meanI_over_sigI_obs    8.98 
_reflns_shell.pdbx_redundancy        ? 
_reflns_shell.percent_possible_obs   ? 
_reflns_shell.number_unique_all      ? 
_reflns_shell.number_measured_all    ? 
_reflns_shell.number_measured_obs    ? 
_reflns_shell.number_unique_obs      ? 
_reflns_shell.pdbx_chi_squared       ? 
_reflns_shell.pdbx_ordinal           1 
_reflns_shell.pdbx_diffrn_id         1 
# 
_refine.entry_id                                 3JTZ 
_refine.ls_number_reflns_obs                     18404 
_refine.ls_number_reflns_all                     22769 
_refine.pdbx_ls_sigma_I                          ? 
_refine.pdbx_ls_sigma_F                          2 
_refine.pdbx_data_cutoff_high_absF               ? 
_refine.pdbx_data_cutoff_low_absF                ? 
_refine.pdbx_data_cutoff_high_rms_absF           ? 
_refine.ls_d_res_low                             10.00 
_refine.ls_d_res_high                            1.30 
_refine.ls_percent_reflns_obs                    85.35 
_refine.ls_R_factor_obs                          0.21380 
_refine.ls_R_factor_all                          ? 
_refine.ls_R_factor_R_work                       0.21250 
_refine.ls_R_factor_R_free                       0.23867 
_refine.ls_R_factor_R_free_error                 ? 
_refine.ls_R_factor_R_free_error_details         ? 
_refine.ls_percent_reflns_R_free                 5.0 
_refine.ls_number_reflns_R_free                  963 
_refine.ls_number_parameters                     ? 
_refine.ls_number_restraints                     ? 
_refine.occupancy_min                            ? 
_refine.occupancy_max                            ? 
_refine.correlation_coeff_Fo_to_Fc               0.948 
_refine.correlation_coeff_Fo_to_Fc_free          0.927 
_refine.B_iso_mean                               16.726 
_refine.aniso_B[1][1]                            -0.01 
_refine.aniso_B[2][2]                            -0.01 
_refine.aniso_B[3][3]                            0.02 
_refine.aniso_B[1][2]                            0.00 
_refine.aniso_B[1][3]                            0.00 
_refine.aniso_B[2][3]                            0.00 
_refine.solvent_model_details                    MASK 
_refine.solvent_model_param_ksol                 ? 
_refine.solvent_model_param_bsol                 ? 
_refine.pdbx_solvent_vdw_probe_radii             1.40 
_refine.pdbx_solvent_ion_probe_radii             0.80 
_refine.pdbx_solvent_shrinkage_radii             0.80 
_refine.pdbx_ls_cross_valid_method               THROUGHOUT 
_refine.details                                  'HYDROGENS HAVE BEEN ADDED IN THE RIDING POSITIONS' 
_refine.pdbx_starting_model                      ? 
_refine.pdbx_method_to_determine_struct          'MOLECULAR REPLACEMENT' 
_refine.pdbx_isotropic_thermal_model             ? 
_refine.pdbx_stereochemistry_target_values       'MAXIMUM LIKELIHOOD' 
_refine.pdbx_stereochem_target_val_spec_case     ? 
_refine.pdbx_R_Free_selection_details            RANDOM 
_refine.pdbx_overall_ESU_R                       0.064 
_refine.pdbx_overall_ESU_R_Free                  0.066 
_refine.overall_SU_ML                            0.038 
_refine.overall_SU_B                             0.854 
_refine.ls_redundancy_reflns_obs                 ? 
_refine.B_iso_min                                ? 
_refine.B_iso_max                                ? 
_refine.overall_SU_R_Cruickshank_DPI             ? 
_refine.overall_SU_R_free                        ? 
_refine.ls_wR_factor_R_free                      ? 
_refine.ls_wR_factor_R_work                      ? 
_refine.overall_FOM_free_R_set                   ? 
_refine.overall_FOM_work_R_set                   ? 
_refine.pdbx_refine_id                           'X-RAY DIFFRACTION' 
_refine.pdbx_overall_phase_error                 ? 
_refine.pdbx_diffrn_id                           1 
_refine.pdbx_TLS_residual_ADP_flag               ? 
_refine.pdbx_overall_SU_R_free_Cruickshank_DPI   ? 
_refine.pdbx_overall_SU_R_Blow_DPI               ? 
_refine.pdbx_overall_SU_R_free_Blow_DPI          ? 
# 
_refine_hist.pdbx_refine_id                   'X-RAY DIFFRACTION' 
_refine_hist.cycle_id                         LAST 
_refine_hist.pdbx_number_atoms_protein        604 
_refine_hist.pdbx_number_atoms_nucleic_acid   0 
_refine_hist.pdbx_number_atoms_ligand         1 
_refine_hist.number_atoms_solvent             125 
_refine_hist.number_atoms_total               730 
_refine_hist.d_res_high                       1.30 
_refine_hist.d_res_low                        10.00 
# 
loop_
_refine_ls_restr.type 
_refine_ls_restr.dev_ideal 
_refine_ls_restr.dev_ideal_target 
_refine_ls_restr.weight 
_refine_ls_restr.number 
_refine_ls_restr.pdbx_refine_id 
_refine_ls_restr.pdbx_restraint_function 
r_bond_refined_d             0.008  0.022  ? 617 'X-RAY DIFFRACTION' ? 
r_bond_other_d               ?      ?      ? ?   'X-RAY DIFFRACTION' ? 
r_angle_refined_deg          1.280  1.993  ? 828 'X-RAY DIFFRACTION' ? 
r_angle_other_deg            ?      ?      ? ?   'X-RAY DIFFRACTION' ? 
r_dihedral_angle_1_deg       5.692  5.000  ? 76  'X-RAY DIFFRACTION' ? 
r_dihedral_angle_2_deg       31.389 21.304 ? 23  'X-RAY DIFFRACTION' ? 
r_dihedral_angle_3_deg       10.596 15.000 ? 118 'X-RAY DIFFRACTION' ? 
r_dihedral_angle_4_deg       16.942 15.000 ? 6   'X-RAY DIFFRACTION' ? 
r_chiral_restr               0.079  0.200  ? 90  'X-RAY DIFFRACTION' ? 
r_gen_planes_refined         0.007  0.021  ? 447 'X-RAY DIFFRACTION' ? 
r_gen_planes_other           ?      ?      ? ?   'X-RAY DIFFRACTION' ? 
r_nbd_refined                ?      ?      ? ?   'X-RAY DIFFRACTION' ? 
r_nbd_other                  ?      ?      ? ?   'X-RAY DIFFRACTION' ? 
r_nbtor_refined              ?      ?      ? ?   'X-RAY DIFFRACTION' ? 
r_nbtor_other                ?      ?      ? ?   'X-RAY DIFFRACTION' ? 
r_xyhbond_nbd_refined        ?      ?      ? ?   'X-RAY DIFFRACTION' ? 
r_xyhbond_nbd_other          ?      ?      ? ?   'X-RAY DIFFRACTION' ? 
r_metal_ion_refined          ?      ?      ? ?   'X-RAY DIFFRACTION' ? 
r_metal_ion_other            ?      ?      ? ?   'X-RAY DIFFRACTION' ? 
r_symmetry_vdw_refined       ?      ?      ? ?   'X-RAY DIFFRACTION' ? 
r_symmetry_vdw_other         ?      ?      ? ?   'X-RAY DIFFRACTION' ? 
r_symmetry_hbond_refined     ?      ?      ? ?   'X-RAY DIFFRACTION' ? 
r_symmetry_hbond_other       ?      ?      ? ?   'X-RAY DIFFRACTION' ? 
r_symmetry_metal_ion_refined ?      ?      ? ?   'X-RAY DIFFRACTION' ? 
r_symmetry_metal_ion_other   ?      ?      ? ?   'X-RAY DIFFRACTION' ? 
r_mcbond_it                  0.805  1.500  ? 382 'X-RAY DIFFRACTION' ? 
r_mcbond_other               ?      ?      ? ?   'X-RAY DIFFRACTION' ? 
r_mcangle_it                 1.546  2.000  ? 610 'X-RAY DIFFRACTION' ? 
r_scbond_it                  2.151  3.000  ? 235 'X-RAY DIFFRACTION' ? 
r_scangle_it                 3.442  4.500  ? 218 'X-RAY DIFFRACTION' ? 
r_rigid_bond_restr           ?      ?      ? ?   'X-RAY DIFFRACTION' ? 
r_sphericity_free            ?      ?      ? ?   'X-RAY DIFFRACTION' ? 
r_sphericity_bonded          ?      ?      ? ?   'X-RAY DIFFRACTION' ? 
# 
_refine_ls_shell.pdbx_total_number_of_bins_used   20 
_refine_ls_shell.d_res_high                       1.300 
_refine_ls_shell.d_res_low                        1.333 
_refine_ls_shell.number_reflns_R_work             786 
_refine_ls_shell.R_factor_R_work                  0.226 
_refine_ls_shell.percent_reflns_obs               50.83 
_refine_ls_shell.R_factor_R_free                  0.199 
_refine_ls_shell.R_factor_R_free_error            ? 
_refine_ls_shell.percent_reflns_R_free            ? 
_refine_ls_shell.number_reflns_R_free             40 
_refine_ls_shell.number_reflns_all                ? 
_refine_ls_shell.R_factor_all                     ? 
_refine_ls_shell.number_reflns_obs                ? 
_refine_ls_shell.redundancy_reflns_obs            ? 
_refine_ls_shell.pdbx_refine_id                   'X-RAY DIFFRACTION' 
# 
_struct.entry_id                  3JTZ 
_struct.title                     'Structure of the arm-type binding domain of HPI integrase' 
_struct.pdbx_model_details        ? 
_struct.pdbx_CASP_flag            ? 
_struct.pdbx_model_type_details   ? 
# 
_struct_keywords.entry_id        3JTZ 
_struct_keywords.pdbx_keywords   'DNA BINDING PROTEIN' 
_struct_keywords.text            'four stranded beta-sheet, DNA BINDING PROTEIN' 
# 
loop_
_struct_asym.id 
_struct_asym.pdbx_blank_PDB_chainid_flag 
_struct_asym.pdbx_modified 
_struct_asym.entity_id 
_struct_asym.details 
A N N 1 ? 
B N N 2 ? 
C N N 3 ? 
# 
_struct_ref.id                         1 
_struct_ref.db_name                    UNP 
_struct_ref.db_code                    Q9Z3B4_YERPE 
_struct_ref.pdbx_db_accession          Q9Z3B4 
_struct_ref.entity_id                  1 
_struct_ref.pdbx_seq_one_letter_code   
;MSLTDAKIRTLKPSDKPFKVSDSHGLYLLVKPGGSRHWYLKYRISGKESRIALGAYPAISLSDARQQREGIRKMLALNIN

;
_struct_ref.pdbx_align_begin           1 
_struct_ref.pdbx_db_isoform            ? 
# 
_struct_ref_seq.align_id                      1 
_struct_ref_seq.ref_id                        1 
_struct_ref_seq.pdbx_PDB_id_code              3JTZ 
_struct_ref_seq.pdbx_strand_id                A 
_struct_ref_seq.seq_align_beg                 1 
_struct_ref_seq.pdbx_seq_align_beg_ins_code   ? 
_struct_ref_seq.seq_align_end                 80 
_struct_ref_seq.pdbx_seq_align_end_ins_code   ? 
_struct_ref_seq.pdbx_db_accession             Q9Z3B4 
_struct_ref_seq.db_align_beg                  1 
_struct_ref_seq.pdbx_db_align_beg_ins_code    ? 
_struct_ref_seq.db_align_end                  80 
_struct_ref_seq.pdbx_db_align_end_ins_code    ? 
_struct_ref_seq.pdbx_auth_seq_align_beg       1 
_struct_ref_seq.pdbx_auth_seq_align_end       80 
# 
loop_
_struct_ref_seq_dif.align_id 
_struct_ref_seq_dif.pdbx_pdb_id_code 
_struct_ref_seq_dif.mon_id 
_struct_ref_seq_dif.pdbx_pdb_strand_id 
_struct_ref_seq_dif.seq_num 
_struct_ref_seq_dif.pdbx_pdb_ins_code 
_struct_ref_seq_dif.pdbx_seq_db_name 
_struct_ref_seq_dif.pdbx_seq_db_accession_code 
_struct_ref_seq_dif.db_mon_id 
_struct_ref_seq_dif.pdbx_seq_db_seq_num 
_struct_ref_seq_dif.details 
_struct_ref_seq_dif.pdbx_auth_seq_num 
_struct_ref_seq_dif.pdbx_ordinal 
1 3JTZ LEU A 81 ? UNP Q9Z3B4 ? ? 'expression tag' 81 1 
1 3JTZ GLU A 82 ? UNP Q9Z3B4 ? ? 'expression tag' 82 2 
1 3JTZ HIS A 83 ? UNP Q9Z3B4 ? ? 'expression tag' 83 3 
1 3JTZ HIS A 84 ? UNP Q9Z3B4 ? ? 'expression tag' 84 4 
1 3JTZ HIS A 85 ? UNP Q9Z3B4 ? ? 'expression tag' 85 5 
1 3JTZ HIS A 86 ? UNP Q9Z3B4 ? ? 'expression tag' 86 6 
1 3JTZ HIS A 87 ? UNP Q9Z3B4 ? ? 'expression tag' 87 7 
1 3JTZ HIS A 88 ? UNP Q9Z3B4 ? ? 'expression tag' 88 8 
# 
_pdbx_struct_assembly.id                   1 
_pdbx_struct_assembly.details              author_and_software_defined_assembly 
_pdbx_struct_assembly.method_details       PISA 
_pdbx_struct_assembly.oligomeric_details   dimeric 
_pdbx_struct_assembly.oligomeric_count     2 
# 
loop_
_pdbx_struct_assembly_prop.biol_id 
_pdbx_struct_assembly_prop.type 
_pdbx_struct_assembly_prop.value 
_pdbx_struct_assembly_prop.details 
1 'ABSA (A^2)' 1480 ? 
1 MORE         -35  ? 
1 'SSA (A^2)'  8850 ? 
# 
_pdbx_struct_assembly_gen.assembly_id       1 
_pdbx_struct_assembly_gen.oper_expression   1,2 
_pdbx_struct_assembly_gen.asym_id_list      A,B,C 
# 
loop_
_pdbx_struct_oper_list.id 
_pdbx_struct_oper_list.type 
_pdbx_struct_oper_list.name 
_pdbx_struct_oper_list.symmetry_operation 
_pdbx_struct_oper_list.matrix[1][1] 
_pdbx_struct_oper_list.matrix[1][2] 
_pdbx_struct_oper_list.matrix[1][3] 
_pdbx_struct_oper_list.vector[1] 
_pdbx_struct_oper_list.matrix[2][1] 
_pdbx_struct_oper_list.matrix[2][2] 
_pdbx_struct_oper_list.matrix[2][3] 
_pdbx_struct_oper_list.vector[2] 
_pdbx_struct_oper_list.matrix[3][1] 
_pdbx_struct_oper_list.matrix[3][2] 
_pdbx_struct_oper_list.matrix[3][3] 
_pdbx_struct_oper_list.vector[3] 
1 'identity operation'         1_555 x,y,z    1.0000000000  0.0000000000  0.0000000000  0.0000000000  0.0000000000  1.0000000000 0.0000000000 0.0000000000  0.0000000000  0.0000000000 1.0000000000  0.0000000000  
2 'crystal symmetry operation' 7_556 y,x,-z+1 -0.7287606201 -0.5912606172 -0.3454255941 20.4367831032 -0.5912606172 0.2888582686 0.7529752872 12.3782546080 -0.3454255941 0.7529752872 -0.5600976484 -5.1400768068 
# 
_struct_biol.id        1 
_struct_biol.details   ? 
# 
loop_
_struct_conf.conf_type_id 
_struct_conf.id 
_struct_conf.pdbx_PDB_helix_id 
_struct_conf.beg_label_comp_id 
_struct_conf.beg_label_asym_id 
_struct_conf.beg_label_seq_id 
_struct_conf.pdbx_beg_PDB_ins_code 
_struct_conf.end_label_comp_id 
_struct_conf.end_label_asym_id 
_struct_conf.end_label_seq_id 
_struct_conf.pdbx_end_PDB_ins_code 
_struct_conf.beg_auth_comp_id 
_struct_conf.beg_auth_asym_id 
_struct_conf.beg_auth_seq_id 
_struct_conf.end_auth_comp_id 
_struct_conf.end_auth_asym_id 
_struct_conf.end_auth_seq_id 
_struct_conf.pdbx_PDB_helix_class 
_struct_conf.details 
_struct_conf.pdbx_PDB_helix_length 
HELX_P HELX_P1 1 THR A 4  ? LEU A 11 ? THR A 4  LEU A 11 1 ? 8  
HELX_P HELX_P2 2 SER A 60 ? ALA A 76 ? SER A 60 ALA A 76 1 ? 17 
# 
_struct_conf_type.id          HELX_P 
_struct_conf_type.criteria    ? 
_struct_conf_type.reference   ? 
# 
loop_
_struct_conn.id 
_struct_conn.conn_type_id 
_struct_conn.pdbx_leaving_atom_flag 
_struct_conn.pdbx_PDB_id 
_struct_conn.ptnr1_label_asym_id 
_struct_conn.ptnr1_label_comp_id 
_struct_conn.ptnr1_label_seq_id 
_struct_conn.ptnr1_label_atom_id 
_struct_conn.pdbx_ptnr1_label_alt_id 
_struct_conn.pdbx_ptnr1_PDB_ins_code 
_struct_conn.pdbx_ptnr1_standard_comp_id 
_struct_conn.ptnr1_symmetry 
_struct_conn.ptnr2_label_asym_id 
_struct_conn.ptnr2_label_comp_id 
_struct_conn.ptnr2_label_seq_id 
_struct_conn.ptnr2_label_atom_id 
_struct_conn.pdbx_ptnr2_label_alt_id 
_struct_conn.pdbx_ptnr2_PDB_ins_code 
_struct_conn.ptnr1_auth_asym_id 
_struct_conn.ptnr1_auth_comp_id 
_struct_conn.ptnr1_auth_seq_id 
_struct_conn.ptnr2_auth_asym_id 
_struct_conn.ptnr2_auth_comp_id 
_struct_conn.ptnr2_auth_seq_id 
_struct_conn.ptnr2_symmetry 
_struct_conn.pdbx_ptnr3_label_atom_id 
_struct_conn.pdbx_ptnr3_label_seq_id 
_struct_conn.pdbx_ptnr3_label_comp_id 
_struct_conn.pdbx_ptnr3_label_asym_id 
_struct_conn.pdbx_ptnr3_label_alt_id 
_struct_conn.pdbx_ptnr3_PDB_ins_code 
_struct_conn.details 
_struct_conn.pdbx_dist_value 
_struct_conn.pdbx_value_order 
_struct_conn.pdbx_role 
metalc1 metalc ? ? A SER 14 N ? ? ? 1_555 B NA . NA ? ? A SER 14 A NA 89 1_555 ? ? ? ? ? ? ? 2.986 ? ? 
metalc2 metalc ? ? A LYS 16 O ? ? ? 1_555 B NA . NA ? ? A LYS 16 A NA 89 1_555 ? ? ? ? ? ? ? 2.850 ? ? 
metalc3 metalc ? ? A VAL 30 O ? ? ? 1_555 B NA . NA ? ? A VAL 30 A NA 89 1_555 ? ? ? ? ? ? ? 2.944 ? ? 
# 
_struct_conn_type.id          metalc 
_struct_conn_type.criteria    ? 
_struct_conn_type.reference   ? 
# 
loop_
_pdbx_struct_conn_angle.id 
_pdbx_struct_conn_angle.ptnr1_label_atom_id 
_pdbx_struct_conn_angle.ptnr1_label_alt_id 
_pdbx_struct_conn_angle.ptnr1_label_asym_id 
_pdbx_struct_conn_angle.ptnr1_label_comp_id 
_pdbx_struct_conn_angle.ptnr1_label_seq_id 
_pdbx_struct_conn_angle.ptnr1_auth_atom_id 
_pdbx_struct_conn_angle.ptnr1_auth_asym_id 
_pdbx_struct_conn_angle.ptnr1_auth_comp_id 
_pdbx_struct_conn_angle.ptnr1_auth_seq_id 
_pdbx_struct_conn_angle.ptnr1_PDB_ins_code 
_pdbx_struct_conn_angle.ptnr1_symmetry 
_pdbx_struct_conn_angle.ptnr2_label_atom_id 
_pdbx_struct_conn_angle.ptnr2_label_alt_id 
_pdbx_struct_conn_angle.ptnr2_label_asym_id 
_pdbx_struct_conn_angle.ptnr2_label_comp_id 
_pdbx_struct_conn_angle.ptnr2_label_seq_id 
_pdbx_struct_conn_angle.ptnr2_auth_atom_id 
_pdbx_struct_conn_angle.ptnr2_auth_asym_id 
_pdbx_struct_conn_angle.ptnr2_auth_comp_id 
_pdbx_struct_conn_angle.ptnr2_auth_seq_id 
_pdbx_struct_conn_angle.ptnr2_PDB_ins_code 
_pdbx_struct_conn_angle.ptnr2_symmetry 
_pdbx_struct_conn_angle.ptnr3_label_atom_id 
_pdbx_struct_conn_angle.ptnr3_label_alt_id 
_pdbx_struct_conn_angle.ptnr3_label_asym_id 
_pdbx_struct_conn_angle.ptnr3_label_comp_id 
_pdbx_struct_conn_angle.ptnr3_label_seq_id 
_pdbx_struct_conn_angle.ptnr3_auth_atom_id 
_pdbx_struct_conn_angle.ptnr3_auth_asym_id 
_pdbx_struct_conn_angle.ptnr3_auth_comp_id 
_pdbx_struct_conn_angle.ptnr3_auth_seq_id 
_pdbx_struct_conn_angle.ptnr3_PDB_ins_code 
_pdbx_struct_conn_angle.ptnr3_symmetry 
_pdbx_struct_conn_angle.value 
_pdbx_struct_conn_angle.value_esd 
1 N ? A SER 14 ? A SER 14 ? 1_555 NA ? B NA . ? A NA 89 ? 1_555 O ? A LYS 16 ? A LYS 16 ? 1_555 105.2 ? 
2 N ? A SER 14 ? A SER 14 ? 1_555 NA ? B NA . ? A NA 89 ? 1_555 O ? A VAL 30 ? A VAL 30 ? 1_555 149.3 ? 
3 O ? A LYS 16 ? A LYS 16 ? 1_555 NA ? B NA . ? A NA 89 ? 1_555 O ? A VAL 30 ? A VAL 30 ? 1_555 94.3  ? 
# 
loop_
_struct_mon_prot_cis.pdbx_id 
_struct_mon_prot_cis.label_comp_id 
_struct_mon_prot_cis.label_seq_id 
_struct_mon_prot_cis.label_asym_id 
_struct_mon_prot_cis.label_alt_id 
_struct_mon_prot_cis.pdbx_PDB_ins_code 
_struct_mon_prot_cis.auth_comp_id 
_struct_mon_prot_cis.auth_seq_id 
_struct_mon_prot_cis.auth_asym_id 
_struct_mon_prot_cis.pdbx_label_comp_id_2 
_struct_mon_prot_cis.pdbx_label_seq_id_2 
_struct_mon_prot_cis.pdbx_label_asym_id_2 
_struct_mon_prot_cis.pdbx_PDB_ins_code_2 
_struct_mon_prot_cis.pdbx_auth_comp_id_2 
_struct_mon_prot_cis.pdbx_auth_seq_id_2 
_struct_mon_prot_cis.pdbx_auth_asym_id_2 
_struct_mon_prot_cis.pdbx_PDB_model_num 
_struct_mon_prot_cis.pdbx_omega_angle 
1 TYR 56 A . ? TYR 56 A PRO 57 A ? PRO 57 A 1 7.41  
2 LEU 77 A . ? LEU 77 A ASN 78 A ? ASN 78 A 1 10.41 
# 
_struct_sheet.id               A 
_struct_sheet.type             ? 
_struct_sheet.number_strands   4 
_struct_sheet.details          ? 
# 
loop_
_struct_sheet_order.sheet_id 
_struct_sheet_order.range_id_1 
_struct_sheet_order.range_id_2 
_struct_sheet_order.offset 
_struct_sheet_order.sense 
A 1 2 ? anti-parallel 
A 2 3 ? anti-parallel 
A 3 4 ? anti-parallel 
# 
loop_
_struct_sheet_range.sheet_id 
_struct_sheet_range.id 
_struct_sheet_range.beg_label_comp_id 
_struct_sheet_range.beg_label_asym_id 
_struct_sheet_range.beg_label_seq_id 
_struct_sheet_range.pdbx_beg_PDB_ins_code 
_struct_sheet_range.end_label_comp_id 
_struct_sheet_range.end_label_asym_id 
_struct_sheet_range.end_label_seq_id 
_struct_sheet_range.pdbx_end_PDB_ins_code 
_struct_sheet_range.beg_auth_comp_id 
_struct_sheet_range.beg_auth_asym_id 
_struct_sheet_range.beg_auth_seq_id 
_struct_sheet_range.end_auth_comp_id 
_struct_sheet_range.end_auth_asym_id 
_struct_sheet_range.end_auth_seq_id 
A 1 PHE A 18 ? SER A 21 ? PHE A 18 SER A 21 
A 2 LEU A 26 ? VAL A 30 ? LEU A 26 VAL A 30 
A 3 ARG A 36 ? ILE A 44 ? ARG A 36 ILE A 44 
A 4 LYS A 47 ? ALA A 55 ? LYS A 47 ALA A 55 
# 
loop_
_pdbx_struct_sheet_hbond.sheet_id 
_pdbx_struct_sheet_hbond.range_id_1 
_pdbx_struct_sheet_hbond.range_id_2 
_pdbx_struct_sheet_hbond.range_1_label_atom_id 
_pdbx_struct_sheet_hbond.range_1_label_comp_id 
_pdbx_struct_sheet_hbond.range_1_label_asym_id 
_pdbx_struct_sheet_hbond.range_1_label_seq_id 
_pdbx_struct_sheet_hbond.range_1_PDB_ins_code 
_pdbx_struct_sheet_hbond.range_1_auth_atom_id 
_pdbx_struct_sheet_hbond.range_1_auth_comp_id 
_pdbx_struct_sheet_hbond.range_1_auth_asym_id 
_pdbx_struct_sheet_hbond.range_1_auth_seq_id 
_pdbx_struct_sheet_hbond.range_2_label_atom_id 
_pdbx_struct_sheet_hbond.range_2_label_comp_id 
_pdbx_struct_sheet_hbond.range_2_label_asym_id 
_pdbx_struct_sheet_hbond.range_2_label_seq_id 
_pdbx_struct_sheet_hbond.range_2_PDB_ins_code 
_pdbx_struct_sheet_hbond.range_2_auth_atom_id 
_pdbx_struct_sheet_hbond.range_2_auth_comp_id 
_pdbx_struct_sheet_hbond.range_2_auth_asym_id 
_pdbx_struct_sheet_hbond.range_2_auth_seq_id 
A 1 2 N PHE A 18 ? N PHE A 18 O VAL A 30 ? O VAL A 30 
A 2 3 N LEU A 29 ? N LEU A 29 O HIS A 37 ? O HIS A 37 
A 3 4 N TRP A 38 ? N TRP A 38 O LEU A 53 ? O LEU A 53 
# 
_struct_site.id                   AC1 
_struct_site.pdbx_evidence_code   Software 
_struct_site.pdbx_auth_asym_id    A 
_struct_site.pdbx_auth_comp_id    NA 
_struct_site.pdbx_auth_seq_id     89 
_struct_site.pdbx_auth_ins_code   ? 
_struct_site.pdbx_num_residues    6 
_struct_site.details              'BINDING SITE FOR RESIDUE NA A 89' 
# 
loop_
_struct_site_gen.id 
_struct_site_gen.site_id 
_struct_site_gen.pdbx_num_res 
_struct_site_gen.label_comp_id 
_struct_site_gen.label_asym_id 
_struct_site_gen.label_seq_id 
_struct_site_gen.pdbx_auth_ins_code 
_struct_site_gen.auth_comp_id 
_struct_site_gen.auth_asym_id 
_struct_site_gen.auth_seq_id 
_struct_site_gen.label_atom_id 
_struct_site_gen.label_alt_id 
_struct_site_gen.symmetry 
_struct_site_gen.details 
1 AC1 6 SER A 14 ? SER A 14 . ? 1_555 ? 
2 AC1 6 LYS A 16 ? LYS A 16 . ? 1_555 ? 
3 AC1 6 PHE A 18 ? PHE A 18 . ? 1_555 ? 
4 AC1 6 VAL A 30 ? VAL A 30 . ? 1_555 ? 
5 AC1 6 LYS A 31 ? LYS A 31 . ? 1_555 ? 
6 AC1 6 PRO A 32 ? PRO A 32 . ? 1_555 ? 
# 
loop_
_pdbx_validate_close_contact.id 
_pdbx_validate_close_contact.PDB_model_num 
_pdbx_validate_close_contact.auth_atom_id_1 
_pdbx_validate_close_contact.auth_asym_id_1 
_pdbx_validate_close_contact.auth_comp_id_1 
_pdbx_validate_close_contact.auth_seq_id_1 
_pdbx_validate_close_contact.PDB_ins_code_1 
_pdbx_validate_close_contact.label_alt_id_1 
_pdbx_validate_close_contact.auth_atom_id_2 
_pdbx_validate_close_contact.auth_asym_id_2 
_pdbx_validate_close_contact.auth_comp_id_2 
_pdbx_validate_close_contact.auth_seq_id_2 
_pdbx_validate_close_contact.PDB_ins_code_2 
_pdbx_validate_close_contact.label_alt_id_2 
_pdbx_validate_close_contact.dist 
1 1 O  A HOH 122 ? ? O A HOH 127 ? ? 1.99 
2 1 NZ A LYS 47  ? ? O A HOH 115 ? ? 2.02 
3 1 O  A LEU 77  ? ? O A HOH 187 ? ? 2.07 
# 
_pdbx_validate_symm_contact.id                1 
_pdbx_validate_symm_contact.PDB_model_num     1 
_pdbx_validate_symm_contact.auth_atom_id_1    O 
_pdbx_validate_symm_contact.auth_asym_id_1    A 
_pdbx_validate_symm_contact.auth_comp_id_1    HOH 
_pdbx_validate_symm_contact.auth_seq_id_1     98 
_pdbx_validate_symm_contact.PDB_ins_code_1    ? 
_pdbx_validate_symm_contact.label_alt_id_1    ? 
_pdbx_validate_symm_contact.site_symmetry_1   1_555 
_pdbx_validate_symm_contact.auth_atom_id_2    O 
_pdbx_validate_symm_contact.auth_asym_id_2    A 
_pdbx_validate_symm_contact.auth_comp_id_2    HOH 
_pdbx_validate_symm_contact.auth_seq_id_2     198 
_pdbx_validate_symm_contact.PDB_ins_code_2    ? 
_pdbx_validate_symm_contact.label_alt_id_2    ? 
_pdbx_validate_symm_contact.site_symmetry_2   8_665 
_pdbx_validate_symm_contact.dist              2.12 
# 
_pdbx_validate_rmsd_angle.id                         1 
_pdbx_validate_rmsd_angle.PDB_model_num              1 
_pdbx_validate_rmsd_angle.auth_atom_id_1             CG 
_pdbx_validate_rmsd_angle.auth_asym_id_1             A 
_pdbx_validate_rmsd_angle.auth_comp_id_1             MET 
_pdbx_validate_rmsd_angle.auth_seq_id_1              74 
_pdbx_validate_rmsd_angle.PDB_ins_code_1             ? 
_pdbx_validate_rmsd_angle.label_alt_id_1             ? 
_pdbx_validate_rmsd_angle.auth_atom_id_2             SD 
_pdbx_validate_rmsd_angle.auth_asym_id_2             A 
_pdbx_validate_rmsd_angle.auth_comp_id_2             MET 
_pdbx_validate_rmsd_angle.auth_seq_id_2              74 
_pdbx_validate_rmsd_angle.PDB_ins_code_2             ? 
_pdbx_validate_rmsd_angle.label_alt_id_2             B 
_pdbx_validate_rmsd_angle.auth_atom_id_3             CE 
_pdbx_validate_rmsd_angle.auth_asym_id_3             A 
_pdbx_validate_rmsd_angle.auth_comp_id_3             MET 
_pdbx_validate_rmsd_angle.auth_seq_id_3              74 
_pdbx_validate_rmsd_angle.PDB_ins_code_3             ? 
_pdbx_validate_rmsd_angle.label_alt_id_3             B 
_pdbx_validate_rmsd_angle.angle_value                110.96 
_pdbx_validate_rmsd_angle.angle_target_value         100.20 
_pdbx_validate_rmsd_angle.angle_deviation            10.76 
_pdbx_validate_rmsd_angle.angle_standard_deviation   1.60 
_pdbx_validate_rmsd_angle.linker_flag                N 
# 
loop_
_pdbx_validate_torsion.id 
_pdbx_validate_torsion.PDB_model_num 
_pdbx_validate_torsion.auth_comp_id 
_pdbx_validate_torsion.auth_asym_id 
_pdbx_validate_torsion.auth_seq_id 
_pdbx_validate_torsion.PDB_ins_code 
_pdbx_validate_torsion.label_alt_id 
_pdbx_validate_torsion.phi 
_pdbx_validate_torsion.psi 
1 1 SER A 14 ? ? -119.42 -158.43 
2 1 ASP A 22 ? ? -89.61  -79.91  
3 1 SER A 45 ? ? 37.38   56.10   
# 
_pdbx_struct_special_symmetry.id              1 
_pdbx_struct_special_symmetry.PDB_model_num   1 
_pdbx_struct_special_symmetry.auth_asym_id    A 
_pdbx_struct_special_symmetry.auth_comp_id    MET 
_pdbx_struct_special_symmetry.auth_seq_id     74 
_pdbx_struct_special_symmetry.PDB_ins_code    ? 
_pdbx_struct_special_symmetry.label_asym_id   A 
_pdbx_struct_special_symmetry.label_comp_id   MET 
_pdbx_struct_special_symmetry.label_seq_id    74 
# 
loop_
_pdbx_unobs_or_zero_occ_residues.id 
_pdbx_unobs_or_zero_occ_residues.PDB_model_num 
_pdbx_unobs_or_zero_occ_residues.polymer_flag 
_pdbx_unobs_or_zero_occ_residues.occupancy_flag 
_pdbx_unobs_or_zero_occ_residues.auth_asym_id 
_pdbx_unobs_or_zero_occ_residues.auth_comp_id 
_pdbx_unobs_or_zero_occ_residues.auth_seq_id 
_pdbx_unobs_or_zero_occ_residues.PDB_ins_code 
_pdbx_unobs_or_zero_occ_residues.label_asym_id 
_pdbx_unobs_or_zero_occ_residues.label_comp_id 
_pdbx_unobs_or_zero_occ_residues.label_seq_id 
1  1 Y 1 A MET 1  ? A MET 1  
2  1 Y 1 A ILE 79 ? A ILE 79 
3  1 Y 1 A ASN 80 ? A ASN 80 
4  1 Y 1 A LEU 81 ? A LEU 81 
5  1 Y 1 A GLU 82 ? A GLU 82 
6  1 Y 1 A HIS 83 ? A HIS 83 
7  1 Y 1 A HIS 84 ? A HIS 84 
8  1 Y 1 A HIS 85 ? A HIS 85 
9  1 Y 1 A HIS 86 ? A HIS 86 
10 1 Y 1 A HIS 87 ? A HIS 87 
11 1 Y 1 A HIS 88 ? A HIS 88 
# 
loop_
_chem_comp_atom.comp_id 
_chem_comp_atom.atom_id 
_chem_comp_atom.type_symbol 
_chem_comp_atom.pdbx_aromatic_flag 
_chem_comp_atom.pdbx_stereo_config 
_chem_comp_atom.pdbx_ordinal 
ALA N    N  N N 1   
ALA CA   C  N S 2   
ALA C    C  N N 3   
ALA O    O  N N 4   
ALA CB   C  N N 5   
ALA OXT  O  N N 6   
ALA H    H  N N 7   
ALA H2   H  N N 8   
ALA HA   H  N N 9   
ALA HB1  H  N N 10  
ALA HB2  H  N N 11  
ALA HB3  H  N N 12  
ALA HXT  H  N N 13  
ARG N    N  N N 14  
ARG CA   C  N S 15  
ARG C    C  N N 16  
ARG O    O  N N 17  
ARG CB   C  N N 18  
ARG CG   C  N N 19  
ARG CD   C  N N 20  
ARG NE   N  N N 21  
ARG CZ   C  N N 22  
ARG NH1  N  N N 23  
ARG NH2  N  N N 24  
ARG OXT  O  N N 25  
ARG H    H  N N 26  
ARG H2   H  N N 27  
ARG HA   H  N N 28  
ARG HB2  H  N N 29  
ARG HB3  H  N N 30  
ARG HG2  H  N N 31  
ARG HG3  H  N N 32  
ARG HD2  H  N N 33  
ARG HD3  H  N N 34  
ARG HE   H  N N 35  
ARG HH11 H  N N 36  
ARG HH12 H  N N 37  
ARG HH21 H  N N 38  
ARG HH22 H  N N 39  
ARG HXT  H  N N 40  
ASN N    N  N N 41  
ASN CA   C  N S 42  
ASN C    C  N N 43  
ASN O    O  N N 44  
ASN CB   C  N N 45  
ASN CG   C  N N 46  
ASN OD1  O  N N 47  
ASN ND2  N  N N 48  
ASN OXT  O  N N 49  
ASN H    H  N N 50  
ASN H2   H  N N 51  
ASN HA   H  N N 52  
ASN HB2  H  N N 53  
ASN HB3  H  N N 54  
ASN HD21 H  N N 55  
ASN HD22 H  N N 56  
ASN HXT  H  N N 57  
ASP N    N  N N 58  
ASP CA   C  N S 59  
ASP C    C  N N 60  
ASP O    O  N N 61  
ASP CB   C  N N 62  
ASP CG   C  N N 63  
ASP OD1  O  N N 64  
ASP OD2  O  N N 65  
ASP OXT  O  N N 66  
ASP H    H  N N 67  
ASP H2   H  N N 68  
ASP HA   H  N N 69  
ASP HB2  H  N N 70  
ASP HB3  H  N N 71  
ASP HD2  H  N N 72  
ASP HXT  H  N N 73  
GLN N    N  N N 74  
GLN CA   C  N S 75  
GLN C    C  N N 76  
GLN O    O  N N 77  
GLN CB   C  N N 78  
GLN CG   C  N N 79  
GLN CD   C  N N 80  
GLN OE1  O  N N 81  
GLN NE2  N  N N 82  
GLN OXT  O  N N 83  
GLN H    H  N N 84  
GLN H2   H  N N 85  
GLN HA   H  N N 86  
GLN HB2  H  N N 87  
GLN HB3  H  N N 88  
GLN HG2  H  N N 89  
GLN HG3  H  N N 90  
GLN HE21 H  N N 91  
GLN HE22 H  N N 92  
GLN HXT  H  N N 93  
GLU N    N  N N 94  
GLU CA   C  N S 95  
GLU C    C  N N 96  
GLU O    O  N N 97  
GLU CB   C  N N 98  
GLU CG   C  N N 99  
GLU CD   C  N N 100 
GLU OE1  O  N N 101 
GLU OE2  O  N N 102 
GLU OXT  O  N N 103 
GLU H    H  N N 104 
GLU H2   H  N N 105 
GLU HA   H  N N 106 
GLU HB2  H  N N 107 
GLU HB3  H  N N 108 
GLU HG2  H  N N 109 
GLU HG3  H  N N 110 
GLU HE2  H  N N 111 
GLU HXT  H  N N 112 
GLY N    N  N N 113 
GLY CA   C  N N 114 
GLY C    C  N N 115 
GLY O    O  N N 116 
GLY OXT  O  N N 117 
GLY H    H  N N 118 
GLY H2   H  N N 119 
GLY HA2  H  N N 120 
GLY HA3  H  N N 121 
GLY HXT  H  N N 122 
HIS N    N  N N 123 
HIS CA   C  N S 124 
HIS C    C  N N 125 
HIS O    O  N N 126 
HIS CB   C  N N 127 
HIS CG   C  Y N 128 
HIS ND1  N  Y N 129 
HIS CD2  C  Y N 130 
HIS CE1  C  Y N 131 
HIS NE2  N  Y N 132 
HIS OXT  O  N N 133 
HIS H    H  N N 134 
HIS H2   H  N N 135 
HIS HA   H  N N 136 
HIS HB2  H  N N 137 
HIS HB3  H  N N 138 
HIS HD1  H  N N 139 
HIS HD2  H  N N 140 
HIS HE1  H  N N 141 
HIS HE2  H  N N 142 
HIS HXT  H  N N 143 
HOH O    O  N N 144 
HOH H1   H  N N 145 
HOH H2   H  N N 146 
ILE N    N  N N 147 
ILE CA   C  N S 148 
ILE C    C  N N 149 
ILE O    O  N N 150 
ILE CB   C  N S 151 
ILE CG1  C  N N 152 
ILE CG2  C  N N 153 
ILE CD1  C  N N 154 
ILE OXT  O  N N 155 
ILE H    H  N N 156 
ILE H2   H  N N 157 
ILE HA   H  N N 158 
ILE HB   H  N N 159 
ILE HG12 H  N N 160 
ILE HG13 H  N N 161 
ILE HG21 H  N N 162 
ILE HG22 H  N N 163 
ILE HG23 H  N N 164 
ILE HD11 H  N N 165 
ILE HD12 H  N N 166 
ILE HD13 H  N N 167 
ILE HXT  H  N N 168 
LEU N    N  N N 169 
LEU CA   C  N S 170 
LEU C    C  N N 171 
LEU O    O  N N 172 
LEU CB   C  N N 173 
LEU CG   C  N N 174 
LEU CD1  C  N N 175 
LEU CD2  C  N N 176 
LEU OXT  O  N N 177 
LEU H    H  N N 178 
LEU H2   H  N N 179 
LEU HA   H  N N 180 
LEU HB2  H  N N 181 
LEU HB3  H  N N 182 
LEU HG   H  N N 183 
LEU HD11 H  N N 184 
LEU HD12 H  N N 185 
LEU HD13 H  N N 186 
LEU HD21 H  N N 187 
LEU HD22 H  N N 188 
LEU HD23 H  N N 189 
LEU HXT  H  N N 190 
LYS N    N  N N 191 
LYS CA   C  N S 192 
LYS C    C  N N 193 
LYS O    O  N N 194 
LYS CB   C  N N 195 
LYS CG   C  N N 196 
LYS CD   C  N N 197 
LYS CE   C  N N 198 
LYS NZ   N  N N 199 
LYS OXT  O  N N 200 
LYS H    H  N N 201 
LYS H2   H  N N 202 
LYS HA   H  N N 203 
LYS HB2  H  N N 204 
LYS HB3  H  N N 205 
LYS HG2  H  N N 206 
LYS HG3  H  N N 207 
LYS HD2  H  N N 208 
LYS HD3  H  N N 209 
LYS HE2  H  N N 210 
LYS HE3  H  N N 211 
LYS HZ1  H  N N 212 
LYS HZ2  H  N N 213 
LYS HZ3  H  N N 214 
LYS HXT  H  N N 215 
MET N    N  N N 216 
MET CA   C  N S 217 
MET C    C  N N 218 
MET O    O  N N 219 
MET CB   C  N N 220 
MET CG   C  N N 221 
MET SD   S  N N 222 
MET CE   C  N N 223 
MET OXT  O  N N 224 
MET H    H  N N 225 
MET H2   H  N N 226 
MET HA   H  N N 227 
MET HB2  H  N N 228 
MET HB3  H  N N 229 
MET HG2  H  N N 230 
MET HG3  H  N N 231 
MET HE1  H  N N 232 
MET HE2  H  N N 233 
MET HE3  H  N N 234 
MET HXT  H  N N 235 
NA  NA   NA N N 236 
PHE N    N  N N 237 
PHE CA   C  N S 238 
PHE C    C  N N 239 
PHE O    O  N N 240 
PHE CB   C  N N 241 
PHE CG   C  Y N 242 
PHE CD1  C  Y N 243 
PHE CD2  C  Y N 244 
PHE CE1  C  Y N 245 
PHE CE2  C  Y N 246 
PHE CZ   C  Y N 247 
PHE OXT  O  N N 248 
PHE H    H  N N 249 
PHE H2   H  N N 250 
PHE HA   H  N N 251 
PHE HB2  H  N N 252 
PHE HB3  H  N N 253 
PHE HD1  H  N N 254 
PHE HD2  H  N N 255 
PHE HE1  H  N N 256 
PHE HE2  H  N N 257 
PHE HZ   H  N N 258 
PHE HXT  H  N N 259 
PRO N    N  N N 260 
PRO CA   C  N S 261 
PRO C    C  N N 262 
PRO O    O  N N 263 
PRO CB   C  N N 264 
PRO CG   C  N N 265 
PRO CD   C  N N 266 
PRO OXT  O  N N 267 
PRO H    H  N N 268 
PRO HA   H  N N 269 
PRO HB2  H  N N 270 
PRO HB3  H  N N 271 
PRO HG2  H  N N 272 
PRO HG3  H  N N 273 
PRO HD2  H  N N 274 
PRO HD3  H  N N 275 
PRO HXT  H  N N 276 
SER N    N  N N 277 
SER CA   C  N S 278 
SER C    C  N N 279 
SER O    O  N N 280 
SER CB   C  N N 281 
SER OG   O  N N 282 
SER OXT  O  N N 283 
SER H    H  N N 284 
SER H2   H  N N 285 
SER HA   H  N N 286 
SER HB2  H  N N 287 
SER HB3  H  N N 288 
SER HG   H  N N 289 
SER HXT  H  N N 290 
THR N    N  N N 291 
THR CA   C  N S 292 
THR C    C  N N 293 
THR O    O  N N 294 
THR CB   C  N R 295 
THR OG1  O  N N 296 
THR CG2  C  N N 297 
THR OXT  O  N N 298 
THR H    H  N N 299 
THR H2   H  N N 300 
THR HA   H  N N 301 
THR HB   H  N N 302 
THR HG1  H  N N 303 
THR HG21 H  N N 304 
THR HG22 H  N N 305 
THR HG23 H  N N 306 
THR HXT  H  N N 307 
TRP N    N  N N 308 
TRP CA   C  N S 309 
TRP C    C  N N 310 
TRP O    O  N N 311 
TRP CB   C  N N 312 
TRP CG   C  Y N 313 
TRP CD1  C  Y N 314 
TRP CD2  C  Y N 315 
TRP NE1  N  Y N 316 
TRP CE2  C  Y N 317 
TRP CE3  C  Y N 318 
TRP CZ2  C  Y N 319 
TRP CZ3  C  Y N 320 
TRP CH2  C  Y N 321 
TRP OXT  O  N N 322 
TRP H    H  N N 323 
TRP H2   H  N N 324 
TRP HA   H  N N 325 
TRP HB2  H  N N 326 
TRP HB3  H  N N 327 
TRP HD1  H  N N 328 
TRP HE1  H  N N 329 
TRP HE3  H  N N 330 
TRP HZ2  H  N N 331 
TRP HZ3  H  N N 332 
TRP HH2  H  N N 333 
TRP HXT  H  N N 334 
TYR N    N  N N 335 
TYR CA   C  N S 336 
TYR C    C  N N 337 
TYR O    O  N N 338 
TYR CB   C  N N 339 
TYR CG   C  Y N 340 
TYR CD1  C  Y N 341 
TYR CD2  C  Y N 342 
TYR CE1  C  Y N 343 
TYR CE2  C  Y N 344 
TYR CZ   C  Y N 345 
TYR OH   O  N N 346 
TYR OXT  O  N N 347 
TYR H    H  N N 348 
TYR H2   H  N N 349 
TYR HA   H  N N 350 
TYR HB2  H  N N 351 
TYR HB3  H  N N 352 
TYR HD1  H  N N 353 
TYR HD2  H  N N 354 
TYR HE1  H  N N 355 
TYR HE2  H  N N 356 
TYR HH   H  N N 357 
TYR HXT  H  N N 358 
VAL N    N  N N 359 
VAL CA   C  N S 360 
VAL C    C  N N 361 
VAL O    O  N N 362 
VAL CB   C  N N 363 
VAL CG1  C  N N 364 
VAL CG2  C  N N 365 
VAL OXT  O  N N 366 
VAL H    H  N N 367 
VAL H2   H  N N 368 
VAL HA   H  N N 369 
VAL HB   H  N N 370 
VAL HG11 H  N N 371 
VAL HG12 H  N N 372 
VAL HG13 H  N N 373 
VAL HG21 H  N N 374 
VAL HG22 H  N N 375 
VAL HG23 H  N N 376 
VAL HXT  H  N N 377 
# 
loop_
_chem_comp_bond.comp_id 
_chem_comp_bond.atom_id_1 
_chem_comp_bond.atom_id_2 
_chem_comp_bond.value_order 
_chem_comp_bond.pdbx_aromatic_flag 
_chem_comp_bond.pdbx_stereo_config 
_chem_comp_bond.pdbx_ordinal 
ALA N   CA   sing N N 1   
ALA N   H    sing N N 2   
ALA N   H2   sing N N 3   
ALA CA  C    sing N N 4   
ALA CA  CB   sing N N 5   
ALA CA  HA   sing N N 6   
ALA C   O    doub N N 7   
ALA C   OXT  sing N N 8   
ALA CB  HB1  sing N N 9   
ALA CB  HB2  sing N N 10  
ALA CB  HB3  sing N N 11  
ALA OXT HXT  sing N N 12  
ARG N   CA   sing N N 13  
ARG N   H    sing N N 14  
ARG N   H2   sing N N 15  
ARG CA  C    sing N N 16  
ARG CA  CB   sing N N 17  
ARG CA  HA   sing N N 18  
ARG C   O    doub N N 19  
ARG C   OXT  sing N N 20  
ARG CB  CG   sing N N 21  
ARG CB  HB2  sing N N 22  
ARG CB  HB3  sing N N 23  
ARG CG  CD   sing N N 24  
ARG CG  HG2  sing N N 25  
ARG CG  HG3  sing N N 26  
ARG CD  NE   sing N N 27  
ARG CD  HD2  sing N N 28  
ARG CD  HD3  sing N N 29  
ARG NE  CZ   sing N N 30  
ARG NE  HE   sing N N 31  
ARG CZ  NH1  sing N N 32  
ARG CZ  NH2  doub N N 33  
ARG NH1 HH11 sing N N 34  
ARG NH1 HH12 sing N N 35  
ARG NH2 HH21 sing N N 36  
ARG NH2 HH22 sing N N 37  
ARG OXT HXT  sing N N 38  
ASN N   CA   sing N N 39  
ASN N   H    sing N N 40  
ASN N   H2   sing N N 41  
ASN CA  C    sing N N 42  
ASN CA  CB   sing N N 43  
ASN CA  HA   sing N N 44  
ASN C   O    doub N N 45  
ASN C   OXT  sing N N 46  
ASN CB  CG   sing N N 47  
ASN CB  HB2  sing N N 48  
ASN CB  HB3  sing N N 49  
ASN CG  OD1  doub N N 50  
ASN CG  ND2  sing N N 51  
ASN ND2 HD21 sing N N 52  
ASN ND2 HD22 sing N N 53  
ASN OXT HXT  sing N N 54  
ASP N   CA   sing N N 55  
ASP N   H    sing N N 56  
ASP N   H2   sing N N 57  
ASP CA  C    sing N N 58  
ASP CA  CB   sing N N 59  
ASP CA  HA   sing N N 60  
ASP C   O    doub N N 61  
ASP C   OXT  sing N N 62  
ASP CB  CG   sing N N 63  
ASP CB  HB2  sing N N 64  
ASP CB  HB3  sing N N 65  
ASP CG  OD1  doub N N 66  
ASP CG  OD2  sing N N 67  
ASP OD2 HD2  sing N N 68  
ASP OXT HXT  sing N N 69  
GLN N   CA   sing N N 70  
GLN N   H    sing N N 71  
GLN N   H2   sing N N 72  
GLN CA  C    sing N N 73  
GLN CA  CB   sing N N 74  
GLN CA  HA   sing N N 75  
GLN C   O    doub N N 76  
GLN C   OXT  sing N N 77  
GLN CB  CG   sing N N 78  
GLN CB  HB2  sing N N 79  
GLN CB  HB3  sing N N 80  
GLN CG  CD   sing N N 81  
GLN CG  HG2  sing N N 82  
GLN CG  HG3  sing N N 83  
GLN CD  OE1  doub N N 84  
GLN CD  NE2  sing N N 85  
GLN NE2 HE21 sing N N 86  
GLN NE2 HE22 sing N N 87  
GLN OXT HXT  sing N N 88  
GLU N   CA   sing N N 89  
GLU N   H    sing N N 90  
GLU N   H2   sing N N 91  
GLU CA  C    sing N N 92  
GLU CA  CB   sing N N 93  
GLU CA  HA   sing N N 94  
GLU C   O    doub N N 95  
GLU C   OXT  sing N N 96  
GLU CB  CG   sing N N 97  
GLU CB  HB2  sing N N 98  
GLU CB  HB3  sing N N 99  
GLU CG  CD   sing N N 100 
GLU CG  HG2  sing N N 101 
GLU CG  HG3  sing N N 102 
GLU CD  OE1  doub N N 103 
GLU CD  OE2  sing N N 104 
GLU OE2 HE2  sing N N 105 
GLU OXT HXT  sing N N 106 
GLY N   CA   sing N N 107 
GLY N   H    sing N N 108 
GLY N   H2   sing N N 109 
GLY CA  C    sing N N 110 
GLY CA  HA2  sing N N 111 
GLY CA  HA3  sing N N 112 
GLY C   O    doub N N 113 
GLY C   OXT  sing N N 114 
GLY OXT HXT  sing N N 115 
HIS N   CA   sing N N 116 
HIS N   H    sing N N 117 
HIS N   H2   sing N N 118 
HIS CA  C    sing N N 119 
HIS CA  CB   sing N N 120 
HIS CA  HA   sing N N 121 
HIS C   O    doub N N 122 
HIS C   OXT  sing N N 123 
HIS CB  CG   sing N N 124 
HIS CB  HB2  sing N N 125 
HIS CB  HB3  sing N N 126 
HIS CG  ND1  sing Y N 127 
HIS CG  CD2  doub Y N 128 
HIS ND1 CE1  doub Y N 129 
HIS ND1 HD1  sing N N 130 
HIS CD2 NE2  sing Y N 131 
HIS CD2 HD2  sing N N 132 
HIS CE1 NE2  sing Y N 133 
HIS CE1 HE1  sing N N 134 
HIS NE2 HE2  sing N N 135 
HIS OXT HXT  sing N N 136 
HOH O   H1   sing N N 137 
HOH O   H2   sing N N 138 
ILE N   CA   sing N N 139 
ILE N   H    sing N N 140 
ILE N   H2   sing N N 141 
ILE CA  C    sing N N 142 
ILE CA  CB   sing N N 143 
ILE CA  HA   sing N N 144 
ILE C   O    doub N N 145 
ILE C   OXT  sing N N 146 
ILE CB  CG1  sing N N 147 
ILE CB  CG2  sing N N 148 
ILE CB  HB   sing N N 149 
ILE CG1 CD1  sing N N 150 
ILE CG1 HG12 sing N N 151 
ILE CG1 HG13 sing N N 152 
ILE CG2 HG21 sing N N 153 
ILE CG2 HG22 sing N N 154 
ILE CG2 HG23 sing N N 155 
ILE CD1 HD11 sing N N 156 
ILE CD1 HD12 sing N N 157 
ILE CD1 HD13 sing N N 158 
ILE OXT HXT  sing N N 159 
LEU N   CA   sing N N 160 
LEU N   H    sing N N 161 
LEU N   H2   sing N N 162 
LEU CA  C    sing N N 163 
LEU CA  CB   sing N N 164 
LEU CA  HA   sing N N 165 
LEU C   O    doub N N 166 
LEU C   OXT  sing N N 167 
LEU CB  CG   sing N N 168 
LEU CB  HB2  sing N N 169 
LEU CB  HB3  sing N N 170 
LEU CG  CD1  sing N N 171 
LEU CG  CD2  sing N N 172 
LEU CG  HG   sing N N 173 
LEU CD1 HD11 sing N N 174 
LEU CD1 HD12 sing N N 175 
LEU CD1 HD13 sing N N 176 
LEU CD2 HD21 sing N N 177 
LEU CD2 HD22 sing N N 178 
LEU CD2 HD23 sing N N 179 
LEU OXT HXT  sing N N 180 
LYS N   CA   sing N N 181 
LYS N   H    sing N N 182 
LYS N   H2   sing N N 183 
LYS CA  C    sing N N 184 
LYS CA  CB   sing N N 185 
LYS CA  HA   sing N N 186 
LYS C   O    doub N N 187 
LYS C   OXT  sing N N 188 
LYS CB  CG   sing N N 189 
LYS CB  HB2  sing N N 190 
LYS CB  HB3  sing N N 191 
LYS CG  CD   sing N N 192 
LYS CG  HG2  sing N N 193 
LYS CG  HG3  sing N N 194 
LYS CD  CE   sing N N 195 
LYS CD  HD2  sing N N 196 
LYS CD  HD3  sing N N 197 
LYS CE  NZ   sing N N 198 
LYS CE  HE2  sing N N 199 
LYS CE  HE3  sing N N 200 
LYS NZ  HZ1  sing N N 201 
LYS NZ  HZ2  sing N N 202 
LYS NZ  HZ3  sing N N 203 
LYS OXT HXT  sing N N 204 
MET N   CA   sing N N 205 
MET N   H    sing N N 206 
MET N   H2   sing N N 207 
MET CA  C    sing N N 208 
MET CA  CB   sing N N 209 
MET CA  HA   sing N N 210 
MET C   O    doub N N 211 
MET C   OXT  sing N N 212 
MET CB  CG   sing N N 213 
MET CB  HB2  sing N N 214 
MET CB  HB3  sing N N 215 
MET CG  SD   sing N N 216 
MET CG  HG2  sing N N 217 
MET CG  HG3  sing N N 218 
MET SD  CE   sing N N 219 
MET CE  HE1  sing N N 220 
MET CE  HE2  sing N N 221 
MET CE  HE3  sing N N 222 
MET OXT HXT  sing N N 223 
PHE N   CA   sing N N 224 
PHE N   H    sing N N 225 
PHE N   H2   sing N N 226 
PHE CA  C    sing N N 227 
PHE CA  CB   sing N N 228 
PHE CA  HA   sing N N 229 
PHE C   O    doub N N 230 
PHE C   OXT  sing N N 231 
PHE CB  CG   sing N N 232 
PHE CB  HB2  sing N N 233 
PHE CB  HB3  sing N N 234 
PHE CG  CD1  doub Y N 235 
PHE CG  CD2  sing Y N 236 
PHE CD1 CE1  sing Y N 237 
PHE CD1 HD1  sing N N 238 
PHE CD2 CE2  doub Y N 239 
PHE CD2 HD2  sing N N 240 
PHE CE1 CZ   doub Y N 241 
PHE CE1 HE1  sing N N 242 
PHE CE2 CZ   sing Y N 243 
PHE CE2 HE2  sing N N 244 
PHE CZ  HZ   sing N N 245 
PHE OXT HXT  sing N N 246 
PRO N   CA   sing N N 247 
PRO N   CD   sing N N 248 
PRO N   H    sing N N 249 
PRO CA  C    sing N N 250 
PRO CA  CB   sing N N 251 
PRO CA  HA   sing N N 252 
PRO C   O    doub N N 253 
PRO C   OXT  sing N N 254 
PRO CB  CG   sing N N 255 
PRO CB  HB2  sing N N 256 
PRO CB  HB3  sing N N 257 
PRO CG  CD   sing N N 258 
PRO CG  HG2  sing N N 259 
PRO CG  HG3  sing N N 260 
PRO CD  HD2  sing N N 261 
PRO CD  HD3  sing N N 262 
PRO OXT HXT  sing N N 263 
SER N   CA   sing N N 264 
SER N   H    sing N N 265 
SER N   H2   sing N N 266 
SER CA  C    sing N N 267 
SER CA  CB   sing N N 268 
SER CA  HA   sing N N 269 
SER C   O    doub N N 270 
SER C   OXT  sing N N 271 
SER CB  OG   sing N N 272 
SER CB  HB2  sing N N 273 
SER CB  HB3  sing N N 274 
SER OG  HG   sing N N 275 
SER OXT HXT  sing N N 276 
THR N   CA   sing N N 277 
THR N   H    sing N N 278 
THR N   H2   sing N N 279 
THR CA  C    sing N N 280 
THR CA  CB   sing N N 281 
THR CA  HA   sing N N 282 
THR C   O    doub N N 283 
THR C   OXT  sing N N 284 
THR CB  OG1  sing N N 285 
THR CB  CG2  sing N N 286 
THR CB  HB   sing N N 287 
THR OG1 HG1  sing N N 288 
THR CG2 HG21 sing N N 289 
THR CG2 HG22 sing N N 290 
THR CG2 HG23 sing N N 291 
THR OXT HXT  sing N N 292 
TRP N   CA   sing N N 293 
TRP N   H    sing N N 294 
TRP N   H2   sing N N 295 
TRP CA  C    sing N N 296 
TRP CA  CB   sing N N 297 
TRP CA  HA   sing N N 298 
TRP C   O    doub N N 299 
TRP C   OXT  sing N N 300 
TRP CB  CG   sing N N 301 
TRP CB  HB2  sing N N 302 
TRP CB  HB3  sing N N 303 
TRP CG  CD1  doub Y N 304 
TRP CG  CD2  sing Y N 305 
TRP CD1 NE1  sing Y N 306 
TRP CD1 HD1  sing N N 307 
TRP CD2 CE2  doub Y N 308 
TRP CD2 CE3  sing Y N 309 
TRP NE1 CE2  sing Y N 310 
TRP NE1 HE1  sing N N 311 
TRP CE2 CZ2  sing Y N 312 
TRP CE3 CZ3  doub Y N 313 
TRP CE3 HE3  sing N N 314 
TRP CZ2 CH2  doub Y N 315 
TRP CZ2 HZ2  sing N N 316 
TRP CZ3 CH2  sing Y N 317 
TRP CZ3 HZ3  sing N N 318 
TRP CH2 HH2  sing N N 319 
TRP OXT HXT  sing N N 320 
TYR N   CA   sing N N 321 
TYR N   H    sing N N 322 
TYR N   H2   sing N N 323 
TYR CA  C    sing N N 324 
TYR CA  CB   sing N N 325 
TYR CA  HA   sing N N 326 
TYR C   O    doub N N 327 
TYR C   OXT  sing N N 328 
TYR CB  CG   sing N N 329 
TYR CB  HB2  sing N N 330 
TYR CB  HB3  sing N N 331 
TYR CG  CD1  doub Y N 332 
TYR CG  CD2  sing Y N 333 
TYR CD1 CE1  sing Y N 334 
TYR CD1 HD1  sing N N 335 
TYR CD2 CE2  doub Y N 336 
TYR CD2 HD2  sing N N 337 
TYR CE1 CZ   doub Y N 338 
TYR CE1 HE1  sing N N 339 
TYR CE2 CZ   sing Y N 340 
TYR CE2 HE2  sing N N 341 
TYR CZ  OH   sing N N 342 
TYR OH  HH   sing N N 343 
TYR OXT HXT  sing N N 344 
VAL N   CA   sing N N 345 
VAL N   H    sing N N 346 
VAL N   H2   sing N N 347 
VAL CA  C    sing N N 348 
VAL CA  CB   sing N N 349 
VAL CA  HA   sing N N 350 
VAL C   O    doub N N 351 
VAL C   OXT  sing N N 352 
VAL CB  CG1  sing N N 353 
VAL CB  CG2  sing N N 354 
VAL CB  HB   sing N N 355 
VAL CG1 HG11 sing N N 356 
VAL CG1 HG12 sing N N 357 
VAL CG1 HG13 sing N N 358 
VAL CG2 HG21 sing N N 359 
VAL CG2 HG22 sing N N 360 
VAL CG2 HG23 sing N N 361 
VAL OXT HXT  sing N N 362 
# 
_atom_sites.entry_id                    3JTZ 
_atom_sites.fract_transf_matrix[1][1]   0.00921627 
_atom_sites.fract_transf_matrix[1][2]   -0.01732717 
_atom_sites.fract_transf_matrix[1][3]   0.00596766 
_atom_sites.fract_transf_matrix[2][1]   0.00146704 
_atom_sites.fract_transf_matrix[2][2]   -0.00596081 
_atom_sites.fract_transf_matrix[2][3]   -0.01957293 
_atom_sites.fract_transf_matrix[3][1]   0.01200153 
_atom_sites.fract_transf_matrix[3][2]   0.00605798 
_atom_sites.fract_transf_matrix[3][3]   -0.00094538 
_atom_sites.fract_transf_vector[1]      0.410197 
_atom_sites.fract_transf_vector[2]      0.353394 
_atom_sites.fract_transf_vector[3]      0.337437 
# 
loop_
_atom_type.symbol 
C  
N  
NA 
O  
S  
# 
loop_
_atom_site.group_PDB 
_atom_site.id 
_atom_site.type_symbol 
_atom_site.label_atom_id 
_atom_site.label_alt_id 
_atom_site.label_comp_id 
_atom_site.label_asym_id 
_atom_site.label_entity_id 
_atom_site.label_seq_id 
_atom_site.pdbx_PDB_ins_code 
_atom_site.Cartn_x 
_atom_site.Cartn_y 
_atom_site.Cartn_z 
_atom_site.occupancy 
_atom_site.B_iso_or_equiv 
_atom_site.pdbx_formal_charge 
_atom_site.auth_seq_id 
_atom_site.auth_comp_id 
_atom_site.auth_asym_id 
_atom_site.auth_atom_id 
_atom_site.pdbx_PDB_model_num 
ATOM   1   N  N   . SER A 1 2  ? -8.455  5.759   -5.945  1.00 24.11 ? 2   SER A N   1 
ATOM   2   C  CA  . SER A 1 2  ? -7.335  6.474   -5.260  1.00 23.51 ? 2   SER A CA  1 
ATOM   3   C  C   . SER A 1 2  ? -7.698  6.734   -3.808  1.00 22.38 ? 2   SER A C   1 
ATOM   4   O  O   . SER A 1 2  ? -8.872  6.753   -3.442  1.00 23.46 ? 2   SER A O   1 
ATOM   5   C  CB  . SER A 1 2  ? -7.043  7.806   -5.949  1.00 23.81 ? 2   SER A CB  1 
ATOM   6   O  OG  . SER A 1 2  ? -8.167  8.661   -5.853  1.00 25.96 ? 2   SER A OG  1 
ATOM   7   N  N   . LEU A 1 3  ? -6.689  6.930   -2.974  1.00 20.38 ? 3   LEU A N   1 
ATOM   8   C  CA  . LEU A 1 3  ? -6.942  7.191   -1.574  1.00 18.36 ? 3   LEU A CA  1 
ATOM   9   C  C   . LEU A 1 3  ? -6.833  8.675   -1.241  1.00 16.90 ? 3   LEU A C   1 
ATOM   10  O  O   . LEU A 1 3  ? -6.232  9.455   -1.976  1.00 15.78 ? 3   LEU A O   1 
ATOM   11  C  CB  . LEU A 1 3  ? -5.975  6.388   -0.689  1.00 17.98 ? 3   LEU A CB  1 
ATOM   12  C  CG  . LEU A 1 3  ? -6.071  4.868   -0.797  1.00 17.91 ? 3   LEU A CG  1 
ATOM   13  C  CD1 . LEU A 1 3  ? -5.046  4.229   0.103   1.00 18.17 ? 3   LEU A CD1 1 
ATOM   14  C  CD2 . LEU A 1 3  ? -7.469  4.370   -0.464  1.00 20.64 ? 3   LEU A CD2 1 
ATOM   15  N  N   . THR A 1 4  ? -7.443  9.047   -0.122  1.00 15.67 ? 4   THR A N   1 
ATOM   16  C  CA  . THR A 1 4  ? -7.139  10.288  0.562   1.00 15.40 ? 4   THR A CA  1 
ATOM   17  C  C   . THR A 1 4  ? -6.967  9.895   2.015   1.00 14.62 ? 4   THR A C   1 
ATOM   18  O  O   . THR A 1 4  ? -7.411  8.817   2.430   1.00 13.03 ? 4   THR A O   1 
ATOM   19  C  CB  . THR A 1 4  ? -8.289  11.325  0.490   1.00 15.55 ? 4   THR A CB  1 
ATOM   20  O  OG1 . THR A 1 4  ? -9.474  10.772  1.074   1.00 16.14 ? 4   THR A OG1 1 
ATOM   21  C  CG2 . THR A 1 4  ? -8.580  11.738  -0.947  1.00 17.06 ? 4   THR A CG2 1 
ATOM   22  N  N   . ASP A 1 5  ? -6.330  10.756  2.791   1.00 14.46 ? 5   ASP A N   1 
ATOM   23  C  CA  . ASP A 1 5  ? -6.158  10.469  4.187   1.00 15.02 ? 5   ASP A CA  1 
ATOM   24  C  C   . ASP A 1 5  ? -7.514  10.332  4.882   1.00 14.76 ? 5   ASP A C   1 
ATOM   25  O  O   . ASP A 1 5  ? -7.700  9.458   5.724   1.00 14.74 ? 5   ASP A O   1 
ATOM   26  C  CB  . ASP A 1 5  ? -5.323  11.545  4.859   1.00 15.06 ? 5   ASP A CB  1 
ATOM   27  C  CG  . ASP A 1 5  ? -4.808  11.100  6.194   1.00 15.96 ? 5   ASP A CG  1 
ATOM   28  O  OD1 . ASP A 1 5  ? -4.047  10.105  6.233   1.00 18.42 ? 5   ASP A OD1 1 
ATOM   29  O  OD2 . ASP A 1 5  ? -5.155  11.728  7.214   1.00 17.11 ? 5   ASP A OD2 1 
ATOM   30  N  N   . ALA A 1 6  ? -8.477  11.170  4.508   1.00 15.02 ? 6   ALA A N   1 
ATOM   31  C  CA  . ALA A 1 6  ? -9.803  11.101  5.112   1.00 15.02 ? 6   ALA A CA  1 
ATOM   32  C  C   . ALA A 1 6  ? -10.475 9.769   4.808   1.00 14.79 ? 6   ALA A C   1 
ATOM   33  O  O   . ALA A 1 6  ? -11.069 9.154   5.685   1.00 15.03 ? 6   ALA A O   1 
ATOM   34  C  CB  . ALA A 1 6  ? -10.672 12.277  4.647   1.00 15.58 ? 6   ALA A CB  1 
ATOM   35  N  N   . LYS A 1 7  ? -10.369 9.312   3.568   1.00 14.85 ? 7   LYS A N   1 
ATOM   36  C  CA  . LYS A 1 7  ? -10.896 8.003   3.206   1.00 14.77 ? 7   LYS A CA  1 
ATOM   37  C  C   . LYS A 1 7  ? -10.231 6.894   4.023   1.00 14.65 ? 7   LYS A C   1 
ATOM   38  O  O   . LYS A 1 7  ? -10.900 5.986   4.498   1.00 14.95 ? 7   LYS A O   1 
ATOM   39  C  CB  . LYS A 1 7  ? -10.736 7.732   1.710   1.00 15.09 ? 7   LYS A CB  1 
ATOM   40  C  CG  . LYS A 1 7  ? -11.721 8.482   0.830   1.00 18.65 ? 7   LYS A CG  1 
ATOM   41  C  CD  . LYS A 1 7  ? -11.417 8.211   -0.636  1.00 23.09 ? 7   LYS A CD  1 
ATOM   42  C  CE  . LYS A 1 7  ? -12.150 9.168   -1.557  1.00 25.86 ? 7   LYS A CE  1 
ATOM   43  N  NZ  . LYS A 1 7  ? -11.714 8.974   -2.969  1.00 28.18 ? 7   LYS A NZ  1 
ATOM   44  N  N   . ILE A 1 8  ? -8.920  6.976   4.187   1.00 13.91 ? 8   ILE A N   1 
ATOM   45  C  CA  . ILE A 1 8  ? -8.203  5.980   4.989   1.00 14.71 ? 8   ILE A CA  1 
ATOM   46  C  C   . ILE A 1 8  ? -8.702  5.977   6.424   1.00 15.05 ? 8   ILE A C   1 
ATOM   47  O  O   . ILE A 1 8  ? -9.008  4.929   6.967   1.00 15.11 ? 8   ILE A O   1 
ATOM   48  C  CB  . ILE A 1 8  ? -6.700  6.245   4.993   1.00 14.18 ? 8   ILE A CB  1 
ATOM   49  C  CG1 . ILE A 1 8  ? -6.131  6.024   3.586   1.00 15.20 ? 8   ILE A CG1 1 
ATOM   50  C  CG2 . ILE A 1 8  ? -6.001  5.356   6.014   1.00 14.82 ? 8   ILE A CG2 1 
ATOM   51  C  CD1 . ILE A 1 8  ? -4.729  6.554   3.408   1.00 15.59 ? 8   ILE A CD1 1 
ATOM   52  N  N   . ARG A 1 9  ? -8.779  7.153   7.039   1.00 15.55 ? 9   ARG A N   1 
ATOM   53  C  CA  . ARG A 1 9  ? -9.166  7.252   8.444   1.00 16.89 ? 9   ARG A CA  1 
ATOM   54  C  C   . ARG A 1 9  ? -10.604 6.838   8.683   1.00 18.00 ? 9   ARG A C   1 
ATOM   55  O  O   . ARG A 1 9  ? -10.956 6.459   9.795   1.00 18.61 ? 9   ARG A O   1 
ATOM   56  C  CB  . ARG A 1 9  ? -8.923  8.661   8.969   1.00 16.54 ? 9   ARG A CB  1 
ATOM   57  C  CG  . ARG A 1 9  ? -7.461  8.980   9.076   1.00 17.29 ? 9   ARG A CG  1 
ATOM   58  C  CD  . ARG A 1 9  ? -7.228  10.353  9.631   1.00 18.07 ? 9   ARG A CD  1 
ATOM   59  N  NE  . ARG A 1 9  ? -5.803  10.636  9.596   1.00 19.84 ? 9   ARG A NE  1 
ATOM   60  C  CZ  . ARG A 1 9  ? -4.964  10.341  10.581  1.00 21.22 ? 9   ARG A CZ  1 
ATOM   61  N  NH1 . ARG A 1 9  ? -5.421  9.781   11.692  1.00 21.83 ? 9   ARG A NH1 1 
ATOM   62  N  NH2 . ARG A 1 9  ? -3.672  10.624  10.454  1.00 23.00 ? 9   ARG A NH2 1 
ATOM   63  N  N   . THR A 1 10 ? -11.424 6.899   7.641   1.00 18.73 ? 10  THR A N   1 
ATOM   64  C  CA  . THR A 1 10 ? -12.813 6.482   7.735   1.00 20.71 ? 10  THR A CA  1 
ATOM   65  C  C   . THR A 1 10 ? -12.918 4.955   7.712   1.00 21.15 ? 10  THR A C   1 
ATOM   66  O  O   . THR A 1 10 ? -13.853 4.380   8.266   1.00 22.05 ? 10  THR A O   1 
ATOM   67  C  CB  . THR A 1 10 ? -13.666 7.131   6.621   1.00 20.51 ? 10  THR A CB  1 
ATOM   68  O  OG1 . THR A 1 10 ? -13.587 8.558   6.736   1.00 21.83 ? 10  THR A OG1 1 
ATOM   69  C  CG2 . THR A 1 10 ? -15.115 6.712   6.740   1.00 22.04 ? 10  THR A CG2 1 
ATOM   70  N  N   . LEU A 1 11 ? -11.942 4.302   7.091   1.00 21.90 ? 11  LEU A N   1 
ATOM   71  C  CA  . LEU A 1 11 ? -11.871 2.845   7.095   1.00 22.54 ? 11  LEU A CA  1 
ATOM   72  C  C   . LEU A 1 11 ? -11.846 2.326   8.517   1.00 22.85 ? 11  LEU A C   1 
ATOM   73  O  O   . LEU A 1 11 ? -11.283 2.951   9.420   1.00 23.51 ? 11  LEU A O   1 
ATOM   74  C  CB  . LEU A 1 11 ? -10.606 2.368   6.391   1.00 22.45 ? 11  LEU A CB  1 
ATOM   75  C  CG  . LEU A 1 11 ? -10.511 2.711   4.913   1.00 22.57 ? 11  LEU A CG  1 
ATOM   76  C  CD1 . LEU A 1 11 ? -9.187  2.229   4.326   1.00 24.67 ? 11  LEU A CD1 1 
ATOM   77  C  CD2 . LEU A 1 11 ? -11.694 2.117   4.177   1.00 23.62 ? 11  LEU A CD2 1 
ATOM   78  N  N   . LYS A 1 12 ? -12.461 1.171   8.723   1.00 22.44 ? 12  LYS A N   1 
ATOM   79  C  CA  . LYS A 1 12 ? -12.366 0.530   10.015  1.00 22.08 ? 12  LYS A CA  1 
ATOM   80  C  C   . LYS A 1 12 ? -12.003 -0.928  9.817   1.00 21.32 ? 12  LYS A C   1 
ATOM   81  O  O   . LYS A 1 12 ? -12.426 -1.556  8.848   1.00 21.05 ? 12  LYS A O   1 
ATOM   82  C  CB  . LYS A 1 12 ? -13.680 0.652   10.792  1.00 22.49 ? 12  LYS A CB  1 
ATOM   83  C  CG  . LYS A 1 12 ? -14.763 -0.303  10.321  1.00 23.59 ? 12  LYS A CG  1 
ATOM   84  N  N   . PRO A 1 13 ? -11.198 -1.467  10.732  1.00 20.80 ? 13  PRO A N   1 
ATOM   85  C  CA  . PRO A 1 13 ? -10.974 -2.901  10.733  1.00 20.04 ? 13  PRO A CA  1 
ATOM   86  C  C   . PRO A 1 13 ? -12.321 -3.619  10.741  1.00 19.06 ? 13  PRO A C   1 
ATOM   87  O  O   . PRO A 1 13 ? -13.273 -3.184  11.400  1.00 19.19 ? 13  PRO A O   1 
ATOM   88  C  CB  . PRO A 1 13 ? -10.215 -3.124  12.041  1.00 20.39 ? 13  PRO A CB  1 
ATOM   89  C  CG  . PRO A 1 13 ? -9.449  -1.840  12.233  1.00 21.21 ? 13  PRO A CG  1 
ATOM   90  C  CD  . PRO A 1 13 ? -10.385 -0.767  11.743  1.00 21.15 ? 13  PRO A CD  1 
ATOM   91  N  N   . SER A 1 14 ? -12.401 -4.709  9.999   1.00 17.88 ? 14  SER A N   1 
ATOM   92  C  CA  . SER A 1 14 ? -13.642 -5.454  9.891   1.00 17.33 ? 14  SER A CA  1 
ATOM   93  C  C   . SER A 1 14 ? -13.362 -6.836  10.416  1.00 16.54 ? 14  SER A C   1 
ATOM   94  O  O   . SER A 1 14 ? -12.410 -7.045  11.167  1.00 17.04 ? 14  SER A O   1 
ATOM   95  C  CB  . SER A 1 14 ? -14.081 -5.523  8.435   1.00 17.41 ? 14  SER A CB  1 
ATOM   96  O  OG  . SER A 1 14 ? -13.135 -6.252  7.674   1.00 18.08 ? 14  SER A OG  1 
ATOM   97  N  N   . ASP A 1 15 ? -14.182 -7.795  10.024  1.00 15.50 ? 15  ASP A N   1 
ATOM   98  C  CA  . ASP A 1 15 ? -13.954 -9.140  10.506  1.00 15.55 ? 15  ASP A CA  1 
ATOM   99  C  C   . ASP A 1 15 ? -13.071 -9.947  9.558   1.00 14.44 ? 15  ASP A C   1 
ATOM   100 O  O   . ASP A 1 15 ? -12.799 -11.113 9.815   1.00 14.17 ? 15  ASP A O   1 
ATOM   101 C  CB  . ASP A 1 15 ? -15.272 -9.850  10.841  1.00 16.55 ? 15  ASP A CB  1 
ATOM   102 C  CG  . ASP A 1 15 ? -16.106 -10.164 9.615   1.00 18.95 ? 15  ASP A CG  1 
ATOM   103 O  OD1 . ASP A 1 15 ? -17.142 -10.848 9.775   1.00 23.11 ? 15  ASP A OD1 1 
ATOM   104 O  OD2 . ASP A 1 15 ? -15.752 -9.745  8.500   1.00 22.14 ? 15  ASP A OD2 1 
ATOM   105 N  N   . LYS A 1 16 ? -12.598 -9.300  8.492   1.00 14.03 ? 16  LYS A N   1 
ATOM   106 C  CA  . LYS A 1 16 ? -11.696 -9.939  7.554   1.00 14.07 ? 16  LYS A CA  1 
ATOM   107 C  C   . LYS A 1 16 ? -10.675 -8.933  7.005   1.00 12.29 ? 16  LYS A C   1 
ATOM   108 O  O   . LYS A 1 16 ? -11.010 -7.776  6.808   1.00 12.37 ? 16  LYS A O   1 
ATOM   109 C  CB  . LYS A 1 16 ? -12.508 -10.539 6.409   1.00 15.15 ? 16  LYS A CB  1 
ATOM   110 C  CG  . LYS A 1 16 ? -11.742 -11.505 5.527   1.00 18.13 ? 16  LYS A CG  1 
ATOM   111 C  CD  . LYS A 1 16 ? -12.681 -12.290 4.614   1.00 21.40 ? 16  LYS A CD  1 
ATOM   112 C  CE  . LYS A 1 16 ? -11.940 -12.897 3.420   1.00 21.71 ? 16  LYS A CE  1 
ATOM   113 N  NZ  . LYS A 1 16 ? -11.034 -14.016 3.807   1.00 20.24 ? 16  LYS A NZ  1 
ATOM   114 N  N   . PRO A 1 17 ? -9.431  -9.373  6.748   1.00 11.08 ? 17  PRO A N   1 
ATOM   115 C  CA  . PRO A 1 17 ? -8.469  -8.415  6.197   1.00 10.36 ? 17  PRO A CA  1 
ATOM   116 C  C   . PRO A 1 17 ? -8.952  -7.910  4.863   1.00 9.80  ? 17  PRO A C   1 
ATOM   117 O  O   . PRO A 1 17 ? -9.560  -8.655  4.095   1.00 9.58  ? 17  PRO A O   1 
ATOM   118 C  CB  . PRO A 1 17 ? -7.213  -9.264  5.963   1.00 10.36 ? 17  PRO A CB  1 
ATOM   119 C  CG  . PRO A 1 17 ? -7.323  -10.384 6.932   1.00 12.79 ? 17  PRO A CG  1 
ATOM   120 C  CD  . PRO A 1 17 ? -8.809  -10.692 6.989   1.00 11.73 ? 17  PRO A CD  1 
ATOM   121 N  N   . PHE A 1 18 ? -8.652  -6.660  4.547   1.00 9.10  ? 18  PHE A N   1 
ATOM   122 C  CA  . PHE A 1 18 ? -8.968  -6.134  3.234   1.00 9.09  ? 18  PHE A CA  1 
ATOM   123 C  C   . PHE A 1 18 ? -7.936  -5.113  2.826   1.00 8.94  ? 18  PHE A C   1 
ATOM   124 O  O   . PHE A 1 18 ? -7.211  -4.591  3.674   1.00 9.17  ? 18  PHE A O   1 
ATOM   125 C  CB  . PHE A 1 18 ? -10.386 -5.541  3.169   1.00 9.37  ? 18  PHE A CB  1 
ATOM   126 C  CG  . PHE A 1 18 ? -10.595 -4.346  4.083   1.00 9.08  ? 18  PHE A CG  1 
ATOM   127 C  CD1 . PHE A 1 18 ? -11.076 -4.501  5.378   1.00 10.11 ? 18  PHE A CD1 1 
ATOM   128 C  CD2 . PHE A 1 18 ? -10.293 -3.059  3.647   1.00 9.47  ? 18  PHE A CD2 1 
ATOM   129 C  CE1 . PHE A 1 18 ? -11.262 -3.399  6.216   1.00 10.79 ? 18  PHE A CE1 1 
ATOM   130 C  CE2 . PHE A 1 18 ? -10.480 -1.950  4.475   1.00 9.94  ? 18  PHE A CE2 1 
ATOM   131 C  CZ  . PHE A 1 18 ? -10.959 -2.124  5.756   1.00 10.65 ? 18  PHE A CZ  1 
ATOM   132 N  N   . LYS A 1 19 ? -7.878  -4.848  1.527   1.00 8.93  ? 19  LYS A N   1 
ATOM   133 C  CA  . LYS A 1 19 ? -6.932  -3.914  0.947   1.00 9.92  ? 19  LYS A CA  1 
ATOM   134 C  C   . LYS A 1 19 ? -7.708  -2.796  0.288   1.00 10.19 ? 19  LYS A C   1 
ATOM   135 O  O   . LYS A 1 19 ? -8.759  -3.019  -0.315  1.00 10.74 ? 19  LYS A O   1 
ATOM   136 C  CB  . LYS A 1 19 ? -6.103  -4.618  -0.127  1.00 10.96 ? 19  LYS A CB  1 
ATOM   137 C  CG  . LYS A 1 19 ? -5.420  -5.889  0.341   1.00 13.89 ? 19  LYS A CG  1 
ATOM   138 C  CD  . LYS A 1 19 ? -4.716  -6.602  -0.794  1.00 16.98 ? 19  LYS A CD  1 
ATOM   139 C  CE  . LYS A 1 19 ? -4.014  -7.863  -0.294  1.00 19.09 ? 19  LYS A CE  1 
ATOM   140 N  NZ  . LYS A 1 19 ? -4.989  -8.962  -0.040  1.00 21.84 ? 19  LYS A NZ  1 
ATOM   141 N  N   . VAL A 1 20 ? -7.185  -1.588  0.411   1.00 10.07 ? 20  VAL A N   1 
ATOM   142 C  CA  . VAL A 1 20 ? -7.695  -0.458  -0.357  1.00 11.34 ? 20  VAL A CA  1 
ATOM   143 C  C   . VAL A 1 20 ? -6.546  0.097   -1.179  1.00 10.90 ? 20  VAL A C   1 
ATOM   144 O  O   . VAL A 1 20 ? -5.446  0.342   -0.670  1.00 10.62 ? 20  VAL A O   1 
ATOM   145 C  CB  . VAL A 1 20 ? -8.335  0.636   0.529   1.00 11.85 ? 20  VAL A CB  1 
ATOM   146 C  CG1 . VAL A 1 20 ? -9.641  0.136   1.094   1.00 13.19 ? 20  VAL A CG1 1 
ATOM   147 C  CG2 . VAL A 1 20 ? -7.407  1.027   1.635   1.00 13.95 ? 20  VAL A CG2 1 
ATOM   148 N  N   . SER A 1 21 ? -6.800  0.248   -2.469  1.00 11.93 ? 21  SER A N   1 
ATOM   149 C  CA  . SER A 1 21 ? -5.779  0.594   -3.433  1.00 13.26 ? 21  SER A CA  1 
ATOM   150 C  C   . SER A 1 21 ? -5.673  2.088   -3.594  1.00 13.88 ? 21  SER A C   1 
ATOM   151 O  O   . SER A 1 21 ? -6.673  2.805   -3.567  1.00 14.74 ? 21  SER A O   1 
ATOM   152 C  CB  . SER A 1 21 ? -6.122  -0.035  -4.782  1.00 14.23 ? 21  SER A CB  1 
ATOM   153 O  OG  . SER A 1 21 ? -5.159  0.316   -5.766  1.00 18.92 ? 21  SER A OG  1 
ATOM   154 N  N   . ASP A 1 22 ? -4.450  2.565   -3.733  1.00 14.24 ? 22  ASP A N   1 
ATOM   155 C  CA  . ASP A 1 22 ? -4.262  3.935   -4.158  1.00 15.83 ? 22  ASP A CA  1 
ATOM   156 C  C   . ASP A 1 22 ? -4.203  3.919   -5.679  1.00 17.11 ? 22  ASP A C   1 
ATOM   157 O  O   . ASP A 1 22 ? -5.206  4.187   -6.357  1.00 18.79 ? 22  ASP A O   1 
ATOM   158 C  CB  . ASP A 1 22 ? -3.012  4.542   -3.531  1.00 15.37 ? 22  ASP A CB  1 
ATOM   159 C  CG  . ASP A 1 22 ? -2.881  6.017   -3.825  1.00 15.93 ? 22  ASP A CG  1 
ATOM   160 O  OD1 . ASP A 1 22 ? -1.754  6.474   -4.098  1.00 14.75 ? 22  ASP A OD1 1 
ATOM   161 O  OD2 . ASP A 1 22 ? -3.909  6.736   -3.788  1.00 16.21 ? 22  ASP A OD2 1 
ATOM   162 N  N   . SER A 1 23 ? -3.051  3.563   -6.218  1.00 18.12 ? 23  SER A N   1 
ATOM   163 C  CA  . SER A 1 23 ? -2.895  3.320   -7.655  1.00 18.14 ? 23  SER A CA  1 
ATOM   164 C  C   . SER A 1 23 ? -1.517  2.725   -7.870  1.00 17.42 ? 23  SER A C   1 
ATOM   165 O  O   . SER A 1 23 ? -0.683  2.791   -6.970  1.00 16.26 ? 23  SER A O   1 
ATOM   166 C  CB  . SER A 1 23 ? -3.043  4.618   -8.464  1.00 18.57 ? 23  SER A CB  1 
ATOM   167 O  OG  . SER A 1 23 ? -2.091  5.590   -8.063  1.00 21.60 ? 23  SER A OG  1 
ATOM   168 N  N   . HIS A 1 24 ? -1.289  2.144   -9.049  1.00 16.77 ? 24  HIS A N   1 
ATOM   169 C  CA  . HIS A 1 24 ? 0.044   1.685   -9.454  1.00 16.64 ? 24  HIS A CA  1 
ATOM   170 C  C   . HIS A 1 24 ? 0.699   0.749   -8.457  1.00 15.67 ? 24  HIS A C   1 
ATOM   171 O  O   . HIS A 1 24 ? 1.883   0.883   -8.161  1.00 15.61 ? 24  HIS A O   1 
ATOM   172 C  CB  . HIS A 1 24 ? 0.957   2.878   -9.741  1.00 17.64 ? 24  HIS A CB  1 
ATOM   173 C  CG  . HIS A 1 24 ? 0.501   3.701   -10.900 1.00 20.36 ? 24  HIS A CG  1 
ATOM   174 N  ND1 . HIS A 1 24 ? 0.580   3.254   -12.202 1.00 24.14 ? 24  HIS A ND1 1 
ATOM   175 C  CD2 . HIS A 1 24 ? -0.065  4.929   -10.956 1.00 22.73 ? 24  HIS A CD2 1 
ATOM   176 C  CE1 . HIS A 1 24 ? 0.087   4.174   -13.011 1.00 24.45 ? 24  HIS A CE1 1 
ATOM   177 N  NE2 . HIS A 1 24 ? -0.306  5.203   -12.282 1.00 24.51 ? 24  HIS A NE2 1 
ATOM   178 N  N   . GLY A 1 25 ? -0.078  -0.200  -7.945  1.00 14.56 ? 25  GLY A N   1 
ATOM   179 C  CA  . GLY A 1 25 ? 0.456   -1.234  -7.076  1.00 13.97 ? 25  GLY A CA  1 
ATOM   180 C  C   . GLY A 1 25 ? 0.455   -0.931  -5.585  1.00 12.68 ? 25  GLY A C   1 
ATOM   181 O  O   . GLY A 1 25 ? 0.709   -1.817  -4.789  1.00 13.14 ? 25  GLY A O   1 
ATOM   182 N  N   . LEU A 1 26 ? 0.183   0.311   -5.203  1.00 11.68 ? 26  LEU A N   1 
ATOM   183 C  CA  . LEU A 1 26 ? 0.220   0.685   -3.788  1.00 11.01 ? 26  LEU A CA  1 
ATOM   184 C  C   . LEU A 1 26 ? -1.120  0.413   -3.136  1.00 10.94 ? 26  LEU A C   1 
ATOM   185 O  O   . LEU A 1 26 ? -2.156  0.817   -3.657  1.00 11.51 ? 26  LEU A O   1 
ATOM   186 C  CB  . LEU A 1 26 ? 0.568   2.166   -3.649  1.00 11.01 ? 26  LEU A CB  1 
ATOM   187 C  CG  . LEU A 1 26 ? 0.562   2.738   -2.229  1.00 11.26 ? 26  LEU A CG  1 
ATOM   188 C  CD1 . LEU A 1 26 ? 1.656   2.110   -1.370  1.00 11.20 ? 26  LEU A CD1 1 
ATOM   189 C  CD2 . LEU A 1 26 ? 0.705   4.258   -2.289  1.00 11.85 ? 26  LEU A CD2 1 
ATOM   190 N  N   . TYR A 1 27 ? -1.100  -0.246  -1.983  1.00 9.76  ? 27  TYR A N   1 
ATOM   191 C  CA  . TYR A 1 27 ? -2.329  -0.455  -1.244  1.00 9.70  ? 27  TYR A CA  1 
ATOM   192 C  C   . TYR A 1 27 ? -2.073  -0.456  0.245   1.00 9.17  ? 27  TYR A C   1 
ATOM   193 O  O   . TYR A 1 27 ? -0.947  -0.629  0.715   1.00 9.03  ? 27  TYR A O   1 
ATOM   194 C  CB  . TYR A 1 27 ? -3.029  -1.748  -1.685  1.00 9.90  ? 27  TYR A CB  1 
ATOM   195 C  CG  . TYR A 1 27 ? -2.313  -3.041  -1.394  1.00 10.36 ? 27  TYR A CG  1 
ATOM   196 C  CD1 . TYR A 1 27 ? -1.562  -3.669  -2.377  1.00 12.41 ? 27  TYR A CD1 1 
ATOM   197 C  CD2 . TYR A 1 27 ? -2.434  -3.663  -0.171  1.00 9.80  ? 27  TYR A CD2 1 
ATOM   198 C  CE1 . TYR A 1 27 ? -0.939  -4.866  -2.140  1.00 13.16 ? 27  TYR A CE1 1 
ATOM   199 C  CE2 . TYR A 1 27 ? -1.810  -4.865  0.082   1.00 10.11 ? 27  TYR A CE2 1 
ATOM   200 C  CZ  . TYR A 1 27 ? -1.061  -5.465  -0.914  1.00 12.35 ? 27  TYR A CZ  1 
ATOM   201 O  OH  . TYR A 1 27 ? -0.433  -6.668  -0.663  1.00 15.54 ? 27  TYR A OH  1 
ATOM   202 N  N   . LEU A 1 28 ? -3.150  -0.240  0.984   1.00 8.33  ? 28  LEU A N   1 
ATOM   203 C  CA  . LEU A 1 28 ? -3.133  -0.311  2.430   1.00 8.44  ? 28  LEU A CA  1 
ATOM   204 C  C   . LEU A 1 28 ? -3.877  -1.569  2.834   1.00 8.10  ? 28  LEU A C   1 
ATOM   205 O  O   . LEU A 1 28 ? -5.034  -1.750  2.434   1.00 8.87  ? 28  LEU A O   1 
ATOM   206 C  CB  . LEU A 1 28 ? -3.825  0.921   3.030   1.00 8.52  ? 28  LEU A CB  1 
ATOM   207 C  CG  . LEU A 1 28 ? -3.702  1.028   4.552   1.00 8.61  ? 28  LEU A CG  1 
ATOM   208 C  CD1 . LEU A 1 28 ? -2.277  1.423   4.958   1.00 9.46  ? 28  LEU A CD1 1 
ATOM   209 C  CD2 . LEU A 1 28 ? -4.719  2.026   5.114   1.00 10.10 ? 28  LEU A CD2 1 
ATOM   210 N  N   . LEU A 1 29 ? -3.224  -2.414  3.625   1.00 8.03  ? 29  LEU A N   1 
ATOM   211 C  CA  . LEU A 1 29 ? -3.828  -3.633  4.150   1.00 8.55  ? 29  LEU A CA  1 
ATOM   212 C  C   . LEU A 1 29 ? -4.329  -3.342  5.549   1.00 8.55  ? 29  LEU A C   1 
ATOM   213 O  O   . LEU A 1 29 ? -3.555  -2.953  6.420   1.00 8.28  ? 29  LEU A O   1 
ATOM   214 C  CB  . LEU A 1 29 ? -2.795  -4.755  4.202   1.00 9.67  ? 29  LEU A CB  1 
ATOM   215 C  CG  . LEU A 1 29 ? -3.271  -6.082  4.824   1.00 11.63 ? 29  LEU A CG  1 
ATOM   216 C  CD1 . LEU A 1 29 ? -4.384  -6.692  4.009   1.00 13.50 ? 29  LEU A CD1 1 
ATOM   217 C  CD2 . LEU A 1 29 ? -2.134  -7.080  4.960   1.00 14.16 ? 29  LEU A CD2 1 
ATOM   218 N  N   . VAL A 1 30 ? -5.627  -3.542  5.748   1.00 7.94  ? 30  VAL A N   1 
ATOM   219 C  CA  . VAL A 1 30 ? -6.274  -3.286  7.014   1.00 8.66  ? 30  VAL A CA  1 
ATOM   220 C  C   . VAL A 1 30 ? -6.746  -4.607  7.593   1.00 8.87  ? 30  VAL A C   1 
ATOM   221 O  O   . VAL A 1 30 ? -7.571  -5.290  6.993   1.00 8.81  ? 30  VAL A O   1 
ATOM   222 C  CB  . VAL A 1 30 ? -7.464  -2.343  6.850   1.00 8.95  ? 30  VAL A CB  1 
ATOM   223 C  CG1 . VAL A 1 30 ? -8.087  -2.079  8.190   1.00 10.99 ? 30  VAL A CG1 1 
ATOM   224 C  CG2 . VAL A 1 30 ? -7.019  -1.023  6.207   1.00 10.23 ? 30  VAL A CG2 1 
ATOM   225 N  N   . LYS A 1 31 ? -6.228  -4.961  8.757   1.00 9.12  ? 31  LYS A N   1 
ATOM   226 C  CA  . LYS A 1 31 ? -6.533  -6.251  9.386   1.00 9.79  ? 31  LYS A CA  1 
ATOM   227 C  C   . LYS A 1 31 ? -7.501  -6.088  10.548  1.00 10.28 ? 31  LYS A C   1 
ATOM   228 O  O   . LYS A 1 31 ? -7.569  -5.023  11.157  1.00 10.68 ? 31  LYS A O   1 
ATOM   229 C  CB  . LYS A 1 31 ? -5.252  -6.903  9.897   1.00 10.91 ? 31  LYS A CB  1 
ATOM   230 C  CG  . LYS A 1 31 ? -4.289  -7.285  8.793   1.00 13.02 ? 31  LYS A CG  1 
ATOM   231 C  CD  . LYS A 1 31 ? -2.996  -7.822  9.349   1.00 18.94 ? 31  LYS A CD  1 
ATOM   232 C  CE  . LYS A 1 31 ? -3.149  -9.228  9.843   1.00 21.61 ? 31  LYS A CE  1 
ATOM   233 N  NZ  . LYS A 1 31 ? -1.817  -9.890  9.887   1.00 24.79 ? 31  LYS A NZ  1 
ATOM   234 N  N   . PRO A 1 32 ? -8.239  -7.169  10.888  1.00 10.52 ? 32  PRO A N   1 
ATOM   235 C  CA  . PRO A 1 32 ? -9.225  -7.084  11.971  1.00 11.85 ? 32  PRO A CA  1 
ATOM   236 C  C   . PRO A 1 32 ? -8.635  -6.612  13.291  1.00 13.32 ? 32  PRO A C   1 
ATOM   237 O  O   . PRO A 1 32 ? -9.317  -5.900  14.024  1.00 15.15 ? 32  PRO A O   1 
ATOM   238 C  CB  . PRO A 1 32 ? -9.755  -8.523  12.072  1.00 12.35 ? 32  PRO A CB  1 
ATOM   239 C  CG  . PRO A 1 32 ? -9.648  -9.008  10.672  1.00 12.27 ? 32  PRO A CG  1 
ATOM   240 C  CD  . PRO A 1 32 ? -8.378  -8.421  10.124  1.00 10.72 ? 32  PRO A CD  1 
ATOM   241 N  N   . GLY A 1 33 ? -7.392  -6.982  13.585  1.00 13.72 ? 33  GLY A N   1 
ATOM   242 C  CA  . GLY A 1 33 ? -6.752  -6.580  14.844  1.00 14.74 ? 33  GLY A CA  1 
ATOM   243 C  C   . GLY A 1 33 ? -6.332  -5.117  14.871  1.00 15.11 ? 33  GLY A C   1 
ATOM   244 O  O   . GLY A 1 33 ? -5.838  -4.633  15.891  1.00 16.88 ? 33  GLY A O   1 
ATOM   245 N  N   . GLY A 1 34 ? -6.500  -4.402  13.760  1.00 14.38 ? 34  GLY A N   1 
ATOM   246 C  CA  . GLY A 1 34 ? -6.215  -2.978  13.750  1.00 14.64 ? 34  GLY A CA  1 
ATOM   247 C  C   . GLY A 1 34 ? -5.000  -2.537  12.951  1.00 14.57 ? 34  GLY A C   1 
ATOM   248 O  O   . GLY A 1 34 ? -4.830  -1.341  12.703  1.00 15.42 ? 34  GLY A O   1 
ATOM   249 N  N   . SER A 1 35 ? -4.152  -3.479  12.549  1.00 14.08 ? 35  SER A N   1 
ATOM   250 C  CA  . SER A 1 35 ? -2.984  -3.138  11.726  1.00 14.39 ? 35  SER A CA  1 
ATOM   251 C  C   . SER A 1 35 ? -3.403  -2.451  10.424  1.00 12.94 ? 35  SER A C   1 
ATOM   252 O  O   . SER A 1 35 ? -4.331  -2.897  9.746   1.00 12.12 ? 35  SER A O   1 
ATOM   253 C  CB  . SER A 1 35 ? -2.201  -4.411  11.367  1.00 15.45 ? 35  SER A CB  1 
ATOM   254 O  OG  . SER A 1 35 ? -1.056  -4.129  10.569  1.00 18.44 ? 35  SER A OG  1 
ATOM   255 N  N   . ARG A 1 36 ? -2.703  -1.373  10.066  1.00 11.37 ? 36  ARG A N   1 
ATOM   256 C  CA  . ARG A 1 36 ? -2.856  -0.736  8.765   1.00 10.84 ? 36  ARG A CA  1 
ATOM   257 C  C   . ARG A 1 36 ? -1.453  -0.616  8.190   1.00 10.39 ? 36  ARG A C   1 
ATOM   258 O  O   . ARG A 1 36 ? -0.631  0.130   8.733   1.00 11.42 ? 36  ARG A O   1 
ATOM   259 C  CB  . ARG A 1 36 ? -3.512  0.637   8.897   1.00 11.06 ? 36  ARG A CB  1 
ATOM   260 C  CG  . ARG A 1 36 ? -4.947  0.553   9.396   1.00 13.58 ? 36  ARG A CG  1 
ATOM   261 C  CD  . ARG A 1 36 ? -5.552  1.922   9.672   1.00 16.80 ? 36  ARG A CD  1 
ATOM   262 N  NE  . ARG A 1 36 ? -4.888  2.584   10.786  1.00 20.13 ? 36  ARG A NE  1 
ATOM   263 C  CZ  . ARG A 1 36 ? -5.263  3.756   11.287  1.00 21.10 ? 36  ARG A CZ  1 
ATOM   264 N  NH1 . ARG A 1 36 ? -4.596  4.283   12.306  1.00 22.82 ? 36  ARG A NH1 1 
ATOM   265 N  NH2 . ARG A 1 36 ? -6.307  4.394   10.771  1.00 23.14 ? 36  ARG A NH2 1 
ATOM   266 N  N   . HIS A 1 37 ? -1.168  -1.344  7.117   1.00 9.31  ? 37  HIS A N   1 
ATOM   267 C  CA  . HIS A 1 37 ? 0.199   -1.396  6.608   1.00 9.07  ? 37  HIS A CA  1 
ATOM   268 C  C   . HIS A 1 37 ? 0.224   -1.208  5.098   1.00 8.60  ? 37  HIS A C   1 
ATOM   269 O  O   . HIS A 1 37 ? -0.600  -1.766  4.377   1.00 9.28  ? 37  HIS A O   1 
ATOM   270 C  CB  . HIS A 1 37 ? 0.853   -2.725  7.011   1.00 9.95  ? 37  HIS A CB  1 
ATOM   271 C  CG  . HIS A 1 37 ? 2.337   -2.639  7.185   1.00 11.35 ? 37  HIS A CG  1 
ATOM   272 N  ND1 . HIS A 1 37 ? 2.931   -2.395  8.406   1.00 12.32 ? 37  HIS A ND1 1 
ATOM   273 C  CD2 . HIS A 1 37 ? 3.350   -2.766  6.293   1.00 12.58 ? 37  HIS A CD2 1 
ATOM   274 C  CE1 . HIS A 1 37 ? 4.246   -2.376  8.256   1.00 13.19 ? 37  HIS A CE1 1 
ATOM   275 N  NE2 . HIS A 1 37 ? 4.524   -2.585  6.984   1.00 13.46 ? 37  HIS A NE2 1 
ATOM   276 N  N   . TRP A 1 38 ? 1.205   -0.451  4.623   1.00 8.16  ? 38  TRP A N   1 
ATOM   277 C  CA  . TRP A 1 38 ? 1.360   -0.189  3.206   1.00 7.70  ? 38  TRP A CA  1 
ATOM   278 C  C   . TRP A 1 38 ? 2.137   -1.292  2.521   1.00 7.61  ? 38  TRP A C   1 
ATOM   279 O  O   . TRP A 1 38 ? 3.154   -1.760  3.018   1.00 7.81  ? 38  TRP A O   1 
ATOM   280 C  CB  . TRP A 1 38 ? 2.166   1.094   3.013   1.00 8.13  ? 38  TRP A CB  1 
ATOM   281 C  CG  . TRP A 1 38 ? 1.481   2.323   3.454   1.00 7.32  ? 38  TRP A CG  1 
ATOM   282 C  CD1 . TRP A 1 38 ? 1.820   3.107   4.516   1.00 8.20  ? 38  TRP A CD1 1 
ATOM   283 C  CD2 . TRP A 1 38 ? 0.348   2.938   2.844   1.00 7.78  ? 38  TRP A CD2 1 
ATOM   284 N  NE1 . TRP A 1 38 ? 0.967   4.176   4.604   1.00 9.21  ? 38  TRP A NE1 1 
ATOM   285 C  CE2 . TRP A 1 38 ? 0.055   4.101   3.587   1.00 8.00  ? 38  TRP A CE2 1 
ATOM   286 C  CE3 . TRP A 1 38 ? -0.457  2.619   1.749   1.00 8.37  ? 38  TRP A CE3 1 
ATOM   287 C  CZ2 . TRP A 1 38 ? -1.013  4.941   3.272   1.00 9.16  ? 38  TRP A CZ2 1 
ATOM   288 C  CZ3 . TRP A 1 38 ? -1.510  3.465   1.431   1.00 10.01 ? 38  TRP A CZ3 1 
ATOM   289 C  CH2 . TRP A 1 38 ? -1.786  4.601   2.204   1.00 10.11 ? 38  TRP A CH2 1 
ATOM   290 N  N   . TYR A 1 39 ? 1.682   -1.657  1.338   1.00 8.08  ? 39  TYR A N   1 
ATOM   291 C  CA  . TYR A 1 39 ? 2.410   -2.603  0.505   1.00 8.88  ? 39  TYR A CA  1 
ATOM   292 C  C   . TYR A 1 39 ? 2.422   -2.107  -0.919  1.00 9.30  ? 39  TYR A C   1 
ATOM   293 O  O   . TYR A 1 39 ? 1.506   -1.408  -1.363  1.00 10.21 ? 39  TYR A O   1 
ATOM   294 C  CB  . TYR A 1 39 ? 1.767   -3.992  0.534   1.00 8.83  ? 39  TYR A CB  1 
ATOM   295 C  CG  . TYR A 1 39 ? 1.853   -4.687  1.862   1.00 9.56  ? 39  TYR A CG  1 
ATOM   296 C  CD1 . TYR A 1 39 ? 0.877   -4.487  2.831   1.00 10.60 ? 39  TYR A CD1 1 
ATOM   297 C  CD2 . TYR A 1 39 ? 2.917   -5.531  2.173   1.00 10.37 ? 39  TYR A CD2 1 
ATOM   298 C  CE1 . TYR A 1 39 ? 0.946   -5.114  4.048   1.00 12.55 ? 39  TYR A CE1 1 
ATOM   299 C  CE2 . TYR A 1 39 ? 2.993   -6.162  3.403   1.00 12.44 ? 39  TYR A CE2 1 
ATOM   300 C  CZ  . TYR A 1 39 ? 1.995   -5.944  4.328   1.00 12.24 ? 39  TYR A CZ  1 
ATOM   301 O  OH  . TYR A 1 39 ? 2.039   -6.558  5.567   1.00 15.99 ? 39  TYR A OH  1 
ATOM   302 N  N   . LEU A 1 40 ? 3.468   -2.487  -1.642  1.00 9.66  ? 40  LEU A N   1 
ATOM   303 C  CA  . LEU A 1 40 ? 3.504   -2.269  -3.077  1.00 10.19 ? 40  LEU A CA  1 
ATOM   304 C  C   . LEU A 1 40 ? 3.647   -3.610  -3.765  1.00 10.61 ? 40  LEU A C   1 
ATOM   305 O  O   . LEU A 1 40 ? 4.592   -4.361  -3.495  1.00 10.48 ? 40  LEU A O   1 
ATOM   306 C  CB  . LEU A 1 40 ? 4.673   -1.372  -3.468  1.00 11.77 ? 40  LEU A CB  1 
ATOM   307 C  CG  . LEU A 1 40 ? 4.751   -0.994  -4.943  1.00 13.42 ? 40  LEU A CG  1 
ATOM   308 C  CD1 . LEU A 1 40 ? 3.650   -0.011  -5.270  1.00 16.66 ? 40  LEU A CD1 1 
ATOM   309 C  CD2 . LEU A 1 40 ? 6.083   -0.364  -5.239  1.00 17.54 ? 40  LEU A CD2 1 
ATOM   310 N  N   . LYS A 1 41 ? 2.705   -3.910  -4.645  1.00 11.24 ? 41  LYS A N   1 
ATOM   311 C  CA  . LYS A 1 41 ? 2.799   -5.158  -5.403  1.00 12.17 ? 41  LYS A CA  1 
ATOM   312 C  C   . LYS A 1 41 ? 3.487   -4.906  -6.729  1.00 12.97 ? 41  LYS A C   1 
ATOM   313 O  O   . LYS A 1 41 ? 3.409   -3.809  -7.271  1.00 14.08 ? 41  LYS A O   1 
ATOM   314 C  CB  . LYS A 1 41 ? 1.443   -5.848  -5.572  1.00 14.21 ? 41  LYS A CB  1 
ATOM   315 C  CG  . LYS A 1 41 ? 0.343   -4.969  -6.054  1.00 15.39 ? 41  LYS A CG  1 
ATOM   316 C  CD  . LYS A 1 41 ? -0.958  -5.756  -6.169  1.00 17.72 ? 41  LYS A CD  1 
ATOM   317 C  CE  . LYS A 1 41 ? -2.002  -4.909  -6.844  1.00 19.14 ? 41  LYS A CE  1 
ATOM   318 N  NZ  . LYS A 1 41 ? -3.219  -5.704  -7.063  1.00 20.14 ? 41  LYS A NZ  1 
ATOM   319 N  N   . TYR A 1 42 ? 4.203   -5.912  -7.206  1.00 12.94 ? 42  TYR A N   1 
ATOM   320 C  CA  . TYR A 1 42 ? 4.971   -5.784  -8.437  1.00 14.27 ? 42  TYR A CA  1 
ATOM   321 C  C   . TYR A 1 42 ? 5.008   -7.144  -9.102  1.00 14.90 ? 42  TYR A C   1 
ATOM   322 O  O   . TYR A 1 42 ? 4.946   -8.175  -8.428  1.00 14.20 ? 42  TYR A O   1 
ATOM   323 C  CB  . TYR A 1 42 ? 6.399   -5.274  -8.158  1.00 14.46 ? 42  TYR A CB  1 
ATOM   324 C  CG  . TYR A 1 42 ? 7.229   -6.175  -7.269  1.00 16.04 ? 42  TYR A CG  1 
ATOM   325 C  CD1 . TYR A 1 42 ? 7.073   -6.163  -5.882  1.00 18.00 ? 42  TYR A CD1 1 
ATOM   326 C  CD2 . TYR A 1 42 ? 8.181   -7.031  -7.809  1.00 17.90 ? 42  TYR A CD2 1 
ATOM   327 C  CE1 . TYR A 1 42 ? 7.829   -6.993  -5.074  1.00 18.08 ? 42  TYR A CE1 1 
ATOM   328 C  CE2 . TYR A 1 42 ? 8.933   -7.865  -7.012  1.00 19.58 ? 42  TYR A CE2 1 
ATOM   329 C  CZ  . TYR A 1 42 ? 8.760   -7.842  -5.647  1.00 19.92 ? 42  TYR A CZ  1 
ATOM   330 O  OH  . TYR A 1 42 ? 9.514   -8.672  -4.845  1.00 22.32 ? 42  TYR A OH  1 
ATOM   331 N  N   . ARG A 1 43 ? 5.124   -7.148  -10.424 1.00 16.47 ? 43  ARG A N   1 
ATOM   332 C  CA  . ARG A 1 43 ? 5.056   -8.375  -11.190 1.00 18.12 ? 43  ARG A CA  1 
ATOM   333 C  C   . ARG A 1 43 ? 6.284   -8.444  -12.068 1.00 19.08 ? 43  ARG A C   1 
ATOM   334 O  O   . ARG A 1 43 ? 6.592   -7.487  -12.776 1.00 19.73 ? 43  ARG A O   1 
ATOM   335 C  CB  . ARG A 1 43 ? 3.780   -8.396  -12.032 1.00 18.77 ? 43  ARG A CB  1 
ATOM   336 C  CG  . ARG A 1 43 ? 3.511   -9.704  -12.764 1.00 21.85 ? 43  ARG A CG  1 
ATOM   337 C  CD  . ARG A 1 43 ? 2.167   -9.646  -13.465 1.00 25.18 ? 43  ARG A CD  1 
ATOM   338 N  NE  . ARG A 1 43 ? 1.948   -10.802 -14.333 1.00 27.84 ? 43  ARG A NE  1 
ATOM   339 N  N   . ILE A 1 44 ? 6.995   -9.564  -11.997 1.00 19.78 ? 44  ILE A N   1 
ATOM   340 C  CA  . ILE A 1 44 ? 8.156   -9.799  -12.844 1.00 21.50 ? 44  ILE A CA  1 
ATOM   341 C  C   . ILE A 1 44 ? 8.082   -11.197 -13.438 1.00 21.79 ? 44  ILE A C   1 
ATOM   342 O  O   . ILE A 1 44 ? 7.924   -12.177 -12.719 1.00 21.77 ? 44  ILE A O   1 
ATOM   343 C  CB  . ILE A 1 44 ? 9.453   -9.640  -12.062 1.00 21.79 ? 44  ILE A CB  1 
ATOM   344 C  CG1 . ILE A 1 44 ? 9.545   -8.219  -11.502 1.00 23.41 ? 44  ILE A CG1 1 
ATOM   345 C  CG2 . ILE A 1 44 ? 10.654  -9.930  -12.963 1.00 22.98 ? 44  ILE A CG2 1 
ATOM   346 C  CD1 . ILE A 1 44 ? 10.771  -7.977  -10.690 1.00 24.70 ? 44  ILE A CD1 1 
ATOM   347 N  N   . SER A 1 45 ? 8.199   -11.269 -14.759 1.00 22.62 ? 45  SER A N   1 
ATOM   348 C  CA  . SER A 1 45 ? 8.057   -12.519 -15.503 1.00 23.27 ? 45  SER A CA  1 
ATOM   349 C  C   . SER A 1 45 ? 6.979   -13.455 -14.955 1.00 22.24 ? 45  SER A C   1 
ATOM   350 O  O   . SER A 1 45 ? 7.235   -14.613 -14.640 1.00 22.86 ? 45  SER A O   1 
ATOM   351 C  CB  . SER A 1 45 ? 9.404   -13.236 -15.659 1.00 23.68 ? 45  SER A CB  1 
ATOM   352 O  OG  . SER A 1 45 ? 10.187  -13.167 -14.483 1.00 26.97 ? 45  SER A OG  1 
ATOM   353 N  N   . GLY A 1 46 ? 5.765   -12.937 -14.861 1.00 21.18 ? 46  GLY A N   1 
ATOM   354 C  CA  . GLY A 1 46 ? 4.612   -13.761 -14.543 1.00 19.59 ? 46  GLY A CA  1 
ATOM   355 C  C   . GLY A 1 46 ? 4.411   -14.068 -13.071 1.00 18.24 ? 46  GLY A C   1 
ATOM   356 O  O   . GLY A 1 46 ? 3.451   -14.740 -12.720 1.00 19.27 ? 46  GLY A O   1 
ATOM   357 N  N   . LYS A 1 47 ? 5.301   -13.576 -12.214 1.00 16.18 ? 47  LYS A N   1 
ATOM   358 C  CA  . LYS A 1 47 ? 5.182   -13.787 -10.775 1.00 14.78 ? 47  LYS A CA  1 
ATOM   359 C  C   . LYS A 1 47 ? 4.932   -12.456 -10.096 1.00 13.63 ? 47  LYS A C   1 
ATOM   360 O  O   . LYS A 1 47 ? 5.592   -11.464 -10.391 1.00 14.18 ? 47  LYS A O   1 
ATOM   361 C  CB  . LYS A 1 47 ? 6.465   -14.398 -10.236 1.00 14.77 ? 47  LYS A CB  1 
ATOM   362 C  CG  . LYS A 1 47 ? 6.735   -15.786 -10.815 1.00 16.65 ? 47  LYS A CG  1 
ATOM   363 C  CD  . LYS A 1 47 ? 7.985   -16.407 -10.235 1.00 19.94 ? 47  LYS A CD  1 
ATOM   364 C  CE  . LYS A 1 47 ? 8.232   -17.774 -10.845 1.00 22.31 ? 47  LYS A CE  1 
ATOM   365 N  NZ  . LYS A 1 47 ? 8.517   -17.690 -12.301 1.00 25.17 ? 47  LYS A NZ  1 
ATOM   366 N  N   . GLU A 1 48 ? 3.984   -12.425 -9.174  1.00 11.84 ? 48  GLU A N   1 
ATOM   367 C  CA  . GLU A 1 48 ? 3.694   -11.194 -8.458  1.00 11.88 ? 48  GLU A CA  1 
ATOM   368 C  C   . GLU A 1 48 ? 4.100   -11.341 -6.998  1.00 11.48 ? 48  GLU A C   1 
ATOM   369 O  O   . GLU A 1 48 ? 3.786   -12.342 -6.359  1.00 10.71 ? 48  GLU A O   1 
ATOM   370 C  CB  . GLU A 1 48 ? 2.213   -10.866 -8.582  1.00 12.36 ? 48  GLU A CB  1 
ATOM   371 C  CG  . GLU A 1 48 ? 1.838   -9.552  -7.915  1.00 14.48 ? 48  GLU A CG  1 
ATOM   372 C  CD  . GLU A 1 48 ? 0.341   -9.342  -7.862  1.00 16.89 ? 48  GLU A CD  1 
ATOM   373 O  OE1 . GLU A 1 48 ? -0.225  -9.366  -6.754  1.00 18.61 ? 48  GLU A OE1 1 
ATOM   374 O  OE2 . GLU A 1 48 ? -0.271  -9.168  -8.931  1.00 20.21 ? 48  GLU A OE2 1 
ATOM   375 N  N   . SER A 1 49 ? 4.810   -10.352 -6.469  1.00 11.43 ? 49  SER A N   1 
ATOM   376 C  CA  . SER A 1 49 ? 5.178   -10.332 -5.059  1.00 11.78 ? 49  SER A CA  1 
ATOM   377 C  C   . SER A 1 49 ? 4.804   -8.950  -4.516  1.00 11.55 ? 49  SER A C   1 
ATOM   378 O  O   . SER A 1 49 ? 4.267   -8.115  -5.232  1.00 11.76 ? 49  SER A O   1 
ATOM   379 C  CB  . SER A 1 49 ? 6.669   -10.648 -4.879  1.00 12.59 ? 49  SER A CB  1 
ATOM   380 O  OG  . SER A 1 49 ? 6.945   -12.022 -5.150  1.00 14.13 ? 49  SER A OG  1 
ATOM   381 N  N   . ARG A 1 50 ? 5.072   -8.718  -3.248  1.00 11.59 ? 50  ARG A N   1 
ATOM   382 C  CA  . ARG A 1 50 ? 4.776   -7.414  -2.688  1.00 12.15 ? 50  ARG A CA  1 
ATOM   383 C  C   . ARG A 1 50 ? 5.869   -7.069  -1.714  1.00 12.25 ? 50  ARG A C   1 
ATOM   384 O  O   . ARG A 1 50 ? 6.527   -7.950  -1.153  1.00 13.43 ? 50  ARG A O   1 
ATOM   385 C  CB  . ARG A 1 50 ? 3.434   -7.434  -1.960  1.00 12.86 ? 50  ARG A CB  1 
ATOM   386 C  CG  . ARG A 1 50 ? 3.539   -8.158  -0.636  1.00 15.23 ? 50  ARG A CG  1 
ATOM   387 C  CD  . ARG A 1 50 ? 2.209   -8.418  0.016   1.00 19.22 ? 50  ARG A CD  1 
ATOM   388 N  NE  . ARG A 1 50 ? 2.384   -9.103  1.288   1.00 21.27 ? 50  ARG A NE  1 
ATOM   389 C  CZ  . ARG A 1 50 ? 1.405   -9.297  2.166   1.00 23.82 ? 50  ARG A CZ  1 
ATOM   390 N  NH1 . ARG A 1 50 ? 0.178   -8.861  1.900   1.00 25.64 ? 50  ARG A NH1 1 
ATOM   391 N  NH2 . ARG A 1 50 ? 1.648   -9.930  3.305   1.00 25.53 ? 50  ARG A NH2 1 
ATOM   392 N  N   . ILE A 1 51 ? 6.064   -5.780  -1.491  1.00 11.79 ? 51  ILE A N   1 
ATOM   393 C  CA  . ILE A 1 51 ? 6.938   -5.392  -0.402  1.00 12.73 ? 51  ILE A CA  1 
ATOM   394 C  C   . ILE A 1 51 ? 6.250   -4.419  0.501   1.00 11.32 ? 51  ILE A C   1 
ATOM   395 O  O   . ILE A 1 51 ? 5.484   -3.545  0.088   1.00 11.20 ? 51  ILE A O   1 
ATOM   396 C  CB  . ILE A 1 51 ? 8.260   -4.814  -0.827  1.00 13.95 ? 51  ILE A CB  1 
ATOM   397 C  CG1 . ILE A 1 51 ? 8.025   -3.666  -1.784  1.00 13.21 ? 51  ILE A CG1 1 
ATOM   398 C  CG2 . ILE A 1 51 ? 9.178   -5.918  -1.365  1.00 16.29 ? 51  ILE A CG2 1 
ATOM   399 C  CD1 . ILE A 1 51 ? 9.248   -2.765  -1.903  1.00 18.70 ? 51  ILE A CD1 1 
ATOM   400 N  N   . ALA A 1 52 ? 6.520   -4.620  1.763   1.00 10.77 ? 52  ALA A N   1 
ATOM   401 C  CA  . ALA A 1 52 ? 5.987   -3.784  2.806   1.00 9.76  ? 52  ALA A CA  1 
ATOM   402 C  C   . ALA A 1 52 ? 6.692   -2.431  2.781   1.00 9.78  ? 52  ALA A C   1 
ATOM   403 O  O   . ALA A 1 52 ? 7.902   -2.360  2.658   1.00 10.45 ? 52  ALA A O   1 
ATOM   404 C  CB  . ALA A 1 52 ? 6.211   -4.459  4.140   1.00 10.43 ? 52  ALA A CB  1 
ATOM   405 N  N   . LEU A 1 53 ? 5.928   -1.361  2.919   1.00 9.31  ? 53  LEU A N   1 
ATOM   406 C  CA  . LEU A 1 53 ? 6.490   -0.015  2.918   1.00 9.64  ? 53  LEU A CA  1 
ATOM   407 C  C   . LEU A 1 53 ? 6.375   0.671   4.254   1.00 10.32 ? 53  LEU A C   1 
ATOM   408 O  O   . LEU A 1 53 ? 6.879   1.784   4.403   1.00 11.54 ? 53  LEU A O   1 
ATOM   409 C  CB  . LEU A 1 53 ? 5.811   0.868   1.897   1.00 10.22 ? 53  LEU A CB  1 
ATOM   410 C  CG  . LEU A 1 53 ? 5.804   0.399   0.455   1.00 10.27 ? 53  LEU A CG  1 
ATOM   411 C  CD1 . LEU A 1 53 ? 5.137   1.427   -0.455  1.00 11.48 ? 53  LEU A CD1 1 
ATOM   412 C  CD2 . LEU A 1 53 ? 7.225   0.133   -0.006  1.00 10.93 ? 53  LEU A CD2 1 
ATOM   413 N  N   . GLY A 1 54 ? 5.692   0.046   5.211   1.00 9.36  ? 54  GLY A N   1 
ATOM   414 C  CA  . GLY A 1 54 ? 5.621   0.582   6.563   1.00 9.74  ? 54  GLY A CA  1 
ATOM   415 C  C   . GLY A 1 54 ? 4.202   0.713   7.079   1.00 9.43  ? 54  GLY A C   1 
ATOM   416 O  O   . GLY A 1 54 ? 3.230   0.660   6.335   1.00 9.88  ? 54  GLY A O   1 
ATOM   417 N  N   . ALA A 1 55 ? 4.088   0.910   8.377   1.00 8.80  ? 55  ALA A N   1 
ATOM   418 C  CA  . ALA A 1 55 ? 2.802   1.075   9.019   1.00 9.56  ? 55  ALA A CA  1 
ATOM   419 C  C   . ALA A 1 55 ? 2.252   2.481   8.845   1.00 9.81  ? 55  ALA A C   1 
ATOM   420 O  O   . ALA A 1 55 ? 3.001   3.471   8.898   1.00 10.13 ? 55  ALA A O   1 
ATOM   421 C  CB  . ALA A 1 55 ? 2.933   0.751   10.488  1.00 10.19 ? 55  ALA A CB  1 
ATOM   422 N  N   . TYR A 1 56 ? 0.950   2.564   8.635   1.00 9.28  ? 56  TYR A N   1 
ATOM   423 C  CA  . TYR A 1 56 ? 0.223   3.812   8.697   1.00 9.88  ? 56  TYR A CA  1 
ATOM   424 C  C   . TYR A 1 56 ? -0.289  3.994   10.121  1.00 10.69 ? 56  TYR A C   1 
ATOM   425 O  O   . TYR A 1 56 ? -0.773  3.040   10.710  1.00 11.91 ? 56  TYR A O   1 
ATOM   426 C  CB  . TYR A 1 56 ? -0.954  3.729   7.722   1.00 9.49  ? 56  TYR A CB  1 
ATOM   427 C  CG  . TYR A 1 56 ? -1.872  4.921   7.777   1.00 10.48 ? 56  TYR A CG  1 
ATOM   428 C  CD1 . TYR A 1 56 ? -1.659  6.030   6.964   1.00 11.37 ? 56  TYR A CD1 1 
ATOM   429 C  CD2 . TYR A 1 56 ? -2.936  4.958   8.678   1.00 11.73 ? 56  TYR A CD2 1 
ATOM   430 C  CE1 . TYR A 1 56 ? -2.500  7.139   7.028   1.00 12.49 ? 56  TYR A CE1 1 
ATOM   431 C  CE2 . TYR A 1 56 ? -3.770  6.057   8.747   1.00 13.23 ? 56  TYR A CE2 1 
ATOM   432 C  CZ  . TYR A 1 56 ? -3.542  7.134   7.923   1.00 13.27 ? 56  TYR A CZ  1 
ATOM   433 O  OH  . TYR A 1 56 ? -4.375  8.232   7.998   1.00 16.46 ? 56  TYR A OH  1 
ATOM   434 N  N   . PRO A 1 57 ? -0.244  5.223   10.668  1.00 11.35 ? 57  PRO A N   1 
ATOM   435 C  CA  . PRO A 1 57 ? 0.102   6.495   10.043  1.00 11.38 ? 57  PRO A CA  1 
ATOM   436 C  C   . PRO A 1 57 ? 1.571   6.925   10.161  1.00 11.52 ? 57  PRO A C   1 
ATOM   437 O  O   . PRO A 1 57 ? 1.921   8.010   9.693   1.00 12.55 ? 57  PRO A O   1 
ATOM   438 C  CB  . PRO A 1 57 ? -0.787  7.488   10.808  1.00 12.19 ? 57  PRO A CB  1 
ATOM   439 C  CG  . PRO A 1 57 ? -0.817  6.921   12.173  1.00 13.13 ? 57  PRO A CG  1 
ATOM   440 C  CD  . PRO A 1 57 ? -0.883  5.422   11.985  1.00 11.35 ? 57  PRO A CD  1 
ATOM   441 N  N   . ALA A 1 58 ? 2.430   6.108   10.755  1.00 11.23 ? 58  ALA A N   1 
ATOM   442 C  CA  . ALA A 1 58 ? 3.845   6.501   10.814  1.00 11.64 ? 58  ALA A CA  1 
ATOM   443 C  C   . ALA A 1 58 ? 4.355   6.840   9.422   1.00 11.56 ? 58  ALA A C   1 
ATOM   444 O  O   . ALA A 1 58 ? 5.126   7.786   9.245   1.00 11.80 ? 58  ALA A O   1 
ATOM   445 C  CB  . ALA A 1 58 ? 4.700   5.420   11.428  1.00 12.54 ? 58  ALA A CB  1 
ATOM   446 N  N   . ILE A 1 59 ? 3.963   6.026   8.444   1.00 10.38 ? 59  ILE A N   1 
ATOM   447 C  CA  . ILE A 1 59 ? 4.203   6.318   7.039   1.00 10.95 ? 59  ILE A CA  1 
ATOM   448 C  C   . ILE A 1 59 ? 2.887   6.850   6.500   1.00 10.47 ? 59  ILE A C   1 
ATOM   449 O  O   . ILE A 1 59 ? 1.877   6.134   6.472   1.00 10.22 ? 59  ILE A O   1 
ATOM   450 C  CB  . ILE A 1 59 ? 4.617   5.063   6.265   1.00 10.59 ? 59  ILE A CB  1 
ATOM   451 C  CG1 . ILE A 1 59 ? 5.952   4.536   6.789   1.00 12.42 ? 59  ILE A CG1 1 
ATOM   452 C  CG2 . ILE A 1 59 ? 4.701   5.357   4.782   1.00 11.97 ? 59  ILE A CG2 1 
ATOM   453 C  CD1 . ILE A 1 59 ? 7.075   5.525   6.698   1.00 17.18 ? 59  ILE A CD1 1 
ATOM   454 N  N   . SER A 1 60 ? 2.878   8.122   6.118   1.00 9.96  ? 60  SER A N   1 
ATOM   455 C  CA  . SER A 1 60 ? 1.675   8.780   5.646   1.00 10.52 ? 60  SER A CA  1 
ATOM   456 C  C   . SER A 1 60 ? 1.363   8.325   4.233   1.00 9.91  ? 60  SER A C   1 
ATOM   457 O  O   . SER A 1 60 ? 2.197   7.707   3.557   1.00 9.28  ? 60  SER A O   1 
ATOM   458 C  CB  . SER A 1 60 ? 1.888   10.289  5.645   1.00 10.73 ? 60  SER A CB  1 
ATOM   459 O  OG  . SER A 1 60 ? 2.833   10.610  4.638   1.00 11.91 ? 60  SER A OG  1 
ATOM   460 N  N   . LEU A 1 61 ? 0.174   8.660   3.766   1.00 10.43 ? 61  LEU A N   1 
ATOM   461 C  CA  . LEU A 1 61 ? -0.170  8.405   2.386   1.00 10.99 ? 61  LEU A CA  1 
ATOM   462 C  C   . LEU A 1 61 ? 0.829   9.075   1.434   1.00 11.20 ? 61  LEU A C   1 
ATOM   463 O  O   . LEU A 1 61 ? 1.281   8.469   0.458   1.00 10.93 ? 61  LEU A O   1 
ATOM   464 C  CB  . LEU A 1 61 ? -1.594  8.898   2.114   1.00 11.47 ? 61  LEU A CB  1 
ATOM   465 C  CG  . LEU A 1 61 ? -2.084  8.928   0.667   1.00 12.26 ? 61  LEU A CG  1 
ATOM   466 C  CD1 . LEU A 1 61 ? -2.046  7.547   0.009   1.00 12.26 ? 61  LEU A CD1 1 
ATOM   467 C  CD2 . LEU A 1 61 ? -3.477  9.562   0.594   1.00 13.67 ? 61  LEU A CD2 1 
ATOM   468 N  N   . SER A 1 62 ? 1.189   10.321  1.713   1.00 11.58 ? 62  SER A N   1 
ATOM   469 C  CA  . SER A 1 62 ? 2.135   11.041  0.867   1.00 12.55 ? 62  SER A CA  1 
ATOM   470 C  C   . SER A 1 62 ? 3.481   10.333  0.833   1.00 11.55 ? 62  SER A C   1 
ATOM   471 O  O   . SER A 1 62 ? 4.083   10.202  -0.228  1.00 11.77 ? 62  SER A O   1 
ATOM   472 C  CB  . SER A 1 62 ? 2.306   12.480  1.354   1.00 13.21 ? 62  SER A CB  1 
ATOM   473 O  OG  . SER A 1 62 ? 1.108   13.229  1.205   1.00 19.35 ? 62  SER A OG  1 
ATOM   474 N  N   . ASP A 1 63 ? 3.958   9.886   1.992   1.00 10.96 ? 63  ASP A N   1 
ATOM   475 C  CA  . ASP A 1 63 ? 5.214   9.138   2.057   1.00 11.43 ? 63  ASP A CA  1 
ATOM   476 C  C   . ASP A 1 63 ? 5.164   7.849   1.254   1.00 10.31 ? 63  ASP A C   1 
ATOM   477 O  O   . ASP A 1 63 ? 6.097   7.530   0.516   1.00 10.41 ? 63  ASP A O   1 
ATOM   478 C  CB  . ASP A 1 63 ? 5.564   8.744   3.492   1.00 12.74 ? 63  ASP A CB  1 
ATOM   479 C  CG  . ASP A 1 63 ? 5.786   9.920   4.392   1.00 16.72 ? 63  ASP A CG  1 
ATOM   480 O  OD1 . ASP A 1 63 ? 6.207   10.990  3.906   1.00 19.30 ? 63  ASP A OD1 1 
ATOM   481 O  OD2 . ASP A 1 63 ? 5.565   9.753   5.614   1.00 20.88 ? 63  ASP A OD2 1 
ATOM   482 N  N   . ALA A 1 64 ? 4.081   7.087   1.415   1.00 9.60  ? 64  ALA A N   1 
ATOM   483 C  CA  . ALA A 1 64 ? 3.946   5.817   0.721   1.00 8.90  ? 64  ALA A CA  1 
ATOM   484 C  C   . ALA A 1 64 ? 3.980   6.045   -0.778  1.00 8.87  ? 64  ALA A C   1 
ATOM   485 O  O   . ALA A 1 64 ? 4.573   5.263   -1.525  1.00 8.37  ? 64  ALA A O   1 
ATOM   486 C  CB  . ALA A 1 64 ? 2.649   5.099   1.129   1.00 9.21  ? 64  ALA A CB  1 
ATOM   487 N  N   . ARG A 1 65 ? 3.327   7.121   -1.219  1.00 8.83  ? 65  ARG A N   1 
ATOM   488 C  CA  . ARG A 1 65 ? 3.319   7.469   -2.633  1.00 9.82  ? 65  ARG A CA  1 
ATOM   489 C  C   . ARG A 1 65 ? 4.717   7.776   -3.159  1.00 9.15  ? 65  ARG A C   1 
ATOM   490 O  O   . ARG A 1 65 ? 5.072   7.352   -4.253  1.00 9.33  ? 65  ARG A O   1 
ATOM   491 C  CB  . ARG A 1 65 ? 2.392   8.654   -2.909  1.00 10.05 ? 65  ARG A CB  1 
ATOM   492 C  CG  . ARG A 1 65 ? 0.943   8.272   -2.823  1.00 10.96 ? 65  ARG A CG  1 
ATOM   493 C  CD  . ARG A 1 65 ? 0.055   9.491   -2.959  1.00 12.02 ? 65  ARG A CD  1 
ATOM   494 N  NE  . ARG A 1 65 ? -1.324  9.093   -3.162  1.00 13.51 ? 65  ARG A NE  1 
ATOM   495 C  CZ  . ARG A 1 65 ? -2.371  9.883   -2.958  1.00 13.30 ? 65  ARG A CZ  1 
ATOM   496 N  NH1 . ARG A 1 65 ? -2.206  11.128  -2.527  1.00 16.88 ? 65  ARG A NH1 1 
ATOM   497 N  NH2 . ARG A 1 65 ? -3.583  9.417   -3.176  1.00 15.86 ? 65  ARG A NH2 1 
ATOM   498 N  N   . GLN A 1 66 ? 5.518   8.475   -2.376  1.00 9.19  ? 66  GLN A N   1 
ATOM   499 C  CA  . GLN A 1 66 ? 6.870   8.779   -2.809  1.00 9.45  ? 66  GLN A CA  1 
ATOM   500 C  C   . GLN A 1 66 ? 7.710   7.515   -2.850  1.00 9.38  ? 66  GLN A C   1 
ATOM   501 O  O   . GLN A 1 66 ? 8.495   7.309   -3.773  1.00 8.60  ? 66  GLN A O   1 
ATOM   502 C  CB  . GLN A 1 66 ? 7.515   9.831   -1.911  1.00 10.96 ? 66  GLN A CB  1 
ATOM   503 C  CG  . GLN A 1 66 ? 6.917   11.224  -2.062  1.00 13.79 ? 66  GLN A CG  1 
ATOM   504 C  CD  . GLN A 1 66 ? 7.146   11.827  -3.431  1.00 18.04 ? 66  GLN A CD  1 
ATOM   505 O  OE1 . GLN A 1 66 ? 6.289   12.535  -3.953  1.00 22.33 ? 66  GLN A OE1 1 
ATOM   506 N  NE2 . GLN A 1 66 ? 8.290   11.544  -4.024  1.00 15.94 ? 66  GLN A NE2 1 
ATOM   507 N  N   . GLN A 1 67 ? 7.529   6.638   -1.866  1.00 8.87  ? 67  GLN A N   1 
ATOM   508 C  CA  . GLN A 1 67 ? 8.228   5.369   -1.896  1.00 8.85  ? 67  GLN A CA  1 
ATOM   509 C  C   . GLN A 1 67 ? 7.848   4.608   -3.163  1.00 8.31  ? 67  GLN A C   1 
ATOM   510 O  O   . GLN A 1 67 ? 8.707   4.073   -3.848  1.00 8.62  ? 67  GLN A O   1 
ATOM   511 C  CB  . GLN A 1 67 ? 7.904   4.547   -0.654  1.00 8.51  ? 67  GLN A CB  1 
ATOM   512 C  CG  . GLN A 1 67 ? 8.498   5.054   0.615   1.00 10.18 ? 67  GLN A CG  1 
ATOM   513 C  CD  . GLN A 1 67 ? 8.352   4.014   1.695   1.00 11.02 ? 67  GLN A CD  1 
ATOM   514 O  OE1 . GLN A 1 67 ? 8.871   2.918   1.574   1.00 10.67 ? 67  GLN A OE1 1 
ATOM   515 N  NE2 . GLN A 1 67 ? 7.578   4.331   2.721   1.00 13.51 ? 67  GLN A NE2 1 
ATOM   516 N  N   . ARG A 1 68 ? 6.557   4.591   -3.491  1.00 8.65  ? 68  ARG A N   1 
ATOM   517 C  CA  . ARG A 1 68 ? 6.095   3.950   -4.711  1.00 8.70  ? 68  ARG A CA  1 
ATOM   518 C  C   . ARG A 1 68 ? 6.758   4.567   -5.937  1.00 9.06  ? 68  ARG A C   1 
ATOM   519 O  O   . ARG A 1 68 ? 7.206   3.850   -6.821  1.00 9.66  ? 68  ARG A O   1 
ATOM   520 C  CB  . ARG A 1 68 ? 4.576   4.075   -4.835  1.00 8.99  ? 68  ARG A CB  1 
ATOM   521 C  CG  . ARG A 1 68 ? 4.057   3.569   -6.186  1.00 9.77  ? 68  ARG A CG  1 
ATOM   522 C  CD  . ARG A 1 68 ? 2.606   3.911   -6.445  1.00 12.02 ? 68  ARG A CD  1 
ATOM   523 N  NE  . ARG A 1 68 ? 2.438   5.354   -6.549  1.00 12.92 ? 68  ARG A NE  1 
ATOM   524 C  CZ  . ARG A 1 68 ? 1.321   6.009   -6.237  1.00 14.48 ? 68  ARG A CZ  1 
ATOM   525 N  NH1 . ARG A 1 68 ? 0.245   5.350   -5.819  1.00 14.90 ? 68  ARG A NH1 1 
ATOM   526 N  NH2 . ARG A 1 68 ? 1.284   7.331   -6.334  1.00 16.48 ? 68  ARG A NH2 1 
ATOM   527 N  N   . GLU A 1 69 ? 6.805   5.894   -6.007  1.00 9.60  ? 69  GLU A N   1 
ATOM   528 C  CA  . GLU A 1 69 ? 7.407   6.537   -7.176  1.00 10.43 ? 69  GLU A CA  1 
ATOM   529 C  C   . GLU A 1 69 ? 8.880   6.169   -7.325  1.00 9.95  ? 69  GLU A C   1 
ATOM   530 O  O   . GLU A 1 69 ? 9.349   5.914   -8.438  1.00 10.74 ? 69  GLU A O   1 
ATOM   531 C  CB  . GLU A 1 69 ? 7.204   8.037   -7.102  1.00 11.29 ? 69  GLU A CB  1 
ATOM   532 C  CG  . GLU A 1 69 ? 5.748   8.426   -7.288  1.00 15.26 ? 69  GLU A CG  1 
ATOM   533 C  CD  . GLU A 1 69 ? 5.099   7.710   -8.464  1.00 18.36 ? 69  GLU A CD  1 
ATOM   534 O  OE1 . GLU A 1 69 ? 4.232   6.834   -8.243  1.00 20.09 ? 69  GLU A OE1 1 
ATOM   535 O  OE2 . GLU A 1 69 ? 5.468   8.007   -9.620  1.00 21.07 ? 69  GLU A OE2 1 
ATOM   536 N  N   . GLY A 1 70 ? 9.616   6.078   -6.224  1.00 9.03  ? 70  GLY A N   1 
ATOM   537 C  CA  . GLY A 1 70 ? 11.001  5.644   -6.304  1.00 8.79  ? 70  GLY A CA  1 
ATOM   538 C  C   . GLY A 1 70 ? 11.078  4.219   -6.821  1.00 8.42  ? 70  GLY A C   1 
ATOM   539 O  O   . GLY A 1 70 ? 11.841  3.907   -7.755  1.00 9.31  ? 70  GLY A O   1 
ATOM   540 N  N   . ILE A 1 71 ? 10.296  3.325   -6.212  1.00 9.13  ? 71  ILE A N   1 
ATOM   541 C  CA  . ILE A 1 71 ? 10.314  1.919   -6.603  1.00 9.55  ? 71  ILE A CA  1 
ATOM   542 C  C   . ILE A 1 71 ? 9.942   1.736   -8.086  1.00 9.90  ? 71  ILE A C   1 
ATOM   543 O  O   . ILE A 1 71 ? 10.546  0.927   -8.796  1.00 10.27 ? 71  ILE A O   1 
ATOM   544 C  CB  . ILE A 1 71 ? 9.403   1.078   -5.691  1.00 9.87  ? 71  ILE A CB  1 
ATOM   545 C  CG1 . ILE A 1 71 ? 9.992   1.038   -4.286  1.00 10.38 ? 71  ILE A CG1 1 
ATOM   546 C  CG2 . ILE A 1 71 ? 9.258   -0.333  -6.230  1.00 11.45 ? 71  ILE A CG2 1 
ATOM   547 C  CD1 . ILE A 1 71 ? 8.974   0.619   -3.223  1.00 11.08 ? 71  ILE A CD1 1 
ATOM   548 N  N   . ARG A 1 72 ? 8.967   2.486   -8.571  1.00 10.13 ? 72  ARG A N   1 
ATOM   549 C  CA  . ARG A 1 72 ? 8.583   2.363   -9.979  1.00 11.07 ? 72  ARG A CA  1 
ATOM   550 C  C   . ARG A 1 72 ? 9.737   2.709   -10.922 1.00 10.67 ? 72  ARG A C   1 
ATOM   551 O  O   . ARG A 1 72 ? 9.897   2.089   -11.973 1.00 11.53 ? 72  ARG A O   1 
ATOM   552 C  CB  . ARG A 1 72 ? 7.375   3.224   -10.275 1.00 11.29 ? 72  ARG A CB  1 
ATOM   553 C  CG  . ARG A 1 72 ? 6.108   2.656   -9.672  1.00 13.41 ? 72  ARG A CG  1 
ATOM   554 C  CD  . ARG A 1 72 ? 4.972   3.611   -9.849  1.00 16.88 ? 72  ARG A CD  1 
ATOM   555 N  NE  . ARG A 1 72 ? 4.604   3.729   -11.256 1.00 20.79 ? 72  ARG A NE  1 
ATOM   556 C  CZ  . ARG A 1 72 ? 3.936   4.754   -11.763 1.00 22.89 ? 72  ARG A CZ  1 
ATOM   557 N  NH1 . ARG A 1 72 ? 3.636   4.768   -13.054 1.00 25.70 ? 72  ARG A NH1 1 
ATOM   558 N  NH2 . ARG A 1 72 ? 3.569   5.764   -10.986 1.00 24.87 ? 72  ARG A NH2 1 
ATOM   559 N  N   . LYS A 1 73 ? 10.568  3.669   -10.528 1.00 10.03 ? 73  LYS A N   1 
ATOM   560 C  CA  . LYS A 1 73 ? 11.732  4.040   -11.345 1.00 10.51 ? 73  LYS A CA  1 
ATOM   561 C  C   . LYS A 1 73 ? 12.762  2.928   -11.359 1.00 11.41 ? 73  LYS A C   1 
ATOM   562 O  O   . LYS A 1 73 ? 13.426  2.679   -12.359 1.00 12.91 ? 73  LYS A O   1 
ATOM   563 C  CB  . LYS A 1 73 ? 12.346  5.342   -10.823 1.00 10.22 ? 73  LYS A CB  1 
ATOM   564 C  CG  . LYS A 1 73 ? 11.394  6.492   -10.932 1.00 10.12 ? 73  LYS A CG  1 
ATOM   565 C  CD  . LYS A 1 73 ? 11.851  7.745   -10.208 1.00 11.11 ? 73  LYS A CD  1 
ATOM   566 C  CE  . LYS A 1 73 ? 10.716  8.765   -10.193 1.00 12.53 ? 73  LYS A CE  1 
ATOM   567 N  NZ  . LYS A 1 73 ? 11.051  9.993   -9.450  1.00 13.72 ? 73  LYS A NZ  1 
ATOM   568 N  N   . MET A 1 74 ? 12.880  2.225   -10.247 1.00 11.11 ? 74  MET A N   1 
ATOM   569 C  CA  . MET A 1 74 ? 13.795  1.108   -10.171 1.00 13.18 ? 74  MET A CA  1 
ATOM   570 C  C   . MET A 1 74 ? 13.271  -0.115  -10.929 1.00 12.94 ? 74  MET A C   1 
ATOM   571 O  O   . MET A 1 74 ? 14.032  -0.800  -11.616 1.00 13.80 ? 74  MET A O   1 
ATOM   572 C  CB  . MET A 1 74 ? 14.076  0.789   -8.709  1.00 13.25 ? 74  MET A CB  1 
ATOM   573 C  CG  . MET A 1 74 ? 14.899  -0.427  -8.506  1.00 17.70 ? 74  MET A CG  1 
ATOM   574 S  SD  A MET A 1 74 ? 16.561  -0.104  -9.172  0.30 18.47 ? 74  MET A SD  1 
ATOM   575 S  SD  B MET A 1 74 ? 13.743  -1.806  -8.207  0.70 23.10 ? 74  MET A SD  1 
ATOM   576 C  CE  A MET A 1 74 ? 16.754  1.653   -8.845  0.30 14.86 ? 74  MET A CE  1 
ATOM   577 C  CE  B MET A 1 74 ? 14.697  -3.545  -8.201  0.00 14.99 ? 74  MET A CE  1 
ATOM   578 N  N   . LEU A 1 75 ? 11.975  -0.394  -10.791 1.00 13.18 ? 75  LEU A N   1 
ATOM   579 C  CA  . LEU A 1 75 ? 11.360  -1.501  -11.507 1.00 14.04 ? 75  LEU A CA  1 
ATOM   580 C  C   . LEU A 1 75 ? 11.455  -1.292  -13.017 1.00 14.94 ? 75  LEU A C   1 
ATOM   581 O  O   . LEU A 1 75 ? 11.545  -2.261  -13.762 1.00 15.54 ? 75  LEU A O   1 
ATOM   582 C  CB  . LEU A 1 75 ? 9.898   -1.680  -11.090 1.00 14.28 ? 75  LEU A CB  1 
ATOM   583 C  CG  . LEU A 1 75 ? 9.637   -2.240  -9.686  1.00 14.48 ? 75  LEU A CG  1 
ATOM   584 C  CD1 . LEU A 1 75 ? 8.169   -2.104  -9.294  1.00 15.31 ? 75  LEU A CD1 1 
ATOM   585 C  CD2 . LEU A 1 75 ? 10.106  -3.690  -9.598  1.00 18.02 ? 75  LEU A CD2 1 
ATOM   586 N  N   . ALA A 1 76 ? 11.417  -0.037  -13.459 1.00 16.02 ? 76  ALA A N   1 
ATOM   587 C  CA  . ALA A 1 76 ? 11.532  0.296   -14.877 1.00 17.66 ? 76  ALA A CA  1 
ATOM   588 C  C   . ALA A 1 76 ? 12.743  -0.386  -15.506 1.00 19.29 ? 76  ALA A C   1 
ATOM   589 O  O   . ALA A 1 76 ? 12.773  -0.617  -16.709 1.00 19.04 ? 76  ALA A O   1 
ATOM   590 C  CB  . ALA A 1 76 ? 11.610  1.797   -15.063 1.00 17.01 ? 76  ALA A CB  1 
ATOM   591 N  N   . LEU A 1 77 ? 13.743  -0.699  -14.694 1.00 21.58 ? 77  LEU A N   1 
ATOM   592 C  CA  . LEU A 1 77 ? 14.850  -1.532  -15.134 1.00 24.44 ? 77  LEU A CA  1 
ATOM   593 C  C   . LEU A 1 77 ? 14.562  -2.979  -14.713 1.00 26.31 ? 77  LEU A C   1 
ATOM   594 O  O   . LEU A 1 77 ? 15.077  -3.416  -13.682 1.00 27.97 ? 77  LEU A O   1 
ATOM   595 C  CB  . LEU A 1 77 ? 16.137  -1.075  -14.447 1.00 24.21 ? 77  LEU A CB  1 
ATOM   596 C  CG  . LEU A 1 77 ? 16.242  0.383   -13.984 1.00 24.52 ? 77  LEU A CG  1 
ATOM   597 C  CD1 . LEU A 1 77 ? 17.371  0.552   -12.993 1.00 25.05 ? 77  LEU A CD1 1 
ATOM   598 C  CD2 . LEU A 1 77 ? 16.427  1.325   -15.169 1.00 26.02 ? 77  LEU A CD2 1 
ATOM   599 N  N   . ASN A 1 78 ? 13.782  -3.748  -15.475 1.00 28.26 ? 78  ASN A N   1 
ATOM   600 C  CA  . ASN A 1 78 ? 13.313  -3.428  -16.820 1.00 29.52 ? 78  ASN A CA  1 
ATOM   601 C  C   . ASN A 1 78 ? 11.786  -3.532  -16.937 1.00 30.01 ? 78  ASN A C   1 
ATOM   602 O  O   . ASN A 1 78 ? 11.121  -2.661  -17.517 1.00 30.59 ? 78  ASN A O   1 
ATOM   603 C  CB  . ASN A 1 78 ? 13.963  -4.405  -17.810 1.00 30.05 ? 78  ASN A CB  1 
ATOM   604 C  CG  . ASN A 1 78 ? 13.330  -4.361  -19.189 1.00 31.15 ? 78  ASN A CG  1 
ATOM   605 O  OD1 . ASN A 1 78 ? 13.360  -5.347  -19.929 1.00 33.49 ? 78  ASN A OD1 1 
ATOM   606 N  ND2 . ASN A 1 78 ? 12.757  -3.217  -19.544 1.00 32.89 ? 78  ASN A ND2 1 
HETATM 607 NA NA  . NA  B 2 .  ? -10.004 -5.779  8.576   1.00 15.56 ? 89  NA  A NA  1 
HETATM 608 O  O   . HOH C 3 .  ? 1.602   15.448  3.839   1.00 46.92 ? 90  HOH A O   1 
HETATM 609 O  O   . HOH C 3 .  ? -0.389  8.458   -9.455  1.00 47.03 ? 91  HOH A O   1 
HETATM 610 O  O   . HOH C 3 .  ? -14.783 0.669   6.867   1.00 40.94 ? 92  HOH A O   1 
HETATM 611 O  O   . HOH C 3 .  ? 6.912   10.292  -10.452 1.00 43.62 ? 93  HOH A O   1 
HETATM 612 O  O   . HOH C 3 .  ? 7.732   7.246   9.513   1.00 39.18 ? 94  HOH A O   1 
HETATM 613 O  O   . HOH C 3 .  ? -17.512 -12.583 11.853  1.00 34.98 ? 95  HOH A O   1 
HETATM 614 O  O   . HOH C 3 .  ? 8.043   -11.267 -8.529  1.00 37.19 ? 96  HOH A O   1 
HETATM 615 O  O   . HOH C 3 .  ? -12.732 2.244   -0.320  1.00 44.70 ? 97  HOH A O   1 
HETATM 616 O  O   . HOH C 3 .  ? -1.058  -11.832 -9.576  1.00 42.51 ? 98  HOH A O   1 
HETATM 617 O  O   . HOH C 3 .  ? 2.520   0.913   -11.847 1.00 57.77 ? 99  HOH A O   1 
HETATM 618 O  O   . HOH C 3 .  ? 8.358   14.512  -14.697 1.00 56.25 ? 100 HOH A O   1 
HETATM 619 O  O   . HOH C 3 .  ? -10.567 4.947   -2.541  1.00 42.84 ? 101 HOH A O   1 
HETATM 620 O  O   . HOH C 3 .  ? 5.757   -6.031  -15.691 1.00 40.73 ? 102 HOH A O   1 
HETATM 621 O  O   . HOH C 3 .  ? 8.061   -1.646  -14.680 1.00 33.02 ? 103 HOH A O   1 
HETATM 622 O  O   . HOH C 3 .  ? -3.202  -9.679  -4.318  0.50 34.77 ? 104 HOH A O   1 
HETATM 623 O  O   . HOH C 3 .  ? -16.544 -7.893  6.081   1.00 37.13 ? 105 HOH A O   1 
HETATM 624 O  O   . HOH C 3 .  ? 3.793   -12.468 -18.393 1.00 51.69 ? 106 HOH A O   1 
HETATM 625 O  O   . HOH C 3 .  ? -16.242 -10.538 5.447   1.00 47.45 ? 107 HOH A O   1 
HETATM 626 O  O   . HOH C 3 .  ? 4.380   -6.695  8.603   1.00 47.56 ? 108 HOH A O   1 
HETATM 627 O  O   . HOH C 3 .  ? 5.172   -10.430 -15.964 1.00 48.09 ? 109 HOH A O   1 
HETATM 628 O  O   . HOH C 3 .  ? -0.222  -9.722  5.333   1.00 35.97 ? 110 HOH A O   1 
HETATM 629 O  O   . HOH C 3 .  ? 4.635   11.974  -8.998  1.00 54.14 ? 111 HOH A O   1 
HETATM 630 O  O   . HOH C 3 .  ? -4.536  -11.978 8.505   1.00 30.42 ? 112 HOH A O   1 
HETATM 631 O  O   . HOH C 3 .  ? 12.624  -14.629 -16.783 1.00 46.16 ? 113 HOH A O   1 
HETATM 632 O  O   . HOH C 3 .  ? -15.109 7.788   2.490   1.00 41.74 ? 114 HOH A O   1 
HETATM 633 O  O   . HOH C 3 .  ? 9.892   -16.840 -13.507 1.00 62.96 ? 115 HOH A O   1 
HETATM 634 O  O   . HOH C 3 .  ? 5.069   -1.661  -15.913 1.00 58.88 ? 116 HOH A O   1 
HETATM 635 O  O   . HOH C 3 .  ? -15.135 -3.766  5.536   1.00 30.60 ? 117 HOH A O   1 
HETATM 636 O  O   . HOH C 3 .  ? -1.466  -1.615  14.751  1.00 49.27 ? 118 HOH A O   1 
HETATM 637 O  O   . HOH C 3 .  ? -6.822  10.617  -4.485  1.00 39.39 ? 119 HOH A O   1 
HETATM 638 O  O   . HOH C 3 .  ? -2.938  7.224   -10.703 1.00 51.51 ? 120 HOH A O   1 
HETATM 639 O  O   . HOH C 3 .  ? -0.393  12.076  3.592   1.00 19.27 ? 121 HOH A O   1 
HETATM 640 O  O   . HOH C 3 .  ? 1.230   -3.646  -9.950  1.00 37.93 ? 122 HOH A O   1 
HETATM 641 O  O   . HOH C 3 .  ? 7.821   1.425   -13.805 1.00 26.89 ? 123 HOH A O   1 
HETATM 642 O  O   . HOH C 3 .  ? 7.315   -2.598  7.006   1.00 16.04 ? 124 HOH A O   1 
HETATM 643 O  O   . HOH C 3 .  ? 8.618   -8.557  -16.064 1.00 41.53 ? 125 HOH A O   1 
HETATM 644 O  O   . HOH C 3 .  ? 11.159  -10.876 -5.365  1.00 33.26 ? 126 HOH A O   1 
HETATM 645 O  O   . HOH C 3 .  ? -0.726  -3.293  -10.047 1.00 49.35 ? 127 HOH A O   1 
HETATM 646 O  O   . HOH C 3 .  ? -1.979  -4.695  8.100   1.00 13.39 ? 128 HOH A O   1 
HETATM 647 O  O   . HOH C 3 .  ? 1.868   15.562  0.138   1.00 36.67 ? 129 HOH A O   1 
HETATM 648 O  O   . HOH C 3 .  ? 5.298   10.099  10.770  1.00 14.71 ? 130 HOH A O   1 
HETATM 649 O  O   . HOH C 3 .  ? 2.049   3.797   12.599  1.00 15.22 ? 131 HOH A O   1 
HETATM 650 O  O   . HOH C 3 .  ? 1.142   10.549  9.335   1.00 17.92 ? 132 HOH A O   1 
HETATM 651 O  O   . HOH C 3 .  ? 4.082   -2.573  -9.503  1.00 31.52 ? 133 HOH A O   1 
HETATM 652 O  O   . HOH C 3 .  ? 13.922  -13.220 -17.995 1.00 59.31 ? 134 HOH A O   1 
HETATM 653 O  O   . HOH C 3 .  ? -8.424  3.547   9.201   1.00 24.89 ? 135 HOH A O   1 
HETATM 654 O  O   . HOH C 3 .  ? -8.260  1.859   11.954  1.00 35.69 ? 136 HOH A O   1 
HETATM 655 O  O   . HOH C 3 .  ? -0.043  -8.805  8.110   1.00 34.01 ? 137 HOH A O   1 
HETATM 656 O  O   . HOH C 3 .  ? 5.610   1.899   -13.432 1.00 39.52 ? 138 HOH A O   1 
HETATM 657 O  O   . HOH C 3 .  ? -8.831  -10.912 2.620   1.00 17.76 ? 139 HOH A O   1 
HETATM 658 O  O   . HOH C 3 .  ? 8.690   11.409  -8.873  1.00 22.79 ? 140 HOH A O   1 
HETATM 659 O  O   . HOH C 3 .  ? 0.276   -6.074  7.681   1.00 21.54 ? 141 HOH A O   1 
HETATM 660 O  O   . HOH C 3 .  ? 3.406   12.121  -2.289  1.00 21.46 ? 142 HOH A O   1 
HETATM 661 O  O   . HOH C 3 .  ? 8.258   -6.863  2.542   1.00 20.34 ? 143 HOH A O   1 
HETATM 662 O  O   . HOH C 3 .  ? -6.476  13.999  7.604   1.00 17.39 ? 144 HOH A O   1 
HETATM 663 O  O   . HOH C 3 .  ? -2.541  -7.725  -8.882  1.00 23.38 ? 145 HOH A O   1 
HETATM 664 O  O   . HOH C 3 .  ? -3.819  -6.559  13.205  1.00 18.42 ? 146 HOH A O   1 
HETATM 665 O  O   . HOH C 3 .  ? 6.505   1.147   9.839   1.00 22.19 ? 147 HOH A O   1 
HETATM 666 O  O   . HOH C 3 .  ? 14.713  4.543   -14.113 1.00 19.52 ? 148 HOH A O   1 
HETATM 667 O  O   . HOH C 3 .  ? -8.232  13.556  2.977   1.00 21.42 ? 149 HOH A O   1 
HETATM 668 O  O   . HOH C 3 .  ? -1.558  10.228  5.470   1.00 15.36 ? 150 HOH A O   1 
HETATM 669 O  O   . HOH C 3 .  ? 1.144   -2.248  10.674  1.00 21.36 ? 151 HOH A O   1 
HETATM 670 O  O   . HOH C 3 .  ? -0.496  -8.430  -2.609  1.00 22.00 ? 152 HOH A O   1 
HETATM 671 O  O   . HOH C 3 .  ? -3.233  -11.128 0.415   1.00 27.34 ? 153 HOH A O   1 
HETATM 672 O  O   . HOH C 3 .  ? 9.076   -12.789 -6.525  1.00 21.24 ? 154 HOH A O   1 
HETATM 673 O  O   . HOH C 3 .  ? -12.050 -6.027  13.842  1.00 30.94 ? 155 HOH A O   1 
HETATM 674 O  O   . HOH C 3 .  ? -5.492  13.415  1.261   1.00 31.86 ? 156 HOH A O   1 
HETATM 675 O  O   . HOH C 3 .  ? -0.578  0.111   11.431  1.00 18.56 ? 157 HOH A O   1 
HETATM 676 O  O   . HOH C 3 .  ? -2.672  2.395   12.398  1.00 25.00 ? 158 HOH A O   1 
HETATM 677 O  O   . HOH C 3 .  ? -14.127 -6.381  5.241   1.00 21.98 ? 159 HOH A O   1 
HETATM 678 O  O   . HOH C 3 .  ? 0.370   12.744  -2.235  1.00 27.50 ? 160 HOH A O   1 
HETATM 679 O  O   . HOH C 3 .  ? 1.113   -9.316  -4.436  1.00 22.59 ? 161 HOH A O   1 
HETATM 680 O  O   . HOH C 3 .  ? -2.760  -9.840  -6.210  1.00 29.06 ? 162 HOH A O   1 
HETATM 681 O  O   . HOH C 3 .  ? -3.382  7.974   -6.477  1.00 31.15 ? 163 HOH A O   1 
HETATM 682 O  O   . HOH C 3 .  ? -4.687  12.410  -2.068  1.00 25.92 ? 164 HOH A O   1 
HETATM 683 O  O   . HOH C 3 .  ? -15.878 -2.932  10.075  1.00 31.16 ? 165 HOH A O   1 
HETATM 684 O  O   . HOH C 3 .  ? 7.728   6.972   -10.707 1.00 25.20 ? 166 HOH A O   1 
HETATM 685 O  O   . HOH C 3 .  ? 9.914   -4.172  2.466   1.00 18.60 ? 167 HOH A O   1 
HETATM 686 O  O   . HOH C 3 .  ? -6.401  -9.294  2.120   1.00 27.68 ? 168 HOH A O   1 
HETATM 687 O  O   . HOH C 3 .  ? -8.226  -13.118 4.306   1.00 28.07 ? 169 HOH A O   1 
HETATM 688 O  O   . HOH C 3 .  ? -10.839 13.409  1.282   1.00 25.91 ? 170 HOH A O   1 
HETATM 689 O  O   . HOH C 3 .  ? -9.623  -3.312  15.566  1.00 33.50 ? 171 HOH A O   1 
HETATM 690 O  O   . HOH C 3 .  ? 2.714   9.776   -6.623  1.00 34.15 ? 172 HOH A O   1 
HETATM 691 O  O   . HOH C 3 .  ? -1.037  8.864   -6.534  1.00 29.45 ? 173 HOH A O   1 
HETATM 692 O  O   . HOH C 3 .  ? 4.409   2.539   13.495  1.00 23.97 ? 174 HOH A O   1 
HETATM 693 O  O   . HOH C 3 .  ? -5.666  -10.816 10.537  1.00 21.98 ? 175 HOH A O   1 
HETATM 694 O  O   . HOH C 3 .  ? -3.887  -10.465 6.338   1.00 26.45 ? 176 HOH A O   1 
HETATM 695 O  O   . HOH C 3 .  ? 7.127   -7.723  4.813   1.00 28.77 ? 177 HOH A O   1 
HETATM 696 O  O   . HOH C 3 .  ? 0.454   1.667   13.425  1.00 24.75 ? 178 HOH A O   1 
HETATM 697 O  O   . HOH C 3 .  ? 7.816   -1.225  9.451   1.00 27.63 ? 179 HOH A O   1 
HETATM 698 O  O   . HOH C 3 .  ? -2.857  -1.693  -5.440  1.00 26.98 ? 180 HOH A O   1 
HETATM 699 O  O   . HOH C 3 .  ? 5.401   -4.382  -11.287 1.00 24.51 ? 181 HOH A O   1 
HETATM 700 O  O   . HOH C 3 .  ? -5.014  -10.788 3.707   1.00 24.98 ? 182 HOH A O   1 
HETATM 701 O  O   . HOH C 3 .  ? 5.727   12.708  2.004   1.00 28.94 ? 183 HOH A O   1 
HETATM 702 O  O   . HOH C 3 .  ? -3.031  0.284   13.565  1.00 35.89 ? 184 HOH A O   1 
HETATM 703 O  O   . HOH C 3 .  ? 3.519   13.029  5.176   1.00 26.91 ? 185 HOH A O   1 
HETATM 704 O  O   . HOH C 3 .  ? 0.979   -14.238 -12.932 1.00 31.18 ? 186 HOH A O   1 
HETATM 705 O  O   . HOH C 3 .  ? 14.672  -3.616  -11.661 1.00 27.91 ? 187 HOH A O   1 
HETATM 706 O  O   . HOH C 3 .  ? 0.392   13.879  6.682   1.00 38.98 ? 188 HOH A O   1 
HETATM 707 O  O   . HOH C 3 .  ? -3.254  1.724   -11.194 1.00 35.18 ? 189 HOH A O   1 
HETATM 708 O  O   . HOH C 3 .  ? -14.542 -1.834  7.460   1.00 28.90 ? 190 HOH A O   1 
HETATM 709 O  O   . HOH C 3 .  ? 14.689  -1.359  -18.624 1.00 29.98 ? 191 HOH A O   1 
HETATM 710 O  O   . HOH C 3 .  ? -0.826  11.274  7.961   1.00 25.20 ? 192 HOH A O   1 
HETATM 711 O  O   . HOH C 3 .  ? -17.157 -6.967  9.578   1.00 42.99 ? 193 HOH A O   1 
HETATM 712 O  O   . HOH C 3 .  ? 8.252   6.435   -13.352 1.00 33.19 ? 194 HOH A O   1 
HETATM 713 O  O   . HOH C 3 .  ? -8.687  -2.578  -3.234  1.00 28.82 ? 195 HOH A O   1 
HETATM 714 O  O   . HOH C 3 .  ? 5.204   -9.049  2.529   1.00 54.44 ? 196 HOH A O   1 
HETATM 715 O  O   . HOH C 3 .  ? 7.655   11.920  -0.011  0.50 22.31 ? 197 HOH A O   1 
HETATM 716 O  O   . HOH C 3 .  ? -4.558  -3.973  -4.249  1.00 35.66 ? 198 HOH A O   1 
HETATM 717 O  O   . HOH C 3 .  ? 7.780   -4.980  -12.496 1.00 31.37 ? 199 HOH A O   1 
HETATM 718 O  O   . HOH C 3 .  ? 6.199   4.126   14.971  1.00 36.77 ? 200 HOH A O   1 
HETATM 719 O  O   . HOH C 3 .  ? 10.107  12.660  -12.406 1.00 55.64 ? 201 HOH A O   1 
HETATM 720 O  O   . HOH C 3 .  ? 4.147   0.003   -9.456  1.00 32.44 ? 202 HOH A O   1 
HETATM 721 O  O   . HOH C 3 .  ? 12.471  10.965  -11.940 1.00 26.42 ? 203 HOH A O   1 
HETATM 722 O  O   . HOH C 3 .  ? 11.349  -5.129  -13.083 1.00 43.12 ? 204 HOH A O   1 
HETATM 723 O  O   . HOH C 3 .  ? 5.200   11.746  6.821   1.00 42.49 ? 205 HOH A O   1 
HETATM 724 O  O   . HOH C 3 .  ? 1.453   5.516   14.748  1.00 32.77 ? 206 HOH A O   1 
HETATM 725 O  O   . HOH C 3 .  ? 5.006   -8.081  5.672   1.00 39.45 ? 207 HOH A O   1 
HETATM 726 O  O   . HOH C 3 .  ? -13.536 5.352   3.301   1.00 33.02 ? 208 HOH A O   1 
HETATM 727 O  O   . HOH C 3 .  ? -9.394  2.961   -3.892  1.00 39.00 ? 209 HOH A O   1 
HETATM 728 O  O   . HOH C 3 .  ? -8.540  6.418   11.829  1.00 36.97 ? 210 HOH A O   1 
HETATM 729 O  O   . HOH C 3 .  ? 1.228   -6.522  -10.380 1.00 49.15 ? 211 HOH A O   1 
HETATM 730 O  O   . HOH C 3 .  ? -2.068  3.450   14.917  1.00 45.41 ? 212 HOH A O   1 
HETATM 731 O  O   . HOH C 3 .  ? -0.045  11.578  -6.050  1.00 41.98 ? 213 HOH A O   1 
HETATM 732 O  O   . HOH C 3 .  ? -1.406  6.036   15.401  1.00 39.24 ? 214 HOH A O   1 
# 
